data_2AZN
#
_entry.id   2AZN
#
_cell.length_a   137.171
_cell.length_b   137.171
_cell.length_c   213.870
_cell.angle_alpha   90.00
_cell.angle_beta   90.00
_cell.angle_gamma   90.00
#
_symmetry.space_group_name_H-M   'P 43 21 2'
#
loop_
_entity.id
_entity.type
_entity.pdbx_description
1 polymer 'Putative 5-amino-6-(5-phosphoribosylamino)uracil reductase'
2 non-polymer '2-(6-(2-CYCLOHEXYLETHOXY)-TETRAHYDRO-4,5-DIHYDROXY-2(HYDROXYMETHYL)-2H-PYRAN-3-YLOXY)-TETRAHYDRO-6(HYDROXYMETHYL)-2H-PY RAN-3,4,5-TRIOL'
3 non-polymer 'NADP NICOTINAMIDE-ADENINE-DINUCLEOTIDE PHOSPHATE'
4 non-polymer '4-(2-HYDROXYETHYL)-1-PIPERAZINE ETHANESULFONIC ACID'
5 water water
#
_entity_poly.entity_id   1
_entity_poly.type   'polypeptide(L)'
_entity_poly.pdbx_seq_one_letter_code
;EKKPYIISNVG(MSE)TLDGKLATINNDSRISCEEDLIRVHKIRANVDGI(MSE)VGIGTVLKDDPRLTVHKIKSDRNPV
RIVVDSKLRVPLNARVLNKDAKTIIATTEDTNEEKEKKIKILED(MSE)GVEVVKCGRGKVDLKKL(MSE)DILYDKGIK
SILLEGGGTLNWG(MSE)FKEGLVDEVSVYIAPKIFGGKEAPTYVDGEGFKTVDECVKLELKNFYRLGEGIVLEFKVKK
;
_entity_poly.pdbx_strand_id   A,B,C,D,E,F
#
# COMPACT_ATOMS: atom_id res chain seq x y z
N GLU A 1 -5.96 -3.00 -1.76
CA GLU A 1 -4.88 -4.03 -1.96
C GLU A 1 -4.28 -4.16 -3.36
N LYS A 2 -3.05 -4.67 -3.43
CA LYS A 2 -2.34 -4.87 -4.68
C LYS A 2 -1.15 -5.71 -4.26
N LYS A 3 -0.09 -5.04 -3.82
CA LYS A 3 1.13 -5.69 -3.37
C LYS A 3 2.16 -4.62 -3.06
N PRO A 4 3.07 -4.90 -2.15
CA PRO A 4 4.10 -3.93 -1.79
C PRO A 4 5.21 -3.73 -2.81
N TYR A 5 5.92 -2.62 -2.66
CA TYR A 5 7.03 -2.30 -3.54
C TYR A 5 8.14 -3.16 -2.96
N ILE A 6 8.80 -3.93 -3.80
CA ILE A 6 9.87 -4.79 -3.32
C ILE A 6 11.26 -4.53 -3.83
N ILE A 7 12.17 -4.33 -2.90
CA ILE A 7 13.57 -4.07 -3.22
C ILE A 7 14.39 -5.27 -2.80
N SER A 8 15.14 -5.81 -3.75
CA SER A 8 15.98 -6.97 -3.48
C SER A 8 17.41 -6.48 -3.31
N ASN A 9 17.98 -6.74 -2.14
CA ASN A 9 19.35 -6.31 -1.90
C ASN A 9 20.19 -7.50 -1.48
N VAL A 10 21.46 -7.48 -1.82
CA VAL A 10 22.31 -8.59 -1.46
C VAL A 10 23.78 -8.20 -1.51
N GLY A 11 24.61 -8.98 -0.82
CA GLY A 11 26.04 -8.72 -0.80
C GLY A 11 26.59 -10.01 -1.34
N THR A 13 29.95 -12.11 -3.80
CA THR A 13 31.31 -12.11 -4.27
C THR A 13 31.23 -11.85 -5.77
N LEU A 14 32.39 -11.62 -6.39
CA LEU A 14 32.42 -11.36 -7.82
C LEU A 14 31.83 -12.54 -8.60
N ASP A 15 31.95 -13.75 -8.05
CA ASP A 15 31.40 -14.93 -8.73
C ASP A 15 29.98 -15.27 -8.28
N GLY A 16 29.27 -14.25 -7.81
CA GLY A 16 27.89 -14.38 -7.36
C GLY A 16 27.52 -15.22 -6.15
N LYS A 17 28.51 -15.55 -5.30
CA LYS A 17 28.21 -16.36 -4.12
C LYS A 17 27.77 -15.50 -2.94
N LEU A 18 26.85 -16.03 -2.13
CA LEU A 18 26.36 -15.32 -0.94
C LEU A 18 27.09 -15.82 0.30
N ALA A 19 27.88 -16.88 0.11
CA ALA A 19 28.64 -17.48 1.21
C ALA A 19 29.47 -18.60 0.63
N THR A 20 30.43 -19.09 1.39
CA THR A 20 31.31 -20.16 0.93
C THR A 20 30.54 -21.47 1.09
N ILE A 21 31.14 -22.58 0.67
CA ILE A 21 30.47 -23.88 0.79
C ILE A 21 30.34 -24.28 2.26
N ASN A 22 31.03 -23.54 3.13
CA ASN A 22 30.99 -23.81 4.57
C ASN A 22 30.23 -22.70 5.31
N ASN A 23 29.35 -22.03 4.57
CA ASN A 23 28.53 -20.96 5.08
C ASN A 23 29.24 -19.74 5.67
N ASP A 24 30.46 -19.47 5.24
CA ASP A 24 31.17 -18.31 5.77
C ASP A 24 30.70 -17.17 4.87
N SER A 25 29.99 -16.20 5.43
CA SER A 25 29.49 -15.08 4.63
C SER A 25 30.01 -13.69 4.96
N ARG A 26 31.27 -13.58 5.37
CA ARG A 26 31.83 -12.27 5.69
C ARG A 26 32.20 -11.62 4.35
N ILE A 27 31.18 -11.13 3.67
CA ILE A 27 31.33 -10.48 2.38
C ILE A 27 31.30 -8.96 2.44
N SER A 28 30.20 -8.42 2.94
CA SER A 28 30.04 -6.97 3.05
C SER A 28 30.96 -6.31 4.07
N CYS A 29 31.47 -5.14 3.71
CA CYS A 29 32.36 -4.38 4.57
C CYS A 29 31.45 -3.52 5.45
N GLU A 30 32.05 -2.60 6.20
CA GLU A 30 31.31 -1.72 7.09
C GLU A 30 30.46 -0.71 6.32
N GLU A 31 31.05 -0.10 5.30
CA GLU A 31 30.33 0.88 4.50
C GLU A 31 29.03 0.32 3.96
N ASP A 32 29.09 -0.91 3.44
CA ASP A 32 27.90 -1.55 2.88
C ASP A 32 26.85 -1.85 3.95
N LEU A 33 27.27 -2.27 5.13
CA LEU A 33 26.31 -2.57 6.19
C LEU A 33 25.54 -1.30 6.56
N ILE A 34 26.22 -0.16 6.53
CA ILE A 34 25.56 1.11 6.86
C ILE A 34 24.49 1.36 5.79
N ARG A 35 24.89 1.19 4.54
CA ARG A 35 23.97 1.40 3.41
C ARG A 35 22.75 0.51 3.56
N VAL A 36 22.98 -0.76 3.91
CA VAL A 36 21.89 -1.70 4.08
C VAL A 36 20.95 -1.28 5.21
N HIS A 37 21.52 -0.86 6.32
CA HIS A 37 20.70 -0.44 7.45
C HIS A 37 19.91 0.82 7.15
N LYS A 38 20.45 1.68 6.29
CA LYS A 38 19.74 2.89 5.95
C LYS A 38 18.49 2.47 5.17
N ILE A 39 18.64 1.44 4.33
CA ILE A 39 17.53 0.93 3.53
C ILE A 39 16.51 0.31 4.48
N ARG A 40 17.02 -0.46 5.45
CA ARG A 40 16.14 -1.11 6.42
C ARG A 40 15.31 -0.07 7.18
N ALA A 41 15.94 1.07 7.46
CA ALA A 41 15.29 2.15 8.17
C ALA A 41 14.21 2.83 7.34
N ASN A 42 14.21 2.60 6.03
CA ASN A 42 13.22 3.23 5.15
C ASN A 42 12.14 2.36 4.54
N VAL A 43 12.06 1.10 4.95
CA VAL A 43 11.04 0.21 4.38
C VAL A 43 10.09 -0.21 5.50
N ASP A 44 8.91 -0.68 5.12
CA ASP A 44 7.93 -1.11 6.11
C ASP A 44 8.26 -2.51 6.65
N GLY A 45 8.91 -3.33 5.83
CA GLY A 45 9.25 -4.66 6.27
C GLY A 45 10.50 -5.25 5.62
N ILE A 46 11.07 -6.25 6.29
CA ILE A 46 12.27 -6.92 5.80
C ILE A 46 11.82 -8.36 5.66
N VAL A 48 12.84 -12.42 4.59
CA VAL A 48 13.92 -13.39 4.46
C VAL A 48 13.34 -14.82 4.44
N GLY A 49 14.09 -15.76 3.86
CA GLY A 49 13.64 -17.13 3.79
C GLY A 49 14.08 -17.94 5.00
N ILE A 50 13.35 -19.01 5.30
CA ILE A 50 13.69 -19.85 6.44
C ILE A 50 15.13 -20.36 6.35
N GLY A 51 15.57 -20.67 5.12
CA GLY A 51 16.92 -21.16 4.92
C GLY A 51 17.95 -20.24 5.54
N THR A 52 17.79 -18.94 5.34
CA THR A 52 18.73 -17.97 5.89
C THR A 52 18.63 -17.89 7.40
N VAL A 53 17.41 -18.01 7.92
CA VAL A 53 17.21 -17.95 9.37
C VAL A 53 17.92 -19.12 10.03
N LEU A 54 17.78 -20.31 9.47
CA LEU A 54 18.41 -21.50 10.02
C LEU A 54 19.93 -21.46 9.98
N LYS A 55 20.49 -20.91 8.91
CA LYS A 55 21.93 -20.83 8.79
C LYS A 55 22.61 -19.63 9.44
N ASP A 56 21.95 -18.48 9.50
CA ASP A 56 22.55 -17.30 10.09
C ASP A 56 21.94 -16.72 11.36
N ASP A 57 20.73 -17.14 11.69
CA ASP A 57 20.05 -16.64 12.89
C ASP A 57 20.17 -15.11 12.97
N PRO A 58 19.71 -14.40 11.92
CA PRO A 58 19.79 -12.93 11.89
C PRO A 58 18.72 -12.25 12.74
N ARG A 59 18.96 -10.99 13.07
CA ARG A 59 18.00 -10.23 13.87
C ARG A 59 17.06 -9.48 12.94
N LEU A 60 17.59 -9.10 11.78
CA LEU A 60 16.83 -8.36 10.79
C LEU A 60 16.27 -7.07 11.36
N THR A 61 17.12 -6.31 12.05
CA THR A 61 16.71 -5.05 12.66
C THR A 61 17.73 -3.98 12.33
N VAL A 62 17.35 -2.73 12.53
CA VAL A 62 18.24 -1.61 12.27
C VAL A 62 19.14 -1.46 13.51
N HIS A 63 20.43 -1.76 13.40
CA HIS A 63 21.29 -1.64 14.56
C HIS A 63 22.61 -0.89 14.44
N LYS A 64 23.03 -0.53 13.24
CA LYS A 64 24.29 0.21 13.09
C LYS A 64 24.02 1.52 12.38
N ILE A 65 22.98 2.19 12.87
CA ILE A 65 22.51 3.47 12.36
C ILE A 65 21.40 3.95 13.29
N LYS A 66 21.20 5.27 13.34
CA LYS A 66 20.16 5.86 14.19
C LYS A 66 18.83 5.16 13.89
N SER A 67 18.23 4.55 14.90
CA SER A 67 16.97 3.85 14.72
C SER A 67 15.83 4.31 15.61
N ASP A 68 14.69 4.63 15.00
CA ASP A 68 13.51 5.07 15.74
C ASP A 68 12.73 3.80 16.08
N ARG A 69 12.22 3.16 15.03
CA ARG A 69 11.45 1.93 15.17
C ARG A 69 11.88 0.95 14.08
N ASN A 70 11.69 -0.34 14.32
CA ASN A 70 12.08 -1.34 13.35
C ASN A 70 10.96 -1.78 12.42
N PRO A 71 11.32 -2.15 11.18
CA PRO A 71 10.30 -2.59 10.22
C PRO A 71 9.86 -4.00 10.58
N VAL A 72 8.68 -4.40 10.13
CA VAL A 72 8.18 -5.74 10.42
C VAL A 72 9.09 -6.78 9.77
N ARG A 73 9.37 -7.88 10.48
CA ARG A 73 10.21 -8.93 9.94
C ARG A 73 9.30 -10.04 9.42
N ILE A 74 9.55 -10.45 8.19
CA ILE A 74 8.75 -11.49 7.59
C ILE A 74 9.63 -12.68 7.21
N VAL A 75 9.22 -13.87 7.65
CA VAL A 75 9.97 -15.08 7.36
C VAL A 75 9.11 -16.07 6.56
N VAL A 76 9.57 -16.45 5.37
CA VAL A 76 8.81 -17.40 4.55
C VAL A 76 9.30 -18.77 5.03
N ASP A 77 8.40 -19.50 5.68
CA ASP A 77 8.70 -20.81 6.24
C ASP A 77 7.56 -21.81 6.03
N SER A 78 7.62 -22.54 4.93
CA SER A 78 6.59 -23.54 4.59
C SER A 78 6.19 -24.53 5.66
N LYS A 79 7.17 -25.15 6.32
CA LYS A 79 6.87 -26.12 7.34
C LYS A 79 7.01 -25.63 8.78
N LEU A 80 7.17 -24.32 8.95
CA LEU A 80 7.31 -23.75 10.29
C LEU A 80 8.50 -24.35 11.02
N ARG A 81 9.66 -24.32 10.38
CA ARG A 81 10.87 -24.85 10.97
C ARG A 81 11.65 -23.79 11.75
N VAL A 82 11.14 -22.56 11.77
CA VAL A 82 11.83 -21.49 12.49
C VAL A 82 12.04 -21.92 13.94
N PRO A 83 13.29 -21.99 14.39
CA PRO A 83 13.60 -22.39 15.77
C PRO A 83 12.92 -21.46 16.78
N LEU A 84 12.30 -22.03 17.80
CA LEU A 84 11.61 -21.25 18.82
C LEU A 84 12.51 -20.22 19.51
N ASN A 85 13.83 -20.41 19.42
CA ASN A 85 14.76 -19.48 20.05
C ASN A 85 15.53 -18.65 19.04
N ALA A 86 15.01 -18.56 17.82
CA ALA A 86 15.67 -17.76 16.77
C ALA A 86 15.58 -16.29 17.14
N ARG A 87 16.65 -15.54 16.88
CA ARG A 87 16.64 -14.13 17.20
C ARG A 87 15.56 -13.35 16.45
N VAL A 88 15.20 -13.82 15.26
CA VAL A 88 14.19 -13.15 14.46
C VAL A 88 12.85 -13.14 15.19
N LEU A 89 12.75 -13.93 16.26
CA LEU A 89 11.52 -14.00 17.04
C LEU A 89 11.61 -13.20 18.33
N ASN A 90 12.70 -12.46 18.53
CA ASN A 90 12.84 -11.68 19.75
C ASN A 90 11.86 -10.49 19.73
N LYS A 91 11.95 -9.64 20.75
CA LYS A 91 11.06 -8.50 20.86
C LYS A 91 11.54 -7.16 20.29
N ASP A 92 12.65 -7.15 19.58
CA ASP A 92 13.15 -5.90 19.01
C ASP A 92 12.22 -5.33 17.94
N ALA A 93 11.36 -6.19 17.39
CA ALA A 93 10.44 -5.75 16.36
C ALA A 93 9.31 -6.72 16.17
N LYS A 94 8.32 -6.32 15.38
CA LYS A 94 7.18 -7.17 15.11
C LYS A 94 7.65 -8.25 14.12
N THR A 95 7.09 -9.45 14.23
CA THR A 95 7.47 -10.52 13.34
C THR A 95 6.30 -11.32 12.80
N ILE A 96 6.37 -11.64 11.51
CA ILE A 96 5.32 -12.41 10.85
C ILE A 96 5.98 -13.62 10.22
N ILE A 97 5.43 -14.80 10.48
CA ILE A 97 5.98 -16.01 9.90
C ILE A 97 4.94 -16.46 8.87
N ALA A 98 5.34 -16.49 7.60
CA ALA A 98 4.42 -16.92 6.54
C ALA A 98 4.69 -18.42 6.31
N THR A 99 3.66 -19.23 6.54
CA THR A 99 3.78 -20.66 6.37
C THR A 99 2.64 -21.15 5.48
N THR A 100 2.60 -22.45 5.19
CA THR A 100 1.54 -22.98 4.34
C THR A 100 0.29 -23.33 5.13
N GLU A 101 -0.78 -23.63 4.41
CA GLU A 101 -2.04 -23.99 5.06
C GLU A 101 -2.04 -25.46 5.45
N ASP A 102 -1.01 -26.19 5.05
CA ASP A 102 -0.91 -27.61 5.39
C ASP A 102 -0.81 -27.65 6.90
N THR A 103 -1.35 -28.70 7.51
CA THR A 103 -1.30 -28.80 8.97
C THR A 103 -1.16 -30.21 9.55
N ASN A 104 -0.74 -30.23 10.81
CA ASN A 104 -0.55 -31.45 11.59
C ASN A 104 -0.60 -30.98 13.03
N GLU A 105 -0.86 -31.89 13.95
CA GLU A 105 -0.95 -31.54 15.36
C GLU A 105 0.24 -30.78 15.95
N GLU A 106 1.45 -31.19 15.58
CA GLU A 106 2.65 -30.53 16.10
C GLU A 106 2.77 -29.10 15.59
N LYS A 107 2.43 -28.89 14.32
CA LYS A 107 2.51 -27.58 13.73
C LYS A 107 1.55 -26.61 14.42
N GLU A 108 0.35 -27.08 14.70
CA GLU A 108 -0.64 -26.25 15.36
C GLU A 108 -0.17 -25.83 16.74
N LYS A 109 0.49 -26.74 17.44
CA LYS A 109 1.00 -26.45 18.78
C LYS A 109 2.08 -25.38 18.69
N LYS A 110 2.98 -25.56 17.73
CA LYS A 110 4.07 -24.62 17.55
C LYS A 110 3.51 -23.23 17.26
N ILE A 111 2.44 -23.18 16.49
CA ILE A 111 1.82 -21.90 16.16
C ILE A 111 1.30 -21.23 17.43
N LYS A 112 0.72 -22.02 18.34
CA LYS A 112 0.19 -21.50 19.59
C LYS A 112 1.32 -20.86 20.41
N ILE A 113 2.45 -21.55 20.46
CA ILE A 113 3.61 -21.07 21.20
C ILE A 113 4.14 -19.77 20.60
N LEU A 114 4.22 -19.73 19.27
CA LEU A 114 4.70 -18.54 18.59
C LEU A 114 3.77 -17.35 18.86
N GLU A 115 2.47 -17.58 18.82
CA GLU A 115 1.51 -16.51 19.06
C GLU A 115 1.62 -16.02 20.49
N ASP A 116 1.87 -16.93 21.41
CA ASP A 116 2.00 -16.59 22.81
C ASP A 116 3.19 -15.65 22.97
N GLY A 118 3.97 -13.45 20.94
CA GLY A 118 3.69 -12.22 20.19
C GLY A 118 4.05 -12.28 18.71
N VAL A 119 4.26 -13.48 18.20
CA VAL A 119 4.61 -13.64 16.79
C VAL A 119 3.34 -13.94 16.00
N GLU A 120 3.15 -13.26 14.88
CA GLU A 120 1.96 -13.51 14.10
C GLU A 120 2.27 -14.57 13.04
N VAL A 121 1.35 -15.50 12.85
CA VAL A 121 1.54 -16.55 11.87
C VAL A 121 0.47 -16.47 10.78
N VAL A 122 0.93 -16.31 9.55
CA VAL A 122 0.04 -16.20 8.39
C VAL A 122 0.13 -17.48 7.55
N LYS A 123 -1.00 -18.12 7.30
CA LYS A 123 -1.06 -19.34 6.51
C LYS A 123 -1.42 -18.93 5.09
N CYS A 124 -0.61 -19.35 4.12
CA CYS A 124 -0.89 -18.96 2.74
C CYS A 124 -0.25 -19.88 1.68
N GLY A 125 -1.05 -20.77 1.11
CA GLY A 125 -0.55 -21.68 0.10
C GLY A 125 -0.48 -23.12 0.54
N ARG A 126 -0.18 -24.01 -0.40
CA ARG A 126 -0.07 -25.46 -0.15
C ARG A 126 1.29 -25.94 -0.64
N GLY A 127 1.93 -26.81 0.12
CA GLY A 127 3.23 -27.32 -0.29
C GLY A 127 4.33 -26.31 -0.07
N LYS A 128 4.17 -25.14 -0.66
CA LYS A 128 5.14 -24.05 -0.54
C LYS A 128 4.30 -22.81 -0.33
N VAL A 129 4.89 -21.76 0.23
CA VAL A 129 4.14 -20.53 0.45
C VAL A 129 3.80 -19.85 -0.89
N ASP A 130 2.56 -19.40 -1.01
CA ASP A 130 2.06 -18.73 -2.21
C ASP A 130 2.48 -17.26 -2.08
N LEU A 131 3.63 -16.91 -2.63
CA LEU A 131 4.13 -15.55 -2.56
C LEU A 131 3.20 -14.45 -3.07
N LYS A 132 2.48 -14.68 -4.17
CA LYS A 132 1.57 -13.66 -4.69
C LYS A 132 0.48 -13.36 -3.67
N LYS A 133 -0.15 -14.40 -3.13
CA LYS A 133 -1.21 -14.19 -2.15
C LYS A 133 -0.62 -13.53 -0.90
N LEU A 134 0.60 -13.91 -0.52
CA LEU A 134 1.22 -13.33 0.66
C LEU A 134 1.40 -11.83 0.48
N ASP A 136 -0.51 -9.85 -1.08
CA ASP A 136 -1.79 -9.18 -0.86
C ASP A 136 -2.01 -9.01 0.63
N ILE A 137 -1.80 -10.09 1.38
CA ILE A 137 -1.97 -10.06 2.82
C ILE A 137 -1.09 -9.01 3.47
N LEU A 138 0.18 -8.95 3.07
CA LEU A 138 1.08 -7.97 3.66
C LEU A 138 0.67 -6.56 3.30
N TYR A 139 0.16 -6.36 2.09
CA TYR A 139 -0.25 -5.02 1.69
C TYR A 139 -1.42 -4.58 2.55
N ASP A 140 -2.40 -5.45 2.76
CA ASP A 140 -3.55 -5.10 3.57
C ASP A 140 -3.16 -4.78 5.00
N LYS A 141 -1.98 -5.21 5.42
CA LYS A 141 -1.52 -4.96 6.77
C LYS A 141 -0.85 -3.60 6.85
N GLY A 142 -0.75 -2.92 5.71
CA GLY A 142 -0.12 -1.62 5.71
C GLY A 142 1.33 -1.64 5.31
N ILE A 143 1.87 -2.82 4.99
CA ILE A 143 3.27 -2.93 4.58
C ILE A 143 3.32 -2.66 3.08
N LYS A 144 3.76 -1.47 2.70
CA LYS A 144 3.83 -1.15 1.29
C LYS A 144 5.20 -1.20 0.65
N SER A 145 6.23 -1.35 1.46
CA SER A 145 7.60 -1.42 0.94
C SER A 145 8.29 -2.51 1.73
N ILE A 146 9.00 -3.39 1.02
CA ILE A 146 9.70 -4.47 1.68
C ILE A 146 11.11 -4.68 1.12
N LEU A 147 12.06 -4.84 2.03
CA LEU A 147 13.43 -5.06 1.64
C LEU A 147 13.56 -6.58 1.67
N LEU A 148 13.79 -7.17 0.50
CA LEU A 148 13.94 -8.63 0.41
C LEU A 148 15.42 -8.94 0.56
N GLU A 149 15.82 -9.65 1.59
CA GLU A 149 17.24 -9.97 1.77
C GLU A 149 17.59 -11.40 1.35
N GLY A 150 16.58 -12.13 0.88
CA GLY A 150 16.79 -13.50 0.44
C GLY A 150 16.64 -14.64 1.43
N GLY A 151 17.51 -15.64 1.32
CA GLY A 151 18.54 -15.64 0.33
C GLY A 151 18.16 -16.29 -0.98
N GLY A 152 19.18 -16.92 -1.55
CA GLY A 152 19.10 -17.60 -2.83
C GLY A 152 17.84 -18.31 -3.28
N THR A 153 17.30 -19.18 -2.44
CA THR A 153 16.09 -19.90 -2.79
C THR A 153 14.86 -19.02 -2.80
N LEU A 154 14.73 -18.18 -1.80
CA LEU A 154 13.57 -17.30 -1.74
C LEU A 154 13.64 -16.30 -2.90
N ASN A 155 14.83 -15.81 -3.21
CA ASN A 155 14.99 -14.85 -4.30
C ASN A 155 14.46 -15.48 -5.58
N TRP A 156 14.79 -16.75 -5.82
CA TRP A 156 14.30 -17.41 -7.02
C TRP A 156 12.77 -17.35 -7.02
N GLY A 157 12.18 -17.75 -5.90
CA GLY A 157 10.73 -17.74 -5.79
C GLY A 157 10.11 -16.39 -6.10
N PHE A 159 11.58 -13.78 -7.84
CA PHE A 159 11.83 -13.40 -9.23
C PHE A 159 10.98 -14.21 -10.20
N LYS A 160 10.79 -15.49 -9.89
CA LYS A 160 10.00 -16.34 -10.74
C LYS A 160 8.58 -15.79 -10.87
N GLU A 161 8.02 -15.28 -9.79
CA GLU A 161 6.67 -14.74 -9.81
C GLU A 161 6.67 -13.26 -10.21
N GLY A 162 7.84 -12.75 -10.58
CA GLY A 162 7.95 -11.36 -10.98
C GLY A 162 7.47 -10.38 -9.93
N LEU A 163 7.81 -10.62 -8.67
CA LEU A 163 7.40 -9.75 -7.59
C LEU A 163 8.45 -8.73 -7.15
N VAL A 164 9.63 -8.76 -7.76
CA VAL A 164 10.69 -7.82 -7.41
C VAL A 164 10.65 -6.58 -8.29
N ASP A 165 10.66 -5.40 -7.68
CA ASP A 165 10.62 -4.15 -8.43
C ASP A 165 12.00 -3.58 -8.75
N GLU A 166 12.90 -3.56 -7.78
CA GLU A 166 14.24 -3.05 -8.06
C GLU A 166 15.30 -3.88 -7.36
N VAL A 167 16.53 -3.74 -7.81
CA VAL A 167 17.63 -4.49 -7.24
C VAL A 167 18.87 -3.67 -6.94
N SER A 168 19.50 -3.94 -5.80
CA SER A 168 20.72 -3.25 -5.41
C SER A 168 21.64 -4.39 -5.01
N VAL A 169 22.83 -4.42 -5.60
CA VAL A 169 23.80 -5.46 -5.30
C VAL A 169 25.16 -4.91 -4.93
N TYR A 170 25.73 -5.41 -3.85
CA TYR A 170 27.04 -4.94 -3.44
C TYR A 170 27.95 -6.10 -3.84
N ILE A 171 28.95 -5.83 -4.66
CA ILE A 171 29.87 -6.86 -5.10
C ILE A 171 31.22 -6.71 -4.41
N ALA A 172 31.59 -7.72 -3.62
CA ALA A 172 32.85 -7.69 -2.91
C ALA A 172 33.98 -8.10 -3.82
N PRO A 173 35.17 -7.54 -3.61
CA PRO A 173 36.33 -7.88 -4.45
C PRO A 173 36.94 -9.23 -4.08
N LYS A 174 36.14 -10.28 -4.14
CA LYS A 174 36.68 -11.61 -3.82
C LYS A 174 35.96 -12.72 -4.57
N ILE A 175 36.60 -13.90 -4.59
CA ILE A 175 36.04 -15.06 -5.27
C ILE A 175 36.04 -16.27 -4.35
N PHE A 176 34.87 -16.90 -4.23
CA PHE A 176 34.72 -18.08 -3.37
C PHE A 176 34.79 -19.41 -4.11
N GLY A 177 34.12 -19.47 -5.27
CA GLY A 177 34.11 -20.70 -6.05
C GLY A 177 33.14 -21.67 -5.42
N GLY A 178 33.03 -22.88 -5.96
CA GLY A 178 32.13 -23.87 -5.41
C GLY A 178 30.77 -24.00 -6.09
N LYS A 179 30.58 -25.10 -6.80
CA LYS A 179 29.32 -25.37 -7.50
C LYS A 179 28.17 -25.53 -6.50
N GLU A 180 28.52 -25.82 -5.25
CA GLU A 180 27.54 -26.02 -4.18
C GLU A 180 27.30 -24.77 -3.34
N ALA A 181 28.13 -23.74 -3.53
CA ALA A 181 27.96 -22.51 -2.78
C ALA A 181 26.68 -21.79 -3.19
N PRO A 182 26.01 -21.14 -2.24
CA PRO A 182 24.75 -20.41 -2.51
C PRO A 182 25.04 -19.18 -3.38
N THR A 183 24.15 -18.89 -4.32
CA THR A 183 24.35 -17.75 -5.18
C THR A 183 23.20 -16.77 -4.96
N TYR A 184 23.34 -15.59 -5.52
CA TYR A 184 22.32 -14.56 -5.39
C TYR A 184 20.93 -15.16 -5.71
N VAL A 185 20.84 -15.96 -6.77
CA VAL A 185 19.56 -16.58 -7.13
C VAL A 185 19.79 -18.03 -7.51
N ASP A 186 19.17 -18.92 -6.74
CA ASP A 186 19.29 -20.35 -6.98
C ASP A 186 17.96 -20.93 -7.46
N GLY A 187 17.42 -21.90 -6.73
CA GLY A 187 16.16 -22.49 -7.14
C GLY A 187 16.24 -23.23 -8.47
N GLU A 188 15.11 -23.34 -9.15
CA GLU A 188 15.02 -24.02 -10.44
C GLU A 188 15.81 -23.32 -11.55
N GLY A 189 15.57 -22.03 -11.72
CA GLY A 189 16.25 -21.28 -12.74
C GLY A 189 15.46 -21.24 -14.04
N PHE A 190 15.63 -20.16 -14.80
CA PHE A 190 14.92 -20.02 -16.06
C PHE A 190 15.61 -20.85 -17.12
N LYS A 191 14.85 -21.46 -18.02
CA LYS A 191 15.42 -22.30 -19.06
C LYS A 191 16.07 -21.55 -20.23
N THR A 192 15.52 -20.39 -20.58
CA THR A 192 16.06 -19.62 -21.68
C THR A 192 16.20 -18.15 -21.34
N VAL A 193 17.01 -17.45 -22.13
CA VAL A 193 17.21 -16.02 -21.90
C VAL A 193 15.90 -15.27 -22.13
N ASP A 194 15.08 -15.80 -23.03
CA ASP A 194 13.79 -15.17 -23.35
C ASP A 194 12.88 -15.02 -22.14
N GLU A 195 12.87 -16.04 -21.28
CA GLU A 195 12.02 -15.99 -20.11
C GLU A 195 12.69 -15.51 -18.81
N CYS A 196 13.98 -15.15 -18.89
CA CYS A 196 14.66 -14.70 -17.69
C CYS A 196 14.28 -13.26 -17.32
N VAL A 197 14.66 -12.85 -16.12
CA VAL A 197 14.37 -11.52 -15.62
C VAL A 197 15.26 -10.48 -16.28
N LYS A 198 14.64 -9.39 -16.76
CA LYS A 198 15.36 -8.31 -17.41
C LYS A 198 15.51 -7.13 -16.49
N LEU A 199 16.67 -6.50 -16.53
CA LEU A 199 16.94 -5.36 -15.67
C LEU A 199 17.53 -4.18 -16.44
N GLU A 200 17.58 -3.04 -15.77
CA GLU A 200 18.13 -1.83 -16.35
C GLU A 200 19.10 -1.23 -15.34
N LEU A 201 20.38 -1.16 -15.72
CA LEU A 201 21.41 -0.62 -14.84
C LEU A 201 21.12 0.88 -14.67
N LYS A 202 20.60 1.26 -13.51
CA LYS A 202 20.29 2.66 -13.25
C LYS A 202 21.42 3.45 -12.61
N ASN A 203 22.18 2.82 -11.73
CA ASN A 203 23.28 3.53 -11.09
C ASN A 203 24.31 2.58 -10.50
N PHE A 204 25.51 3.10 -10.24
CA PHE A 204 26.58 2.29 -9.67
C PHE A 204 27.69 3.19 -9.15
N TYR A 205 28.42 2.70 -8.16
CA TYR A 205 29.50 3.48 -7.57
C TYR A 205 30.28 2.63 -6.60
N ARG A 206 31.56 2.93 -6.42
CA ARG A 206 32.32 2.13 -5.49
C ARG A 206 31.91 2.46 -4.07
N LEU A 207 32.06 1.47 -3.19
CA LEU A 207 31.71 1.60 -1.78
C LEU A 207 32.74 0.73 -1.11
N GLY A 208 33.59 1.35 -0.29
CA GLY A 208 34.60 0.57 0.39
C GLY A 208 35.49 0.01 -0.71
N GLU A 209 35.92 -1.23 -0.54
CA GLU A 209 36.77 -1.88 -1.52
C GLU A 209 35.95 -2.50 -2.66
N GLY A 210 34.62 -2.45 -2.54
CA GLY A 210 33.79 -3.04 -3.57
C GLY A 210 33.02 -2.05 -4.43
N ILE A 211 31.89 -2.49 -4.98
CA ILE A 211 31.07 -1.62 -5.81
C ILE A 211 29.59 -1.98 -5.67
N VAL A 212 28.74 -0.97 -5.79
CA VAL A 212 27.30 -1.15 -5.68
C VAL A 212 26.65 -0.95 -7.03
N LEU A 213 25.73 -1.85 -7.39
CA LEU A 213 25.03 -1.77 -8.67
C LEU A 213 23.54 -1.67 -8.35
N GLU A 214 22.87 -0.71 -8.98
CA GLU A 214 21.44 -0.51 -8.76
C GLU A 214 20.71 -0.70 -10.06
N PHE A 215 19.73 -1.60 -10.05
CA PHE A 215 18.92 -1.91 -11.22
C PHE A 215 17.43 -1.75 -10.95
N LYS A 216 16.69 -1.58 -12.03
CA LYS A 216 15.24 -1.45 -11.94
C LYS A 216 14.83 -2.70 -12.70
N VAL A 217 13.80 -3.40 -12.22
CA VAL A 217 13.37 -4.59 -12.90
C VAL A 217 12.38 -4.21 -13.98
N LYS A 218 12.62 -4.68 -15.21
CA LYS A 218 11.74 -4.38 -16.32
C LYS A 218 10.64 -5.41 -16.33
N LYS A 219 9.49 -5.05 -15.79
CA LYS A 219 8.36 -5.97 -15.74
C LYS A 219 7.73 -6.13 -17.13
N GLU B 1 -4.80 -16.00 59.15
CA GLU B 1 -3.31 -16.13 59.14
C GLU B 1 -2.65 -14.78 58.85
N LYS B 2 -1.63 -14.41 59.63
CA LYS B 2 -0.93 -13.15 59.43
C LYS B 2 -0.57 -12.99 57.96
N LYS B 3 -0.80 -11.80 57.42
CA LYS B 3 -0.52 -11.52 56.01
C LYS B 3 0.78 -10.74 55.83
N PRO B 4 1.22 -10.60 54.57
CA PRO B 4 2.46 -9.86 54.29
C PRO B 4 2.19 -8.37 54.36
N TYR B 5 3.19 -7.60 54.75
CA TYR B 5 3.03 -6.16 54.86
C TYR B 5 3.10 -5.69 53.41
N ILE B 6 2.13 -4.87 53.01
CA ILE B 6 2.13 -4.40 51.63
C ILE B 6 2.26 -2.90 51.42
N ILE B 7 3.26 -2.52 50.64
CA ILE B 7 3.53 -1.13 50.32
C ILE B 7 3.15 -0.90 48.87
N SER B 8 2.31 0.10 48.63
CA SER B 8 1.89 0.41 47.28
C SER B 8 2.64 1.65 46.83
N ASN B 9 3.42 1.53 45.76
CA ASN B 9 4.17 2.67 45.26
C ASN B 9 3.81 2.90 43.81
N VAL B 10 3.90 4.15 43.39
CA VAL B 10 3.57 4.46 42.02
C VAL B 10 4.14 5.82 41.61
N GLY B 11 4.27 6.00 40.30
CA GLY B 11 4.80 7.26 39.77
C GLY B 11 3.65 7.73 38.91
N THR B 13 1.27 11.32 37.16
CA THR B 13 1.24 12.72 36.76
C THR B 13 0.39 13.45 37.79
N LEU B 14 0.36 14.77 37.73
CA LEU B 14 -0.44 15.53 38.68
C LEU B 14 -1.91 15.13 38.55
N ASP B 15 -2.34 14.76 37.34
CA ASP B 15 -3.73 14.38 37.17
C ASP B 15 -3.99 12.88 37.37
N GLY B 16 -3.12 12.26 38.15
CA GLY B 16 -3.22 10.85 38.47
C GLY B 16 -3.04 9.77 37.42
N LYS B 17 -2.45 10.12 36.29
CA LYS B 17 -2.25 9.14 35.24
C LYS B 17 -0.94 8.35 35.40
N LEU B 18 -0.97 7.08 35.04
CA LEU B 18 0.21 6.22 35.13
C LEU B 18 0.91 6.15 33.78
N ALA B 19 0.24 6.66 32.76
CA ALA B 19 0.77 6.67 31.39
C ALA B 19 -0.23 7.42 30.52
N THR B 20 0.18 7.78 29.31
CA THR B 20 -0.72 8.50 28.41
C THR B 20 -1.64 7.48 27.77
N ILE B 21 -2.56 7.96 26.94
CA ILE B 21 -3.52 7.10 26.26
C ILE B 21 -2.80 6.18 25.27
N ASN B 22 -1.54 6.47 24.99
CA ASN B 22 -0.73 5.68 24.07
C ASN B 22 0.37 4.92 24.80
N ASN B 23 0.12 4.67 26.08
CA ASN B 23 1.02 3.96 26.95
C ASN B 23 2.42 4.52 27.12
N ASP B 24 2.59 5.83 26.97
CA ASP B 24 3.90 6.44 27.14
C ASP B 24 3.96 6.70 28.66
N SER B 25 4.86 6.02 29.36
CA SER B 25 4.95 6.22 30.81
C SER B 25 6.25 6.79 31.36
N ARG B 26 6.89 7.68 30.61
CA ARG B 26 8.14 8.28 31.07
C ARG B 26 7.76 9.38 32.07
N ILE B 27 7.38 8.95 33.27
CA ILE B 27 6.97 9.85 34.34
C ILE B 27 8.06 10.12 35.38
N SER B 28 8.53 9.05 36.02
CA SER B 28 9.56 9.17 37.05
C SER B 28 10.93 9.59 36.51
N CYS B 29 11.60 10.44 37.27
CA CYS B 29 12.93 10.94 36.92
C CYS B 29 13.92 9.92 37.48
N GLU B 30 15.23 10.19 37.43
CA GLU B 30 16.11 9.18 37.98
C GLU B 30 16.14 9.17 39.49
N GLU B 31 16.01 10.33 40.13
CA GLU B 31 16.03 10.34 41.59
C GLU B 31 14.96 9.38 42.11
N ASP B 32 13.79 9.42 41.49
CA ASP B 32 12.69 8.55 41.92
C ASP B 32 12.98 7.08 41.65
N LEU B 33 13.59 6.76 40.52
CA LEU B 33 13.91 5.37 40.21
C LEU B 33 14.85 4.81 41.27
N ILE B 34 15.78 5.63 41.74
CA ILE B 34 16.72 5.19 42.76
C ILE B 34 15.91 4.87 44.02
N ARG B 35 15.02 5.78 44.39
CA ARG B 35 14.17 5.60 45.57
C ARG B 35 13.39 4.30 45.47
N VAL B 36 12.81 4.05 44.30
CA VAL B 36 12.04 2.83 44.10
C VAL B 36 12.90 1.59 44.22
N HIS B 37 14.09 1.61 43.62
CA HIS B 37 14.95 0.45 43.70
C HIS B 37 15.44 0.19 45.12
N LYS B 38 15.55 1.24 45.92
CA LYS B 38 16.00 1.06 47.30
C LYS B 38 14.87 0.31 48.01
N ILE B 39 13.62 0.64 47.68
CA ILE B 39 12.49 -0.03 48.30
C ILE B 39 12.47 -1.49 47.85
N ARG B 40 12.73 -1.69 46.57
CA ARG B 40 12.75 -3.03 46.00
C ARG B 40 13.79 -3.88 46.71
N ALA B 41 14.92 -3.26 47.05
CA ALA B 41 16.01 -3.97 47.72
C ALA B 41 15.67 -4.32 49.16
N ASN B 42 14.61 -3.70 49.71
CA ASN B 42 14.21 -3.97 51.09
C ASN B 42 12.94 -4.78 51.32
N VAL B 43 12.34 -5.33 50.26
CA VAL B 43 11.12 -6.10 50.45
C VAL B 43 11.37 -7.54 50.02
N ASP B 44 10.50 -8.45 50.43
CA ASP B 44 10.67 -9.85 50.08
C ASP B 44 10.18 -10.13 48.66
N GLY B 45 9.19 -9.36 48.23
CA GLY B 45 8.66 -9.55 46.89
C GLY B 45 8.11 -8.30 46.24
N ILE B 46 7.99 -8.35 44.91
CA ILE B 46 7.49 -7.26 44.10
C ILE B 46 6.28 -7.86 43.40
N VAL B 48 2.99 -7.33 40.67
CA VAL B 48 2.49 -6.56 39.54
C VAL B 48 1.37 -7.33 38.84
N GLY B 49 0.48 -6.62 38.15
CA GLY B 49 -0.61 -7.27 37.44
C GLY B 49 -0.24 -7.66 36.01
N ILE B 50 -0.93 -8.62 35.45
CA ILE B 50 -0.64 -9.06 34.09
C ILE B 50 -0.74 -7.91 33.10
N GLY B 51 -1.70 -7.01 33.32
CA GLY B 51 -1.86 -5.88 32.43
C GLY B 51 -0.57 -5.11 32.26
N THR B 52 0.15 -4.89 33.35
CA THR B 52 1.40 -4.16 33.27
C THR B 52 2.49 -4.97 32.57
N VAL B 53 2.48 -6.27 32.77
CA VAL B 53 3.48 -7.12 32.15
C VAL B 53 3.29 -7.09 30.64
N LEU B 54 2.05 -7.19 30.19
CA LEU B 54 1.75 -7.16 28.78
C LEU B 54 2.11 -5.84 28.10
N LYS B 55 1.88 -4.73 28.79
CA LYS B 55 2.19 -3.44 28.21
C LYS B 55 3.62 -2.93 28.38
N ASP B 56 4.29 -3.28 29.47
CA ASP B 56 5.65 -2.80 29.69
C ASP B 56 6.77 -3.83 29.71
N ASP B 57 6.43 -5.10 29.83
CA ASP B 57 7.44 -6.16 29.86
C ASP B 57 8.58 -5.77 30.82
N PRO B 58 8.25 -5.49 32.08
CA PRO B 58 9.25 -5.10 33.08
C PRO B 58 10.07 -6.28 33.62
N ARG B 59 11.23 -5.99 34.22
CA ARG B 59 12.10 -7.02 34.78
C ARG B 59 11.76 -7.22 36.26
N LEU B 60 11.39 -6.13 36.93
CA LEU B 60 11.05 -6.21 38.35
C LEU B 60 12.22 -6.76 39.14
N THR B 61 13.40 -6.25 38.85
CA THR B 61 14.61 -6.68 39.53
C THR B 61 15.37 -5.45 40.01
N VAL B 62 16.17 -5.61 41.06
CA VAL B 62 16.94 -4.50 41.59
C VAL B 62 18.16 -4.35 40.71
N HIS B 63 18.24 -3.23 39.99
CA HIS B 63 19.38 -2.99 39.10
C HIS B 63 19.85 -1.54 39.01
N LYS B 64 19.10 -0.61 39.60
CA LYS B 64 19.49 0.80 39.56
C LYS B 64 20.35 1.20 40.75
N ILE B 65 20.73 0.18 41.54
CA ILE B 65 21.57 0.37 42.72
C ILE B 65 22.27 -0.96 42.96
N LYS B 66 23.31 -0.95 43.80
CA LYS B 66 24.04 -2.17 44.11
C LYS B 66 23.09 -3.10 44.84
N SER B 67 22.93 -4.32 44.33
CA SER B 67 22.04 -5.30 44.94
C SER B 67 22.70 -6.61 45.30
N ASP B 68 22.32 -7.15 46.45
CA ASP B 68 22.86 -8.42 46.95
C ASP B 68 22.01 -9.57 46.40
N ARG B 69 20.70 -9.36 46.37
CA ARG B 69 19.77 -10.37 45.88
C ARG B 69 18.42 -9.75 45.51
N ASN B 70 17.77 -10.35 44.50
CA ASN B 70 16.48 -9.87 44.03
C ASN B 70 15.28 -10.49 44.75
N PRO B 71 14.25 -9.68 45.04
CA PRO B 71 13.05 -10.16 45.72
C PRO B 71 12.24 -11.01 44.76
N VAL B 72 11.37 -11.87 45.30
CA VAL B 72 10.55 -12.72 44.46
C VAL B 72 9.60 -11.85 43.65
N ARG B 73 9.38 -12.20 42.38
CA ARG B 73 8.50 -11.45 41.49
C ARG B 73 7.16 -12.19 41.43
N ILE B 74 6.08 -11.45 41.69
CA ILE B 74 4.76 -12.04 41.67
C ILE B 74 3.89 -11.37 40.61
N VAL B 75 3.26 -12.17 39.77
CA VAL B 75 2.41 -11.65 38.71
C VAL B 75 1.00 -12.22 38.87
N VAL B 76 0.01 -11.33 39.01
CA VAL B 76 -1.37 -11.78 39.16
C VAL B 76 -1.86 -11.90 37.71
N ASP B 77 -2.11 -13.13 37.29
CA ASP B 77 -2.54 -13.42 35.93
C ASP B 77 -3.64 -14.48 35.90
N SER B 78 -4.90 -14.04 35.94
CA SER B 78 -6.05 -14.94 35.93
C SER B 78 -6.10 -16.02 34.86
N LYS B 79 -5.84 -15.64 33.62
CA LYS B 79 -5.88 -16.61 32.53
C LYS B 79 -4.52 -17.09 32.05
N LEU B 80 -3.46 -16.77 32.79
CA LEU B 80 -2.11 -17.17 32.42
C LEU B 80 -1.75 -16.65 31.05
N ARG B 81 -1.90 -15.35 30.84
CA ARG B 81 -1.59 -14.76 29.56
C ARG B 81 -0.15 -14.23 29.50
N VAL B 82 0.60 -14.40 30.59
CA VAL B 82 1.98 -13.94 30.63
C VAL B 82 2.75 -14.57 29.46
N PRO B 83 3.30 -13.74 28.56
CA PRO B 83 4.04 -14.26 27.40
C PRO B 83 5.24 -15.12 27.83
N LEU B 84 5.39 -16.27 27.18
CA LEU B 84 6.50 -17.17 27.52
C LEU B 84 7.87 -16.50 27.44
N ASN B 85 7.99 -15.41 26.69
CA ASN B 85 9.27 -14.72 26.58
C ASN B 85 9.31 -13.41 27.34
N ALA B 86 8.39 -13.24 28.30
CA ALA B 86 8.35 -12.02 29.10
C ALA B 86 9.61 -11.96 29.97
N ARG B 87 10.19 -10.77 30.12
CA ARG B 87 11.38 -10.65 30.94
C ARG B 87 11.15 -11.03 32.41
N VAL B 88 9.91 -10.85 32.88
CA VAL B 88 9.59 -11.17 34.26
C VAL B 88 9.81 -12.66 34.52
N LEU B 89 9.96 -13.43 33.45
CA LEU B 89 10.18 -14.86 33.59
C LEU B 89 11.65 -15.24 33.42
N ASN B 90 12.55 -14.26 33.27
CA ASN B 90 13.96 -14.62 33.10
C ASN B 90 14.53 -15.19 34.39
N LYS B 91 15.85 -15.39 34.44
CA LYS B 91 16.46 -15.94 35.63
C LYS B 91 17.13 -15.00 36.60
N ASP B 92 16.89 -13.70 36.46
CA ASP B 92 17.51 -12.75 37.37
C ASP B 92 16.95 -12.88 38.76
N ALA B 93 15.79 -13.52 38.89
CA ALA B 93 15.18 -13.69 40.20
C ALA B 93 14.11 -14.76 40.16
N LYS B 94 13.61 -15.12 41.33
CA LYS B 94 12.57 -16.14 41.41
C LYS B 94 11.25 -15.49 40.98
N THR B 95 10.37 -16.28 40.37
CA THR B 95 9.10 -15.75 39.93
C THR B 95 7.91 -16.65 40.22
N ILE B 96 6.83 -16.03 40.66
CA ILE B 96 5.62 -16.75 40.97
C ILE B 96 4.48 -16.13 40.16
N ILE B 97 3.73 -16.97 39.46
CA ILE B 97 2.63 -16.48 38.66
C ILE B 97 1.36 -16.95 39.39
N ALA B 98 0.56 -16.00 39.85
CA ALA B 98 -0.68 -16.34 40.54
C ALA B 98 -1.81 -16.33 39.51
N THR B 99 -2.43 -17.48 39.30
CA THR B 99 -3.52 -17.56 38.34
C THR B 99 -4.73 -18.21 39.03
N THR B 100 -5.82 -18.39 38.30
CA THR B 100 -7.01 -19.00 38.90
C THR B 100 -6.98 -20.51 38.83
N GLU B 101 -7.94 -21.14 39.51
CA GLU B 101 -8.05 -22.59 39.54
C GLU B 101 -8.76 -23.09 38.31
N ASP B 102 -9.30 -22.17 37.51
CA ASP B 102 -10.00 -22.54 36.29
C ASP B 102 -8.97 -23.22 35.40
N THR B 103 -9.40 -24.19 34.59
CA THR B 103 -8.46 -24.90 33.73
C THR B 103 -8.98 -25.34 32.39
N ASN B 104 -8.03 -25.61 31.50
CA ASN B 104 -8.29 -26.07 30.14
C ASN B 104 -6.97 -26.75 29.72
N GLU B 105 -7.02 -27.60 28.72
CA GLU B 105 -5.83 -28.30 28.26
C GLU B 105 -4.64 -27.41 27.92
N GLU B 106 -4.88 -26.31 27.21
CA GLU B 106 -3.79 -25.42 26.84
C GLU B 106 -3.15 -24.75 28.05
N LYS B 107 -3.96 -24.36 29.03
CA LYS B 107 -3.42 -23.71 30.21
C LYS B 107 -2.51 -24.66 30.99
N GLU B 108 -2.92 -25.92 31.11
CA GLU B 108 -2.12 -26.89 31.82
C GLU B 108 -0.78 -27.10 31.13
N LYS B 109 -0.77 -27.08 29.81
CA LYS B 109 0.46 -27.26 29.08
C LYS B 109 1.37 -26.07 29.32
N LYS B 110 0.80 -24.86 29.27
CA LYS B 110 1.60 -23.66 29.48
C LYS B 110 2.22 -23.70 30.88
N ILE B 111 1.46 -24.21 31.84
CA ILE B 111 1.97 -24.30 33.20
C ILE B 111 3.18 -25.25 33.25
N LYS B 112 3.15 -26.33 32.48
CA LYS B 112 4.26 -27.28 32.46
C LYS B 112 5.51 -26.57 31.91
N ILE B 113 5.33 -25.79 30.85
CA ILE B 113 6.46 -25.08 30.26
C ILE B 113 7.03 -24.08 31.25
N LEU B 114 6.15 -23.35 31.94
CA LEU B 114 6.60 -22.37 32.91
C LEU B 114 7.40 -23.00 34.04
N GLU B 115 6.91 -24.14 34.52
CA GLU B 115 7.62 -24.83 35.59
C GLU B 115 8.96 -25.36 35.11
N ASP B 116 9.02 -25.79 33.86
CA ASP B 116 10.27 -26.29 33.35
C ASP B 116 11.27 -25.13 33.33
N GLY B 118 11.54 -23.03 35.52
CA GLY B 118 11.82 -22.66 36.91
C GLY B 118 10.84 -21.65 37.49
N VAL B 119 9.71 -21.47 36.82
CA VAL B 119 8.72 -20.53 37.31
C VAL B 119 7.68 -21.27 38.12
N GLU B 120 7.31 -20.73 39.28
CA GLU B 120 6.32 -21.40 40.10
C GLU B 120 4.93 -20.84 39.79
N VAL B 121 3.96 -21.73 39.65
CA VAL B 121 2.60 -21.32 39.37
C VAL B 121 1.66 -21.67 40.52
N VAL B 122 1.03 -20.65 41.07
CA VAL B 122 0.09 -20.80 42.18
C VAL B 122 -1.35 -20.60 41.69
N LYS B 123 -2.21 -21.58 41.92
CA LYS B 123 -3.60 -21.49 41.51
C LYS B 123 -4.39 -21.02 42.73
N CYS B 124 -5.17 -19.94 42.58
CA CYS B 124 -5.93 -19.45 43.71
C CYS B 124 -7.12 -18.58 43.33
N GLY B 125 -8.31 -19.16 43.40
CA GLY B 125 -9.52 -18.42 43.07
C GLY B 125 -10.19 -18.88 41.79
N ARG B 126 -11.38 -18.36 41.53
CA ARG B 126 -12.17 -18.69 40.34
C ARG B 126 -12.54 -17.40 39.61
N GLY B 127 -12.47 -17.41 38.28
CA GLY B 127 -12.80 -16.22 37.53
C GLY B 127 -11.71 -15.16 37.59
N LYS B 128 -11.34 -14.78 38.80
CA LYS B 128 -10.29 -13.79 39.00
C LYS B 128 -9.48 -14.33 40.18
N VAL B 129 -8.25 -13.86 40.33
CA VAL B 129 -7.42 -14.35 41.43
C VAL B 129 -7.96 -13.86 42.77
N ASP B 130 -8.03 -14.76 43.74
CA ASP B 130 -8.51 -14.44 45.08
C ASP B 130 -7.32 -13.86 45.83
N LEU B 131 -7.20 -12.54 45.82
CA LEU B 131 -6.09 -11.88 46.49
C LEU B 131 -5.90 -12.18 47.98
N LYS B 132 -6.99 -12.31 48.73
CA LYS B 132 -6.87 -12.60 50.16
C LYS B 132 -6.19 -13.95 50.37
N LYS B 133 -6.67 -14.98 49.67
CA LYS B 133 -6.07 -16.29 49.80
C LYS B 133 -4.62 -16.26 49.32
N LEU B 134 -4.35 -15.50 48.25
CA LEU B 134 -3.01 -15.41 47.71
C LEU B 134 -2.06 -14.88 48.78
N ASP B 136 -2.21 -15.31 51.90
CA ASP B 136 -1.90 -16.36 52.87
C ASP B 136 -0.80 -17.25 52.31
N ILE B 137 -0.97 -17.66 51.05
CA ILE B 137 -0.01 -18.51 50.37
C ILE B 137 1.37 -17.86 50.34
N LEU B 138 1.41 -16.58 49.98
CA LEU B 138 2.69 -15.88 49.92
C LEU B 138 3.33 -15.78 51.30
N TYR B 139 2.52 -15.57 52.32
CA TYR B 139 3.06 -15.46 53.66
C TYR B 139 3.70 -16.79 54.07
N ASP B 140 3.01 -17.90 53.82
CA ASP B 140 3.55 -19.21 54.17
C ASP B 140 4.86 -19.50 53.44
N LYS B 141 5.11 -18.79 52.35
CA LYS B 141 6.34 -19.00 51.60
C LYS B 141 7.47 -18.17 52.19
N GLY B 142 7.16 -17.40 53.22
CA GLY B 142 8.20 -16.57 53.83
C GLY B 142 8.25 -15.15 53.32
N ILE B 143 7.34 -14.81 52.41
CA ILE B 143 7.31 -13.45 51.86
C ILE B 143 6.45 -12.62 52.82
N LYS B 144 7.12 -11.82 53.65
CA LYS B 144 6.45 -10.97 54.63
C LYS B 144 6.24 -9.52 54.24
N SER B 145 6.96 -9.06 53.23
CA SER B 145 6.83 -7.67 52.79
C SER B 145 6.79 -7.70 51.28
N ILE B 146 5.85 -6.95 50.71
CA ILE B 146 5.71 -6.89 49.27
C ILE B 146 5.51 -5.49 48.75
N LEU B 147 6.24 -5.15 47.69
CA LEU B 147 6.13 -3.83 47.08
C LEU B 147 5.14 -4.05 45.95
N LEU B 148 3.97 -3.44 46.05
CA LEU B 148 2.96 -3.59 45.02
C LEU B 148 3.17 -2.46 44.01
N GLU B 149 3.49 -2.76 42.77
CA GLU B 149 3.71 -1.70 41.79
C GLU B 149 2.53 -1.50 40.83
N GLY B 150 1.47 -2.26 41.07
CA GLY B 150 0.27 -2.17 40.24
C GLY B 150 0.15 -3.03 39.00
N GLY B 151 -0.41 -2.45 37.94
CA GLY B 151 -0.88 -1.09 37.97
C GLY B 151 -2.32 -0.91 38.40
N GLY B 152 -2.89 0.11 37.79
CA GLY B 152 -4.27 0.53 38.03
C GLY B 152 -5.36 -0.48 38.38
N THR B 153 -5.51 -1.54 37.58
CA THR B 153 -6.52 -2.55 37.84
C THR B 153 -6.20 -3.39 39.07
N LEU B 154 -4.96 -3.82 39.19
CA LEU B 154 -4.55 -4.63 40.32
C LEU B 154 -4.66 -3.81 41.59
N ASN B 155 -4.27 -2.54 41.53
CA ASN B 155 -4.34 -1.66 42.68
C ASN B 155 -5.78 -1.63 43.19
N TRP B 156 -6.74 -1.52 42.29
CA TRP B 156 -8.14 -1.49 42.68
C TRP B 156 -8.43 -2.77 43.46
N GLY B 157 -8.08 -3.90 42.88
CA GLY B 157 -8.31 -5.18 43.52
C GLY B 157 -7.73 -5.27 44.92
N PHE B 159 -6.83 -2.61 46.97
CA PHE B 159 -7.46 -1.63 47.85
C PHE B 159 -8.87 -2.06 48.22
N LYS B 160 -9.58 -2.64 47.26
CA LYS B 160 -10.94 -3.11 47.49
C LYS B 160 -10.99 -4.12 48.64
N GLU B 161 -10.02 -5.02 48.68
CA GLU B 161 -9.97 -6.03 49.75
C GLU B 161 -9.22 -5.52 50.96
N GLY B 162 -8.87 -4.23 50.97
CA GLY B 162 -8.16 -3.66 52.10
C GLY B 162 -6.87 -4.38 52.44
N LEU B 163 -6.10 -4.72 51.42
CA LEU B 163 -4.83 -5.44 51.61
C LEU B 163 -3.60 -4.54 51.60
N VAL B 164 -3.76 -3.25 51.35
CA VAL B 164 -2.62 -2.34 51.32
C VAL B 164 -2.40 -1.67 52.67
N ASP B 165 -1.17 -1.71 53.17
CA ASP B 165 -0.83 -1.12 54.45
C ASP B 165 -0.36 0.32 54.36
N GLU B 166 0.53 0.62 53.41
CA GLU B 166 1.00 1.98 53.28
C GLU B 166 1.16 2.36 51.81
N VAL B 167 1.22 3.67 51.55
CA VAL B 167 1.35 4.15 50.19
C VAL B 167 2.39 5.24 50.01
N SER B 168 3.15 5.16 48.92
CA SER B 168 4.16 6.15 48.62
C SER B 168 3.88 6.49 47.16
N VAL B 169 3.73 7.77 46.88
CA VAL B 169 3.43 8.22 45.54
C VAL B 169 4.35 9.33 45.07
N TYR B 170 4.91 9.17 43.87
CA TYR B 170 5.79 10.20 43.35
C TYR B 170 4.93 10.92 42.33
N ILE B 171 4.78 12.23 42.48
CA ILE B 171 3.96 13.00 41.55
C ILE B 171 4.85 13.84 40.64
N ALA B 172 4.77 13.56 39.35
CA ALA B 172 5.56 14.28 38.35
C ALA B 172 4.90 15.61 38.03
N PRO B 173 5.70 16.65 37.75
CA PRO B 173 5.13 17.96 37.41
C PRO B 173 4.61 18.03 35.98
N LYS B 174 3.66 17.17 35.65
CA LYS B 174 3.10 17.18 34.32
C LYS B 174 1.65 16.69 34.28
N ILE B 175 0.97 17.00 33.18
CA ILE B 175 -0.42 16.62 33.00
C ILE B 175 -0.62 15.92 31.66
N PHE B 176 -1.22 14.73 31.72
CA PHE B 176 -1.47 13.94 30.52
C PHE B 176 -2.88 14.08 29.95
N GLY B 177 -3.87 14.06 30.84
CA GLY B 177 -5.25 14.18 30.42
C GLY B 177 -5.70 12.83 29.86
N GLY B 178 -6.92 12.76 29.36
CA GLY B 178 -7.44 11.51 28.80
C GLY B 178 -8.30 10.67 29.71
N LYS B 179 -9.60 10.61 29.41
CA LYS B 179 -10.53 9.82 30.21
C LYS B 179 -10.23 8.32 30.12
N GLU B 180 -9.47 7.95 29.09
CA GLU B 180 -9.10 6.55 28.86
C GLU B 180 -7.71 6.20 29.40
N ALA B 181 -6.95 7.21 29.80
CA ALA B 181 -5.61 6.98 30.34
C ALA B 181 -5.69 6.24 31.67
N PRO B 182 -4.75 5.34 31.94
CA PRO B 182 -4.71 4.56 33.18
C PRO B 182 -4.42 5.47 34.37
N THR B 183 -5.08 5.24 35.50
CA THR B 183 -4.84 6.07 36.68
C THR B 183 -4.27 5.20 37.79
N TYR B 184 -3.82 5.83 38.87
CA TYR B 184 -3.26 5.12 40.00
C TYR B 184 -4.19 3.98 40.41
N VAL B 185 -5.49 4.25 40.46
CA VAL B 185 -6.46 3.22 40.84
C VAL B 185 -7.67 3.28 39.90
N ASP B 186 -7.90 2.19 39.18
CA ASP B 186 -9.02 2.11 38.25
C ASP B 186 -10.03 1.09 38.73
N GLY B 187 -10.31 0.08 37.92
CA GLY B 187 -11.26 -0.93 38.33
C GLY B 187 -12.66 -0.36 38.49
N GLU B 188 -13.47 -1.03 39.30
CA GLU B 188 -14.86 -0.63 39.57
C GLU B 188 -14.97 0.73 40.27
N GLY B 189 -14.27 0.89 41.39
CA GLY B 189 -14.29 2.13 42.15
C GLY B 189 -15.33 2.10 43.26
N PHE B 190 -15.08 2.83 44.33
CA PHE B 190 -16.02 2.88 45.45
C PHE B 190 -17.16 3.82 45.08
N LYS B 191 -18.38 3.47 45.50
CA LYS B 191 -19.54 4.31 45.19
C LYS B 191 -19.71 5.57 46.05
N THR B 192 -19.28 5.50 47.30
CA THR B 192 -19.40 6.64 48.20
C THR B 192 -18.12 6.92 48.96
N VAL B 193 -17.99 8.14 49.47
CA VAL B 193 -16.80 8.51 50.23
C VAL B 193 -16.73 7.68 51.49
N ASP B 194 -17.90 7.30 52.02
CA ASP B 194 -17.97 6.51 53.24
C ASP B 194 -17.25 5.18 53.13
N GLU B 195 -17.36 4.53 51.98
CA GLU B 195 -16.70 3.25 51.77
C GLU B 195 -15.33 3.30 51.09
N CYS B 196 -14.85 4.49 50.79
CA CYS B 196 -13.56 4.62 50.13
C CYS B 196 -12.42 4.38 51.11
N VAL B 197 -11.21 4.23 50.58
CA VAL B 197 -10.03 4.00 51.39
C VAL B 197 -9.55 5.29 52.04
N LYS B 198 -9.30 5.23 53.34
CA LYS B 198 -8.83 6.39 54.10
C LYS B 198 -7.34 6.32 54.34
N LEU B 199 -6.67 7.46 54.25
CA LEU B 199 -5.23 7.48 54.45
C LEU B 199 -4.82 8.59 55.41
N GLU B 200 -3.55 8.58 55.80
CA GLU B 200 -3.01 9.59 56.69
C GLU B 200 -1.68 10.05 56.10
N LEU B 201 -1.60 11.32 55.75
CA LEU B 201 -0.39 11.89 55.18
C LEU B 201 0.70 11.88 56.26
N LYS B 202 1.63 10.94 56.16
CA LYS B 202 2.71 10.84 57.13
C LYS B 202 3.95 11.66 56.80
N ASN B 203 4.30 11.74 55.52
CA ASN B 203 5.48 12.50 55.15
C ASN B 203 5.46 12.90 53.68
N PHE B 204 6.28 13.88 53.33
CA PHE B 204 6.35 14.35 51.95
C PHE B 204 7.59 15.22 51.76
N TYR B 205 8.10 15.26 50.53
CA TYR B 205 9.29 16.06 50.25
C TYR B 205 9.55 16.08 48.76
N ARG B 206 10.17 17.14 48.26
CA ARG B 206 10.44 17.17 46.84
C ARG B 206 11.56 16.21 46.51
N LEU B 207 11.50 15.67 45.29
CA LEU B 207 12.48 14.73 44.79
C LEU B 207 12.59 15.09 43.32
N GLY B 208 13.77 15.53 42.90
CA GLY B 208 13.95 15.89 41.51
C GLY B 208 13.00 17.06 41.28
N GLU B 209 12.35 17.09 40.12
CA GLU B 209 11.41 18.16 39.80
C GLU B 209 10.01 17.88 40.36
N GLY B 210 9.83 16.71 40.97
CA GLY B 210 8.53 16.38 41.52
C GLY B 210 8.45 16.36 43.04
N ILE B 211 7.51 15.58 43.56
CA ILE B 211 7.32 15.46 45.01
C ILE B 211 6.86 14.06 45.39
N VAL B 212 7.28 13.62 46.57
CA VAL B 212 6.91 12.29 47.06
C VAL B 212 5.96 12.44 48.25
N LEU B 213 4.89 11.66 48.24
CA LEU B 213 3.92 11.70 49.33
C LEU B 213 3.87 10.31 49.94
N GLU B 214 3.94 10.24 51.27
CA GLU B 214 3.90 8.97 51.96
C GLU B 214 2.70 8.92 52.90
N PHE B 215 1.86 7.91 52.72
CA PHE B 215 0.66 7.74 53.52
C PHE B 215 0.62 6.38 54.20
N LYS B 216 -0.18 6.30 55.25
CA LYS B 216 -0.36 5.06 56.00
C LYS B 216 -1.84 4.81 55.73
N VAL B 217 -2.21 3.57 55.47
CA VAL B 217 -3.61 3.29 55.21
C VAL B 217 -4.31 3.06 56.54
N LYS B 218 -5.42 3.78 56.75
CA LYS B 218 -6.17 3.63 57.98
C LYS B 218 -7.16 2.49 57.79
N LYS B 219 -6.79 1.32 58.29
CA LYS B 219 -7.64 0.14 58.17
C LYS B 219 -8.85 0.26 59.11
N GLU C 1 39.51 -45.23 18.19
CA GLU C 1 38.75 -46.20 19.04
C GLU C 1 38.63 -45.68 20.47
N LYS C 2 39.72 -45.10 20.97
CA LYS C 2 39.75 -44.54 22.32
C LYS C 2 38.67 -43.50 22.60
N LYS C 3 38.88 -42.74 23.67
CA LYS C 3 37.96 -41.71 24.09
C LYS C 3 38.56 -40.33 23.85
N PRO C 4 37.75 -39.27 24.03
CA PRO C 4 38.25 -37.91 23.84
C PRO C 4 39.26 -37.58 24.91
N TYR C 5 40.20 -36.71 24.59
CA TYR C 5 41.19 -36.33 25.59
C TYR C 5 40.39 -35.40 26.52
N ILE C 6 40.48 -35.64 27.82
CA ILE C 6 39.74 -34.81 28.76
C ILE C 6 40.56 -34.01 29.76
N ILE C 7 40.33 -32.71 29.73
CA ILE C 7 41.01 -31.78 30.62
C ILE C 7 40.01 -31.27 31.64
N SER C 8 40.34 -31.43 32.91
CA SER C 8 39.48 -30.99 34.00
C SER C 8 40.03 -29.67 34.52
N ASN C 9 39.23 -28.61 34.44
CA ASN C 9 39.69 -27.33 34.93
C ASN C 9 38.70 -26.80 35.94
N VAL C 10 39.19 -26.03 36.91
CA VAL C 10 38.29 -25.50 37.92
C VAL C 10 38.93 -24.33 38.65
N GLY C 11 38.09 -23.52 39.28
CA GLY C 11 38.54 -22.36 40.02
C GLY C 11 38.02 -22.66 41.43
N THR C 13 38.64 -22.25 46.00
CA THR C 13 39.21 -21.52 47.11
C THR C 13 40.32 -22.40 47.67
N LEU C 14 41.10 -21.86 48.58
CA LEU C 14 42.19 -22.62 49.16
C LEU C 14 41.64 -23.86 49.85
N ASP C 15 40.42 -23.79 50.39
CA ASP C 15 39.83 -24.93 51.07
C ASP C 15 39.02 -25.84 50.15
N GLY C 16 39.34 -25.78 48.86
CA GLY C 16 38.68 -26.58 47.84
C GLY C 16 37.23 -26.36 47.48
N LYS C 17 36.66 -25.22 47.87
CA LYS C 17 35.27 -24.96 47.54
C LYS C 17 35.10 -24.32 46.15
N LEU C 18 34.01 -24.67 45.48
CA LEU C 18 33.69 -24.13 44.15
C LEU C 18 32.70 -22.98 44.29
N ALA C 19 32.15 -22.81 45.48
CA ALA C 19 31.19 -21.75 45.78
C ALA C 19 30.87 -21.80 47.27
N THR C 20 30.24 -20.76 47.78
CA THR C 20 29.89 -20.70 49.19
C THR C 20 28.65 -21.55 49.37
N ILE C 21 28.18 -21.67 50.62
CA ILE C 21 26.99 -22.45 50.90
C ILE C 21 25.75 -21.77 50.30
N ASN C 22 25.92 -20.52 49.86
CA ASN C 22 24.81 -19.78 49.26
C ASN C 22 25.04 -19.57 47.77
N ASN C 23 25.82 -20.48 47.19
CA ASN C 23 26.16 -20.47 45.77
C ASN C 23 26.85 -19.22 45.21
N ASP C 24 27.60 -18.51 46.05
CA ASP C 24 28.29 -17.33 45.58
C ASP C 24 29.61 -17.90 45.06
N SER C 25 29.85 -17.80 43.75
CA SER C 25 31.08 -18.33 43.18
C SER C 25 32.06 -17.36 42.52
N ARG C 26 32.16 -16.15 43.05
CA ARG C 26 33.07 -15.15 42.49
C ARG C 26 34.47 -15.50 43.04
N ILE C 27 35.06 -16.53 42.43
CA ILE C 27 36.38 -17.03 42.81
C ILE C 27 37.50 -16.57 41.87
N SER C 28 37.37 -16.92 40.59
CA SER C 28 38.35 -16.56 39.58
C SER C 28 38.43 -15.07 39.27
N CYS C 29 39.64 -14.59 39.10
CA CYS C 29 39.90 -13.19 38.78
C CYS C 29 39.80 -13.09 37.26
N GLU C 30 40.16 -11.93 36.73
CA GLU C 30 40.12 -11.68 35.30
C GLU C 30 41.19 -12.48 34.55
N GLU C 31 42.40 -12.50 35.10
CA GLU C 31 43.50 -13.23 34.48
C GLU C 31 43.12 -14.70 34.26
N ASP C 32 42.52 -15.31 35.28
CA ASP C 32 42.12 -16.71 35.17
C ASP C 32 41.03 -16.94 34.14
N LEU C 33 40.09 -16.02 34.05
CA LEU C 33 39.01 -16.15 33.08
C LEU C 33 39.58 -16.17 31.67
N ILE C 34 40.59 -15.35 31.42
CA ILE C 34 41.21 -15.30 30.10
C ILE C 34 41.84 -16.67 29.83
N ARG C 35 42.56 -17.18 30.83
CA ARG C 35 43.22 -18.47 30.71
C ARG C 35 42.22 -19.55 30.36
N VAL C 36 41.08 -19.54 31.06
CA VAL C 36 40.04 -20.52 30.82
C VAL C 36 39.47 -20.41 29.42
N HIS C 37 39.23 -19.18 28.98
CA HIS C 37 38.68 -19.00 27.64
C HIS C 37 39.66 -19.41 26.55
N LYS C 38 40.96 -19.29 26.83
CA LYS C 38 41.94 -19.68 25.82
C LYS C 38 41.84 -21.21 25.70
N ILE C 39 41.62 -21.88 26.82
CA ILE C 39 41.51 -23.34 26.82
C ILE C 39 40.23 -23.71 26.06
N ARG C 40 39.16 -22.96 26.32
CA ARG C 40 37.89 -23.21 25.66
C ARG C 40 38.03 -23.08 24.15
N ALA C 41 38.85 -22.11 23.73
CA ALA C 41 39.07 -21.87 22.32
C ALA C 41 39.90 -22.98 21.67
N ASN C 42 40.52 -23.81 22.48
CA ASN C 42 41.33 -24.89 21.92
C ASN C 42 40.85 -26.32 22.08
N VAL C 43 39.61 -26.52 22.51
CA VAL C 43 39.08 -27.87 22.67
C VAL C 43 37.88 -28.03 21.76
N ASP C 44 37.49 -29.26 21.48
CA ASP C 44 36.35 -29.52 20.62
C ASP C 44 35.03 -29.35 21.36
N GLY C 45 35.05 -29.59 22.66
CA GLY C 45 33.84 -29.46 23.44
C GLY C 45 34.05 -29.08 24.90
N ILE C 46 32.99 -28.53 25.50
CA ILE C 46 33.02 -28.14 26.90
C ILE C 46 31.91 -28.97 27.53
N VAL C 48 29.70 -30.01 31.09
CA VAL C 48 29.27 -29.55 32.39
C VAL C 48 28.07 -30.38 32.87
N GLY C 49 27.89 -30.46 34.19
CA GLY C 49 26.77 -31.23 34.74
C GLY C 49 25.50 -30.40 34.88
N ILE C 50 24.34 -31.06 34.90
CA ILE C 50 23.08 -30.36 35.03
C ILE C 50 23.05 -29.49 36.28
N GLY C 51 23.66 -29.98 37.37
CA GLY C 51 23.70 -29.24 38.60
C GLY C 51 24.24 -27.84 38.41
N THR C 52 25.31 -27.72 37.65
CA THR C 52 25.91 -26.41 37.38
C THR C 52 25.01 -25.55 36.50
N VAL C 53 24.33 -26.16 35.54
CA VAL C 53 23.45 -25.42 34.66
C VAL C 53 22.31 -24.81 35.46
N LEU C 54 21.71 -25.62 36.34
CA LEU C 54 20.59 -25.15 37.16
C LEU C 54 20.99 -24.03 38.11
N LYS C 55 22.19 -24.10 38.68
CA LYS C 55 22.63 -23.07 39.61
C LYS C 55 23.28 -21.83 39.03
N ASP C 56 23.97 -21.96 37.90
CA ASP C 56 24.63 -20.81 37.30
C ASP C 56 24.16 -20.36 35.93
N ASP C 57 23.38 -21.19 35.24
CA ASP C 57 22.90 -20.83 33.91
C ASP C 57 24.04 -20.25 33.05
N PRO C 58 25.13 -21.01 32.89
CA PRO C 58 26.28 -20.55 32.09
C PRO C 58 26.06 -20.65 30.59
N ARG C 59 26.87 -19.92 29.83
CA ARG C 59 26.76 -19.93 28.38
C ARG C 59 27.73 -20.93 27.80
N LEU C 60 28.87 -21.07 28.48
CA LEU C 60 29.97 -21.96 28.13
C LEU C 60 30.46 -21.75 26.70
N THR C 61 30.80 -20.50 26.39
CA THR C 61 31.30 -20.15 25.06
C THR C 61 32.57 -19.34 25.24
N VAL C 62 33.18 -19.00 24.12
CA VAL C 62 34.41 -18.21 24.16
C VAL C 62 33.92 -16.77 23.97
N HIS C 63 34.12 -15.93 24.97
CA HIS C 63 33.68 -14.55 24.85
C HIS C 63 34.61 -13.52 25.48
N LYS C 64 35.56 -13.96 26.29
CA LYS C 64 36.48 -13.01 26.91
C LYS C 64 37.71 -12.79 26.04
N ILE C 65 37.78 -13.53 24.94
CA ILE C 65 38.89 -13.43 23.99
C ILE C 65 38.28 -13.62 22.59
N LYS C 66 39.06 -13.33 21.55
CA LYS C 66 38.59 -13.48 20.17
C LYS C 66 38.11 -14.91 19.92
N SER C 67 36.89 -15.06 19.41
CA SER C 67 36.32 -16.38 19.14
C SER C 67 36.45 -16.94 17.72
N ASP C 68 35.46 -16.67 16.88
CA ASP C 68 35.45 -17.13 15.49
C ASP C 68 35.02 -18.60 15.42
N ARG C 69 34.61 -19.11 16.57
CA ARG C 69 34.17 -20.49 16.71
C ARG C 69 34.05 -20.89 18.15
N ASN C 70 32.98 -21.61 18.46
CA ASN C 70 32.70 -22.09 19.80
C ASN C 70 32.63 -23.60 19.81
N PRO C 71 33.21 -24.25 20.83
CA PRO C 71 33.19 -25.69 20.94
C PRO C 71 31.81 -26.21 21.26
N VAL C 72 31.56 -27.49 20.98
CA VAL C 72 30.24 -28.04 21.27
C VAL C 72 30.04 -28.05 22.78
N ARG C 73 28.82 -27.76 23.23
CA ARG C 73 28.53 -27.74 24.65
C ARG C 73 27.81 -29.03 24.98
N ILE C 74 28.29 -29.71 26.01
CA ILE C 74 27.69 -30.97 26.43
C ILE C 74 27.22 -30.88 27.87
N VAL C 75 25.96 -31.25 28.09
CA VAL C 75 25.39 -31.22 29.42
C VAL C 75 24.93 -32.61 29.83
N VAL C 76 25.45 -33.11 30.96
CA VAL C 76 25.08 -34.44 31.45
C VAL C 76 23.85 -34.16 32.30
N ASP C 77 22.71 -34.64 31.83
CA ASP C 77 21.44 -34.44 32.53
C ASP C 77 20.56 -35.70 32.46
N SER C 78 20.68 -36.54 33.48
CA SER C 78 19.93 -37.78 33.61
C SER C 78 18.44 -37.72 33.38
N LYS C 79 17.78 -36.78 34.03
CA LYS C 79 16.33 -36.66 33.88
C LYS C 79 15.85 -35.56 32.94
N LEU C 80 16.79 -34.98 32.19
CA LEU C 80 16.44 -33.91 31.25
C LEU C 80 15.79 -32.73 31.98
N ARG C 81 16.44 -32.24 33.04
CA ARG C 81 15.88 -31.13 33.79
C ARG C 81 16.40 -29.78 33.30
N VAL C 82 17.22 -29.80 32.25
CA VAL C 82 17.75 -28.54 31.71
C VAL C 82 16.57 -27.63 31.35
N PRO C 83 16.49 -26.44 31.97
CA PRO C 83 15.39 -25.52 31.67
C PRO C 83 15.35 -25.09 30.21
N LEU C 84 14.16 -25.13 29.61
CA LEU C 84 13.99 -24.77 28.22
C LEU C 84 14.56 -23.41 27.85
N ASN C 85 14.69 -22.53 28.84
CA ASN C 85 15.22 -21.21 28.60
C ASN C 85 16.65 -21.02 29.11
N ALA C 86 17.37 -22.12 29.32
CA ALA C 86 18.74 -22.02 29.81
C ALA C 86 19.61 -21.45 28.70
N ARG C 87 20.57 -20.61 29.07
CA ARG C 87 21.44 -20.02 28.07
C ARG C 87 22.28 -21.06 27.32
N VAL C 88 22.58 -22.17 27.98
CA VAL C 88 23.37 -23.22 27.36
C VAL C 88 22.66 -23.78 26.13
N LEU C 89 21.37 -23.44 25.99
CA LEU C 89 20.59 -23.92 24.85
C LEU C 89 20.43 -22.86 23.77
N ASN C 90 21.09 -21.70 23.93
CA ASN C 90 20.95 -20.66 22.91
C ASN C 90 21.67 -21.05 21.64
N LYS C 91 21.72 -20.14 20.67
CA LYS C 91 22.38 -20.46 19.42
C LYS C 91 23.81 -20.01 19.22
N ASP C 92 24.49 -19.63 20.29
CA ASP C 92 25.88 -19.19 20.15
C ASP C 92 26.77 -20.38 19.76
N ALA C 93 26.29 -21.59 19.99
CA ALA C 93 27.08 -22.77 19.66
C ALA C 93 26.21 -24.00 19.63
N LYS C 94 26.80 -25.11 19.19
CA LYS C 94 26.07 -26.38 19.12
C LYS C 94 25.96 -26.92 20.53
N THR C 95 24.87 -27.63 20.80
CA THR C 95 24.69 -28.18 22.13
C THR C 95 24.16 -29.61 22.10
N ILE C 96 24.71 -30.42 22.99
CA ILE C 96 24.31 -31.81 23.12
C ILE C 96 23.92 -32.05 24.56
N ILE C 97 22.74 -32.64 24.77
CA ILE C 97 22.28 -32.92 26.12
C ILE C 97 22.35 -34.44 26.26
N ALA C 98 23.19 -34.93 27.17
CA ALA C 98 23.31 -36.37 27.38
C ALA C 98 22.39 -36.74 28.54
N THR C 99 21.40 -37.57 28.23
CA THR C 99 20.46 -38.01 29.25
C THR C 99 20.40 -39.54 29.26
N THR C 100 19.58 -40.11 30.13
CA THR C 100 19.47 -41.57 30.19
C THR C 100 18.46 -42.10 29.20
N GLU C 101 18.44 -43.42 29.06
CA GLU C 101 17.52 -44.09 28.14
C GLU C 101 16.15 -44.26 28.79
N ASP C 102 16.06 -43.94 30.08
CA ASP C 102 14.79 -44.07 30.78
C ASP C 102 13.85 -43.09 30.09
N THR C 103 12.56 -43.41 30.05
CA THR C 103 11.61 -42.53 29.41
C THR C 103 10.21 -42.48 30.03
N ASN C 104 9.49 -41.42 29.67
CA ASN C 104 8.14 -41.16 30.11
C ASN C 104 7.60 -40.19 29.05
N GLU C 105 6.28 -40.08 28.95
CA GLU C 105 5.66 -39.19 27.97
C GLU C 105 6.14 -37.74 28.00
N GLU C 106 6.27 -37.15 29.18
CA GLU C 106 6.71 -35.78 29.28
C GLU C 106 8.15 -35.59 28.79
N LYS C 107 9.02 -36.54 29.11
CA LYS C 107 10.41 -36.46 28.69
C LYS C 107 10.51 -36.49 27.17
N GLU C 108 9.74 -37.36 26.54
CA GLU C 108 9.78 -37.45 25.08
C GLU C 108 9.33 -36.14 24.44
N LYS C 109 8.34 -35.48 25.03
CA LYS C 109 7.87 -34.22 24.47
C LYS C 109 8.95 -33.16 24.63
N LYS C 110 9.58 -33.10 25.80
CA LYS C 110 10.62 -32.11 25.99
C LYS C 110 11.73 -32.34 24.97
N ILE C 111 12.03 -33.59 24.67
CA ILE C 111 13.09 -33.87 23.70
C ILE C 111 12.70 -33.30 22.33
N LYS C 112 11.42 -33.42 21.98
CA LYS C 112 10.97 -32.90 20.68
C LYS C 112 11.19 -31.38 20.64
N ILE C 113 10.84 -30.70 21.73
CA ILE C 113 11.01 -29.25 21.80
C ILE C 113 12.48 -28.89 21.68
N LEU C 114 13.35 -29.62 22.38
CA LEU C 114 14.78 -29.33 22.34
C LEU C 114 15.33 -29.50 20.93
N GLU C 115 14.89 -30.57 20.26
CA GLU C 115 15.36 -30.83 18.91
C GLU C 115 14.88 -29.73 17.97
N ASP C 116 13.66 -29.25 18.19
CA ASP C 116 13.12 -28.20 17.34
C ASP C 116 14.00 -26.97 17.50
N GLY C 118 17.06 -27.02 17.76
CA GLY C 118 18.39 -27.31 17.24
C GLY C 118 19.33 -27.96 18.24
N VAL C 119 18.78 -28.46 19.34
CA VAL C 119 19.61 -29.10 20.34
C VAL C 119 19.58 -30.61 20.12
N GLU C 120 20.74 -31.24 20.19
CA GLU C 120 20.80 -32.68 19.99
C GLU C 120 20.71 -33.38 21.34
N VAL C 121 19.90 -34.43 21.39
CA VAL C 121 19.74 -35.18 22.62
C VAL C 121 20.25 -36.61 22.45
N VAL C 122 21.22 -36.97 23.28
CA VAL C 122 21.83 -38.29 23.26
C VAL C 122 21.39 -39.10 24.48
N LYS C 123 20.83 -40.28 24.24
CA LYS C 123 20.37 -41.15 25.32
C LYS C 123 21.47 -42.17 25.57
N CYS C 124 21.91 -42.27 26.82
CA CYS C 124 22.97 -43.20 27.13
C CYS C 124 23.07 -43.61 28.60
N GLY C 125 22.58 -44.81 28.90
CA GLY C 125 22.62 -45.32 30.26
C GLY C 125 21.26 -45.39 30.93
N ARG C 126 21.23 -45.99 32.12
CA ARG C 126 20.00 -46.14 32.90
C ARG C 126 20.22 -45.59 34.29
N GLY C 127 19.23 -44.90 34.83
CA GLY C 127 19.36 -44.32 36.15
C GLY C 127 20.23 -43.08 36.15
N LYS C 128 21.45 -43.22 35.66
CA LYS C 128 22.38 -42.11 35.58
C LYS C 128 23.04 -42.27 34.21
N VAL C 129 23.63 -41.20 33.69
CA VAL C 129 24.27 -41.29 32.40
C VAL C 129 25.52 -42.16 32.47
N ASP C 130 25.69 -43.03 31.49
CA ASP C 130 26.84 -43.90 31.45
C ASP C 130 27.95 -43.11 30.75
N LEU C 131 28.81 -42.51 31.55
CA LEU C 131 29.90 -41.70 31.04
C LEU C 131 30.85 -42.38 30.06
N LYS C 132 31.19 -43.65 30.30
CA LYS C 132 32.09 -44.36 29.39
C LYS C 132 31.49 -44.46 28.00
N LYS C 133 30.24 -44.89 27.93
CA LYS C 133 29.56 -45.02 26.65
C LYS C 133 29.45 -43.64 25.98
N LEU C 134 29.16 -42.61 26.79
CA LEU C 134 29.01 -41.27 26.27
C LEU C 134 30.30 -40.82 25.57
N ASP C 136 32.36 -42.62 24.01
CA ASP C 136 32.45 -43.27 22.70
C ASP C 136 31.63 -42.48 21.69
N ILE C 137 30.40 -42.17 22.08
CA ILE C 137 29.48 -41.43 21.24
C ILE C 137 30.08 -40.08 20.84
N LEU C 138 30.65 -39.36 21.80
CA LEU C 138 31.22 -38.07 21.52
C LEU C 138 32.43 -38.17 20.60
N TYR C 139 33.21 -39.24 20.77
CA TYR C 139 34.38 -39.45 19.95
C TYR C 139 33.95 -39.66 18.49
N ASP C 140 32.94 -40.50 18.29
CA ASP C 140 32.45 -40.76 16.95
C ASP C 140 31.91 -39.50 16.28
N LYS C 141 31.58 -38.49 17.08
CA LYS C 141 31.06 -37.25 16.52
C LYS C 141 32.18 -36.32 16.12
N GLY C 142 33.42 -36.75 16.37
CA GLY C 142 34.55 -35.91 16.01
C GLY C 142 35.08 -35.07 17.15
N ILE C 143 34.48 -35.22 18.33
CA ILE C 143 34.91 -34.46 19.49
C ILE C 143 36.06 -35.23 20.12
N LYS C 144 37.29 -34.79 19.90
CA LYS C 144 38.41 -35.49 20.48
C LYS C 144 39.07 -34.86 21.70
N SER C 145 38.67 -33.65 22.04
CA SER C 145 39.24 -32.98 23.20
C SER C 145 38.05 -32.29 23.87
N ILE C 146 37.96 -32.44 25.19
CA ILE C 146 36.89 -31.85 25.95
C ILE C 146 37.36 -31.19 27.23
N LEU C 147 36.87 -29.97 27.47
CA LEU C 147 37.23 -29.25 28.67
C LEU C 147 36.08 -29.56 29.61
N LEU C 148 36.38 -30.28 30.70
CA LEU C 148 35.34 -30.63 31.67
C LEU C 148 35.36 -29.55 32.74
N GLU C 149 34.26 -28.80 32.87
CA GLU C 149 34.21 -27.74 33.88
C GLU C 149 33.45 -28.13 35.13
N GLY C 150 32.99 -29.37 35.18
CA GLY C 150 32.26 -29.88 36.32
C GLY C 150 30.74 -29.73 36.39
N GLY C 151 30.22 -29.44 37.57
CA GLY C 151 31.04 -29.27 38.75
C GLY C 151 31.32 -30.52 39.55
N GLY C 152 31.37 -30.28 40.85
CA GLY C 152 31.64 -31.30 41.84
C GLY C 152 31.11 -32.71 41.70
N THR C 153 29.83 -32.86 41.40
CA THR C 153 29.25 -34.17 41.25
C THR C 153 29.65 -34.85 39.96
N LEU C 154 29.66 -34.09 38.87
CA LEU C 154 30.05 -34.68 37.59
C LEU C 154 31.54 -35.03 37.65
N ASN C 155 32.35 -34.19 38.27
CA ASN C 155 33.78 -34.47 38.37
C ASN C 155 33.96 -35.82 39.06
N TRP C 156 33.21 -36.07 40.12
CA TRP C 156 33.36 -37.34 40.81
C TRP C 156 33.06 -38.47 39.82
N GLY C 157 31.95 -38.34 39.10
CA GLY C 157 31.59 -39.36 38.14
C GLY C 157 32.68 -39.62 37.11
N PHE C 159 36.06 -38.83 37.39
CA PHE C 159 37.25 -39.36 38.03
C PHE C 159 37.05 -40.81 38.44
N LYS C 160 35.86 -41.14 38.91
CA LYS C 160 35.57 -42.51 39.33
C LYS C 160 35.76 -43.49 38.19
N GLU C 161 35.38 -43.09 36.98
CA GLU C 161 35.53 -43.97 35.81
C GLU C 161 36.90 -43.79 35.16
N GLY C 162 37.76 -43.01 35.80
CA GLY C 162 39.09 -42.77 35.25
C GLY C 162 39.08 -42.19 33.85
N LEU C 163 38.18 -41.25 33.58
CA LEU C 163 38.09 -40.65 32.25
C LEU C 163 38.82 -39.31 32.11
N VAL C 164 39.41 -38.81 33.19
CA VAL C 164 40.13 -37.55 33.14
C VAL C 164 41.62 -37.74 32.83
N ASP C 165 42.13 -37.03 31.82
CA ASP C 165 43.55 -37.16 31.45
C ASP C 165 44.45 -36.17 32.17
N GLU C 166 44.06 -34.90 32.23
CA GLU C 166 44.89 -33.95 32.93
C GLU C 166 44.04 -32.95 33.72
N VAL C 167 44.67 -32.25 34.64
CA VAL C 167 43.99 -31.29 35.47
C VAL C 167 44.69 -29.96 35.66
N SER C 168 43.92 -28.89 35.61
CA SER C 168 44.46 -27.55 35.80
C SER C 168 43.52 -26.93 36.83
N VAL C 169 44.11 -26.41 37.91
CA VAL C 169 43.34 -25.79 38.96
C VAL C 169 43.82 -24.41 39.31
N TYR C 170 42.90 -23.46 39.41
CA TYR C 170 43.26 -22.12 39.78
C TYR C 170 42.82 -22.02 41.23
N ILE C 171 43.74 -21.69 42.12
CA ILE C 171 43.40 -21.57 43.54
C ILE C 171 43.37 -20.11 43.95
N ALA C 172 42.20 -19.65 44.38
CA ALA C 172 42.03 -18.27 44.81
C ALA C 172 42.51 -18.10 46.24
N PRO C 173 43.08 -16.94 46.57
CA PRO C 173 43.58 -16.67 47.92
C PRO C 173 42.46 -16.37 48.92
N LYS C 174 41.52 -17.31 49.06
CA LYS C 174 40.43 -17.11 50.01
C LYS C 174 39.89 -18.42 50.59
N ILE C 175 39.16 -18.30 51.69
CA ILE C 175 38.58 -19.46 52.36
C ILE C 175 37.08 -19.25 52.60
N PHE C 176 36.27 -20.21 52.14
CA PHE C 176 34.82 -20.15 52.31
C PHE C 176 34.29 -20.92 53.51
N GLY C 177 34.81 -22.13 53.71
CA GLY C 177 34.37 -22.96 54.82
C GLY C 177 33.04 -23.60 54.45
N GLY C 178 32.44 -24.34 55.38
CA GLY C 178 31.16 -24.97 55.09
C GLY C 178 31.19 -26.41 54.65
N LYS C 179 30.74 -27.32 55.52
CA LYS C 179 30.72 -28.74 55.20
C LYS C 179 29.72 -29.05 54.11
N GLU C 180 28.82 -28.10 53.83
CA GLU C 180 27.80 -28.28 52.80
C GLU C 180 28.18 -27.57 51.48
N ALA C 181 29.25 -26.78 51.50
CA ALA C 181 29.69 -26.07 50.30
C ALA C 181 30.22 -27.08 49.28
N PRO C 182 29.99 -26.82 47.99
CA PRO C 182 30.45 -27.69 46.91
C PRO C 182 31.97 -27.68 46.82
N THR C 183 32.59 -28.84 46.58
CA THR C 183 34.05 -28.87 46.48
C THR C 183 34.41 -29.32 45.06
N TYR C 184 35.69 -29.22 44.73
CA TYR C 184 36.19 -29.62 43.41
C TYR C 184 35.63 -31.00 43.04
N VAL C 185 35.68 -31.93 43.99
CA VAL C 185 35.17 -33.27 43.74
C VAL C 185 34.33 -33.76 44.91
N ASP C 186 33.05 -34.00 44.66
CA ASP C 186 32.14 -34.47 45.69
C ASP C 186 31.71 -35.91 45.44
N GLY C 187 30.42 -36.14 45.23
CA GLY C 187 29.96 -37.49 44.99
C GLY C 187 30.25 -38.43 46.16
N GLU C 188 30.31 -39.73 45.86
CA GLU C 188 30.58 -40.78 46.85
C GLU C 188 31.94 -40.64 47.51
N GLY C 189 32.99 -40.58 46.68
CA GLY C 189 34.34 -40.46 47.19
C GLY C 189 35.01 -41.82 47.32
N PHE C 190 36.34 -41.83 47.19
CA PHE C 190 37.11 -43.07 47.30
C PHE C 190 37.26 -43.44 48.76
N LYS C 191 37.16 -44.73 49.08
CA LYS C 191 37.28 -45.19 50.46
C LYS C 191 38.70 -45.21 51.02
N THR C 192 39.68 -45.51 50.18
CA THR C 192 41.07 -45.54 50.64
C THR C 192 42.00 -44.82 49.69
N VAL C 193 43.18 -44.50 50.19
CA VAL C 193 44.17 -43.79 49.39
C VAL C 193 44.62 -44.67 48.24
N ASP C 194 44.60 -45.99 48.46
CA ASP C 194 45.02 -46.93 47.43
C ASP C 194 44.17 -46.85 46.17
N GLU C 195 42.87 -46.62 46.32
CA GLU C 195 42.01 -46.53 45.16
C GLU C 195 41.72 -45.12 44.66
N CYS C 196 42.33 -44.12 45.29
CA CYS C 196 42.11 -42.74 44.88
C CYS C 196 42.85 -42.40 43.60
N VAL C 197 42.51 -41.27 43.00
CA VAL C 197 43.14 -40.81 41.77
C VAL C 197 44.52 -40.24 42.06
N LYS C 198 45.51 -40.69 41.28
CA LYS C 198 46.90 -40.23 41.45
C LYS C 198 47.26 -39.23 40.39
N LEU C 199 47.99 -38.20 40.78
CA LEU C 199 48.40 -37.16 39.84
C LEU C 199 49.88 -36.86 39.91
N GLU C 200 50.34 -36.07 38.94
CA GLU C 200 51.75 -35.68 38.88
C GLU C 200 51.78 -34.17 38.63
N LEU C 201 52.33 -33.43 39.58
CA LEU C 201 52.42 -31.98 39.47
C LEU C 201 53.38 -31.66 38.33
N LYS C 202 52.85 -31.24 37.20
CA LYS C 202 53.70 -30.92 36.05
C LYS C 202 54.13 -29.47 35.96
N ASN C 203 53.26 -28.55 36.38
CA ASN C 203 53.60 -27.14 36.32
C ASN C 203 52.74 -26.28 37.26
N PHE C 204 53.23 -25.09 37.57
CA PHE C 204 52.52 -24.19 38.46
C PHE C 204 53.11 -22.78 38.37
N TYR C 205 52.27 -21.77 38.59
CA TYR C 205 52.73 -20.39 38.53
C TYR C 205 51.64 -19.46 39.03
N ARG C 206 52.04 -18.31 39.58
CA ARG C 206 51.00 -17.41 40.06
C ARG C 206 50.31 -16.74 38.89
N LEU C 207 49.05 -16.42 39.10
CA LEU C 207 48.21 -15.78 38.10
C LEU C 207 47.32 -14.86 38.91
N GLY C 208 47.47 -13.55 38.69
CA GLY C 208 46.68 -12.61 39.44
C GLY C 208 47.10 -12.78 40.89
N GLU C 209 46.12 -12.72 41.79
CA GLU C 209 46.40 -12.87 43.22
C GLU C 209 46.46 -14.34 43.64
N GLY C 210 46.15 -15.24 42.71
CA GLY C 210 46.16 -16.66 43.02
C GLY C 210 47.29 -17.46 42.38
N ILE C 211 47.06 -18.75 42.21
CA ILE C 211 48.05 -19.62 41.60
C ILE C 211 47.42 -20.75 40.81
N VAL C 212 48.07 -21.13 39.73
CA VAL C 212 47.57 -22.21 38.87
C VAL C 212 48.44 -23.45 39.03
N LEU C 213 47.78 -24.61 39.17
CA LEU C 213 48.49 -25.87 39.32
C LEU C 213 48.06 -26.76 38.16
N GLU C 214 49.03 -27.38 37.48
CA GLU C 214 48.74 -28.26 36.37
C GLU C 214 49.25 -29.65 36.66
N PHE C 215 48.35 -30.63 36.54
CA PHE C 215 48.66 -32.02 36.81
C PHE C 215 48.31 -32.92 35.64
N LYS C 216 48.96 -34.08 35.63
CA LYS C 216 48.74 -35.06 34.61
C LYS C 216 48.15 -36.19 35.44
N VAL C 217 47.11 -36.85 34.95
CA VAL C 217 46.53 -37.93 35.73
C VAL C 217 47.28 -39.22 35.42
N LYS C 218 47.74 -39.90 36.46
CA LYS C 218 48.47 -41.14 36.27
C LYS C 218 47.45 -42.28 36.21
N LYS C 219 47.14 -42.70 34.99
CA LYS C 219 46.17 -43.78 34.80
C LYS C 219 46.77 -45.12 35.18
N GLU D 1 -1.22 5.04 9.77
CA GLU D 1 -0.62 3.68 9.54
C GLU D 1 -0.57 3.36 8.05
N LYS D 2 -1.67 3.63 7.34
CA LYS D 2 -1.75 3.37 5.91
C LYS D 2 -1.81 4.69 5.16
N LYS D 3 -0.81 4.92 4.34
CA LYS D 3 -0.74 6.14 3.55
C LYS D 3 0.16 5.94 2.35
N PRO D 4 -0.21 6.53 1.21
CA PRO D 4 0.64 6.36 0.02
C PRO D 4 1.91 7.20 0.15
N TYR D 5 2.92 6.86 -0.63
CA TYR D 5 4.16 7.60 -0.60
C TYR D 5 3.82 8.79 -1.50
N ILE D 6 4.14 9.99 -1.02
CA ILE D 6 3.83 11.19 -1.78
C ILE D 6 4.98 12.04 -2.26
N ILE D 7 5.02 12.25 -3.57
CA ILE D 7 6.05 13.06 -4.19
C ILE D 7 5.44 14.36 -4.67
N SER D 8 6.00 15.48 -4.23
CA SER D 8 5.52 16.79 -4.63
C SER D 8 6.44 17.32 -5.71
N ASN D 9 5.89 17.59 -6.88
CA ASN D 9 6.68 18.11 -7.97
C ASN D 9 6.07 19.40 -8.47
N VAL D 10 6.91 20.32 -8.96
CA VAL D 10 6.40 21.58 -9.43
C VAL D 10 7.41 22.27 -10.34
N GLY D 11 6.91 23.18 -11.16
CA GLY D 11 7.76 23.93 -12.06
C GLY D 11 7.52 25.36 -11.62
N THR D 13 9.21 29.67 -11.10
CA THR D 13 10.16 30.68 -11.50
C THR D 13 11.15 30.83 -10.36
N LEU D 14 12.23 31.57 -10.60
CA LEU D 14 13.23 31.77 -9.59
C LEU D 14 12.62 32.39 -8.34
N ASP D 15 11.58 33.21 -8.54
CA ASP D 15 10.93 33.85 -7.42
C ASP D 15 9.75 33.07 -6.84
N GLY D 16 9.79 31.75 -7.06
CA GLY D 16 8.77 30.84 -6.56
C GLY D 16 7.35 30.90 -7.09
N LYS D 17 7.13 31.55 -8.22
CA LYS D 17 5.78 31.62 -8.76
C LYS D 17 5.45 30.43 -9.66
N LEU D 18 4.18 30.02 -9.63
CA LEU D 18 3.69 28.90 -10.44
C LEU D 18 3.03 29.43 -11.71
N ALA D 19 2.81 30.73 -11.75
CA ALA D 19 2.19 31.40 -12.90
C ALA D 19 2.20 32.89 -12.63
N THR D 20 1.92 33.68 -13.67
CA THR D 20 1.92 35.13 -13.51
C THR D 20 0.59 35.52 -12.87
N ILE D 21 0.40 36.82 -12.60
CA ILE D 21 -0.85 37.27 -11.99
C ILE D 21 -2.00 37.10 -12.99
N ASN D 22 -1.69 36.81 -14.24
CA ASN D 22 -2.72 36.61 -15.26
C ASN D 22 -2.78 35.15 -15.69
N ASN D 23 -2.36 34.29 -14.78
CA ASN D 23 -2.36 32.85 -14.98
C ASN D 23 -1.56 32.29 -16.17
N ASP D 24 -0.51 32.99 -16.59
CA ASP D 24 0.29 32.51 -17.69
C ASP D 24 1.32 31.62 -17.00
N SER D 25 1.28 30.32 -17.29
CA SER D 25 2.22 29.39 -16.67
C SER D 25 3.19 28.64 -17.57
N ARG D 26 3.65 29.28 -18.64
CA ARG D 26 4.59 28.64 -19.54
C ARG D 26 5.97 28.76 -18.87
N ILE D 27 6.19 27.90 -17.88
CA ILE D 27 7.42 27.87 -17.11
C ILE D 27 8.37 26.75 -17.52
N SER D 28 7.90 25.50 -17.44
CA SER D 28 8.72 24.35 -17.80
C SER D 28 9.00 24.21 -19.29
N CYS D 29 10.21 23.80 -19.59
CA CYS D 29 10.66 23.59 -20.95
C CYS D 29 10.26 22.18 -21.34
N GLU D 30 10.71 21.73 -22.51
CA GLU D 30 10.40 20.41 -22.99
C GLU D 30 11.09 19.31 -22.17
N GLU D 31 12.37 19.52 -21.86
CA GLU D 31 13.11 18.53 -21.07
C GLU D 31 12.43 18.25 -19.76
N ASP D 32 11.93 19.29 -19.09
CA ASP D 32 11.26 19.10 -17.82
C ASP D 32 9.94 18.36 -17.95
N LEU D 33 9.19 18.64 -19.02
CA LEU D 33 7.92 17.96 -19.20
C LEU D 33 8.15 16.46 -19.36
N ILE D 34 9.24 16.08 -20.04
CA ILE D 34 9.53 14.67 -20.22
C ILE D 34 9.79 14.07 -18.84
N ARG D 35 10.61 14.77 -18.05
CA ARG D 35 10.94 14.31 -16.71
C ARG D 35 9.67 14.09 -15.90
N VAL D 36 8.76 15.07 -15.97
CA VAL D 36 7.52 14.96 -15.23
C VAL D 36 6.67 13.77 -15.70
N HIS D 37 6.59 13.58 -17.00
CA HIS D 37 5.80 12.47 -17.50
C HIS D 37 6.41 11.12 -17.13
N LYS D 38 7.72 11.08 -16.98
CA LYS D 38 8.37 9.82 -16.61
C LYS D 38 7.93 9.52 -15.19
N ILE D 39 7.83 10.56 -14.36
CA ILE D 39 7.41 10.36 -12.98
C ILE D 39 5.95 9.93 -12.97
N ARG D 40 5.13 10.55 -13.82
CA ARG D 40 3.72 10.19 -13.90
C ARG D 40 3.56 8.73 -14.28
N ALA D 41 4.43 8.27 -15.17
CA ALA D 41 4.38 6.88 -15.61
C ALA D 41 4.80 5.90 -14.52
N ASN D 42 5.40 6.41 -13.44
CA ASN D 42 5.83 5.52 -12.37
C ASN D 42 5.08 5.59 -11.04
N VAL D 43 3.99 6.33 -10.98
CA VAL D 43 3.23 6.42 -9.73
C VAL D 43 1.85 5.83 -9.94
N ASP D 44 1.16 5.51 -8.85
CA ASP D 44 -0.16 4.94 -8.96
C ASP D 44 -1.23 6.01 -9.20
N GLY D 45 -0.97 7.23 -8.74
CA GLY D 45 -1.92 8.30 -8.94
C GLY D 45 -1.31 9.68 -9.01
N ILE D 46 -2.06 10.61 -9.59
CA ILE D 46 -1.63 11.99 -9.74
C ILE D 46 -2.72 12.77 -8.99
N VAL D 48 -4.23 16.60 -7.72
CA VAL D 48 -4.25 18.02 -8.01
C VAL D 48 -5.46 18.69 -7.31
N GLY D 49 -5.36 19.99 -7.04
CA GLY D 49 -6.45 20.68 -6.38
C GLY D 49 -7.46 21.26 -7.39
N ILE D 50 -8.69 21.46 -6.94
CA ILE D 50 -9.73 22.02 -7.80
C ILE D 50 -9.28 23.34 -8.42
N GLY D 51 -8.57 24.16 -7.63
CA GLY D 51 -8.11 25.43 -8.14
C GLY D 51 -7.35 25.29 -9.45
N THR D 52 -6.47 24.30 -9.53
CA THR D 52 -5.70 24.08 -10.73
C THR D 52 -6.56 23.59 -11.88
N VAL D 53 -7.53 22.74 -11.56
CA VAL D 53 -8.41 22.21 -12.60
C VAL D 53 -9.21 23.36 -13.22
N LEU D 54 -9.74 24.26 -12.40
CA LEU D 54 -10.53 25.39 -12.88
C LEU D 54 -9.71 26.34 -13.75
N LYS D 55 -8.46 26.58 -13.37
CA LYS D 55 -7.62 27.49 -14.13
C LYS D 55 -6.88 26.93 -15.33
N ASP D 56 -6.51 25.66 -15.28
CA ASP D 56 -5.77 25.06 -16.39
C ASP D 56 -6.44 23.93 -17.17
N ASP D 57 -7.49 23.35 -16.61
CA ASP D 57 -8.19 22.24 -17.27
C ASP D 57 -7.17 21.21 -17.79
N PRO D 58 -6.33 20.67 -16.90
CA PRO D 58 -5.33 19.68 -17.29
C PRO D 58 -5.89 18.28 -17.51
N ARG D 59 -5.13 17.44 -18.21
CA ARG D 59 -5.55 16.07 -18.48
C ARG D 59 -4.99 15.12 -17.42
N LEU D 60 -3.80 15.43 -16.93
CA LEU D 60 -3.09 14.66 -15.92
C LEU D 60 -2.85 13.22 -16.36
N THR D 61 -2.32 13.06 -17.57
CA THR D 61 -2.04 11.74 -18.11
C THR D 61 -0.61 11.66 -18.65
N VAL D 62 -0.19 10.48 -19.06
CA VAL D 62 1.14 10.30 -19.62
C VAL D 62 1.00 10.50 -21.13
N HIS D 63 1.59 11.57 -21.66
CA HIS D 63 1.50 11.84 -23.10
C HIS D 63 2.72 12.54 -23.70
N LYS D 64 3.85 12.49 -23.02
CA LYS D 64 5.07 13.13 -23.51
C LYS D 64 6.08 12.03 -23.78
N ILE D 65 5.70 10.81 -23.43
CA ILE D 65 6.51 9.63 -23.60
C ILE D 65 5.48 8.54 -23.89
N LYS D 66 5.92 7.31 -24.17
CA LYS D 66 4.95 6.26 -24.44
C LYS D 66 4.71 5.42 -23.18
N SER D 67 3.45 5.08 -22.94
CA SER D 67 3.08 4.28 -21.77
C SER D 67 1.95 3.31 -22.10
N ASP D 68 1.81 2.27 -21.27
CA ASP D 68 0.75 1.29 -21.49
C ASP D 68 -0.49 1.60 -20.64
N ARG D 69 -0.32 2.31 -19.53
CA ARG D 69 -1.45 2.66 -18.67
C ARG D 69 -1.23 4.04 -18.04
N ASN D 70 -2.32 4.62 -17.54
CA ASN D 70 -2.28 5.92 -16.90
C ASN D 70 -2.61 5.76 -15.42
N PRO D 71 -2.05 6.63 -14.58
CA PRO D 71 -2.33 6.52 -13.14
C PRO D 71 -3.67 7.15 -12.83
N VAL D 72 -4.24 6.78 -11.68
CA VAL D 72 -5.52 7.31 -11.27
C VAL D 72 -5.38 8.82 -11.05
N ARG D 73 -6.37 9.59 -11.48
CA ARG D 73 -6.35 11.05 -11.32
C ARG D 73 -7.21 11.38 -10.10
N ILE D 74 -6.67 12.15 -9.17
CA ILE D 74 -7.39 12.53 -7.97
C ILE D 74 -7.50 14.04 -7.87
N VAL D 75 -8.72 14.53 -7.69
CA VAL D 75 -8.97 15.96 -7.59
C VAL D 75 -9.59 16.28 -6.22
N VAL D 76 -8.94 17.15 -5.46
CA VAL D 76 -9.46 17.54 -4.15
C VAL D 76 -10.37 18.70 -4.46
N ASP D 77 -11.68 18.49 -4.27
CA ASP D 77 -12.71 19.48 -4.56
C ASP D 77 -13.80 19.51 -3.48
N SER D 78 -13.62 20.34 -2.47
CA SER D 78 -14.57 20.48 -1.37
C SER D 78 -16.04 20.67 -1.71
N LYS D 79 -16.32 21.58 -2.63
CA LYS D 79 -17.69 21.84 -3.02
C LYS D 79 -18.13 21.22 -4.33
N LEU D 80 -17.31 20.32 -4.88
CA LEU D 80 -17.64 19.66 -6.15
C LEU D 80 -17.84 20.69 -7.26
N ARG D 81 -16.87 21.58 -7.43
CA ARG D 81 -16.97 22.60 -8.46
C ARG D 81 -16.33 22.16 -9.78
N VAL D 82 -15.81 20.95 -9.83
CA VAL D 82 -15.19 20.46 -11.05
C VAL D 82 -16.21 20.53 -12.19
N PRO D 83 -15.87 21.26 -13.26
CA PRO D 83 -16.74 21.43 -14.42
C PRO D 83 -17.08 20.07 -15.03
N LEU D 84 -18.36 19.84 -15.34
CA LEU D 84 -18.80 18.57 -15.92
C LEU D 84 -18.06 18.23 -17.22
N ASN D 85 -17.50 19.24 -17.88
CA ASN D 85 -16.79 19.00 -19.12
C ASN D 85 -15.27 19.16 -18.98
N ALA D 86 -14.77 19.08 -17.74
CA ALA D 86 -13.33 19.21 -17.51
C ALA D 86 -12.61 18.01 -18.11
N ARG D 87 -11.44 18.24 -18.71
CA ARG D 87 -10.70 17.14 -19.32
C ARG D 87 -10.30 16.07 -18.31
N VAL D 88 -10.10 16.47 -17.05
CA VAL D 88 -9.71 15.51 -16.02
C VAL D 88 -10.79 14.46 -15.83
N LEU D 89 -11.97 14.70 -16.40
CA LEU D 89 -13.08 13.77 -16.30
C LEU D 89 -13.24 12.91 -17.55
N ASN D 90 -12.33 13.06 -18.51
CA ASN D 90 -12.44 12.27 -19.73
C ASN D 90 -12.14 10.79 -19.46
N LYS D 91 -12.13 9.99 -20.52
CA LYS D 91 -11.88 8.57 -20.40
C LYS D 91 -10.45 8.06 -20.55
N ASP D 92 -9.48 8.96 -20.65
CA ASP D 92 -8.10 8.53 -20.81
C ASP D 92 -7.60 7.77 -19.58
N ALA D 93 -8.26 7.97 -18.44
CA ALA D 93 -7.83 7.29 -17.22
C ALA D 93 -8.91 7.33 -16.17
N LYS D 94 -8.69 6.59 -15.09
CA LYS D 94 -9.65 6.55 -14.00
C LYS D 94 -9.55 7.86 -13.23
N THR D 95 -10.68 8.33 -12.70
CA THR D 95 -10.67 9.57 -11.95
C THR D 95 -11.46 9.49 -10.66
N ILE D 96 -10.90 10.09 -9.62
CA ILE D 96 -11.53 10.12 -8.31
C ILE D 96 -11.63 11.57 -7.90
N ILE D 97 -12.81 12.00 -7.49
CA ILE D 97 -13.00 13.37 -7.04
C ILE D 97 -13.23 13.27 -5.53
N ALA D 98 -12.33 13.88 -4.75
CA ALA D 98 -12.46 13.85 -3.30
C ALA D 98 -13.17 15.14 -2.89
N THR D 99 -14.35 15.00 -2.30
CA THR D 99 -15.12 16.16 -1.86
C THR D 99 -15.48 15.97 -0.38
N THR D 100 -16.17 16.95 0.21
CA THR D 100 -16.56 16.86 1.61
C THR D 100 -17.86 16.11 1.79
N GLU D 101 -18.17 15.78 3.04
CA GLU D 101 -19.40 15.05 3.36
C GLU D 101 -20.59 16.00 3.41
N ASP D 102 -20.32 17.29 3.32
CA ASP D 102 -21.40 18.29 3.35
C ASP D 102 -22.25 18.02 2.13
N THR D 103 -23.55 18.26 2.23
CA THR D 103 -24.41 18.01 1.08
C THR D 103 -25.58 18.95 0.91
N ASN D 104 -26.13 18.91 -0.30
CA ASN D 104 -27.29 19.71 -0.70
C ASN D 104 -27.83 18.99 -1.93
N GLU D 105 -29.09 19.25 -2.27
CA GLU D 105 -29.74 18.63 -3.42
C GLU D 105 -28.99 18.68 -4.74
N GLU D 106 -28.44 19.84 -5.06
CA GLU D 106 -27.70 20.00 -6.30
C GLU D 106 -26.40 19.21 -6.35
N LYS D 107 -25.69 19.17 -5.24
CA LYS D 107 -24.44 18.44 -5.17
C LYS D 107 -24.71 16.95 -5.36
N GLU D 108 -25.78 16.44 -4.77
CA GLU D 108 -26.12 15.02 -4.91
C GLU D 108 -26.39 14.68 -6.36
N LYS D 109 -27.06 15.59 -7.06
CA LYS D 109 -27.39 15.38 -8.47
C LYS D 109 -26.11 15.34 -9.29
N LYS D 110 -25.23 16.30 -9.04
CA LYS D 110 -23.97 16.36 -9.76
C LYS D 110 -23.17 15.08 -9.55
N ILE D 111 -23.23 14.53 -8.34
CA ILE D 111 -22.52 13.30 -8.05
C ILE D 111 -23.07 12.17 -8.90
N LYS D 112 -24.38 12.15 -9.10
CA LYS D 112 -25.03 11.11 -9.90
C LYS D 112 -24.52 11.18 -11.33
N ILE D 113 -24.44 12.40 -11.85
CA ILE D 113 -23.97 12.64 -13.21
C ILE D 113 -22.52 12.19 -13.37
N LEU D 114 -21.69 12.54 -12.40
CA LEU D 114 -20.29 12.16 -12.43
C LEU D 114 -20.11 10.65 -12.41
N GLU D 115 -20.89 9.96 -11.58
CA GLU D 115 -20.80 8.53 -11.48
C GLU D 115 -21.27 7.88 -12.77
N ASP D 116 -22.26 8.47 -13.40
CA ASP D 116 -22.80 7.95 -14.64
C ASP D 116 -21.68 8.02 -15.69
N GLY D 118 -18.69 7.48 -15.10
CA GLY D 118 -17.61 6.62 -14.68
C GLY D 118 -16.60 7.23 -13.73
N VAL D 119 -16.98 8.36 -13.15
CA VAL D 119 -16.10 9.04 -12.22
C VAL D 119 -16.48 8.63 -10.81
N GLU D 120 -15.48 8.32 -9.99
CA GLU D 120 -15.77 7.91 -8.63
C GLU D 120 -15.72 9.12 -7.72
N VAL D 121 -16.69 9.24 -6.82
CA VAL D 121 -16.72 10.37 -5.89
C VAL D 121 -16.55 9.90 -4.45
N VAL D 122 -15.51 10.38 -3.79
CA VAL D 122 -15.24 10.02 -2.40
C VAL D 122 -15.54 11.20 -1.48
N LYS D 123 -16.37 10.96 -0.48
CA LYS D 123 -16.72 12.01 0.50
C LYS D 123 -15.81 11.84 1.69
N CYS D 124 -15.14 12.90 2.09
CA CYS D 124 -14.22 12.79 3.21
C CYS D 124 -13.91 14.11 3.91
N GLY D 125 -14.55 14.37 5.04
CA GLY D 125 -14.32 15.60 5.77
C GLY D 125 -15.48 16.58 5.76
N ARG D 126 -15.38 17.63 6.56
CA ARG D 126 -16.41 18.67 6.66
C ARG D 126 -15.77 20.02 6.39
N GLY D 127 -16.44 20.89 5.62
CA GLY D 127 -15.90 22.20 5.33
C GLY D 127 -14.82 22.13 4.27
N LYS D 128 -13.79 21.33 4.53
CA LYS D 128 -12.70 21.16 3.59
C LYS D 128 -12.38 19.67 3.61
N VAL D 129 -11.73 19.17 2.56
CA VAL D 129 -11.43 17.74 2.52
C VAL D 129 -10.39 17.37 3.58
N ASP D 130 -10.65 16.27 4.28
CA ASP D 130 -9.76 15.77 5.33
C ASP D 130 -8.68 14.96 4.62
N LEU D 131 -7.56 15.60 4.32
CA LEU D 131 -6.45 14.96 3.64
C LEU D 131 -5.92 13.68 4.28
N LYS D 132 -5.80 13.65 5.61
CA LYS D 132 -5.29 12.44 6.28
C LYS D 132 -6.21 11.27 6.02
N LYS D 133 -7.50 11.47 6.21
CA LYS D 133 -8.46 10.39 5.99
C LYS D 133 -8.45 9.98 4.53
N LEU D 134 -8.32 10.95 3.63
CA LEU D 134 -8.32 10.65 2.20
C LEU D 134 -7.14 9.74 1.87
N ASP D 136 -5.88 7.49 3.64
CA ASP D 136 -6.21 6.16 4.07
C ASP D 136 -7.07 5.48 3.01
N ILE D 137 -8.10 6.18 2.57
CA ILE D 137 -9.00 5.68 1.55
C ILE D 137 -8.25 5.35 0.26
N LEU D 138 -7.35 6.23 -0.16
CA LEU D 138 -6.59 5.98 -1.37
C LEU D 138 -5.68 4.79 -1.22
N TYR D 139 -5.09 4.62 -0.04
CA TYR D 139 -4.21 3.50 0.19
C TYR D 139 -4.99 2.19 0.07
N ASP D 140 -6.17 2.15 0.68
CA ASP D 140 -7.00 0.93 0.62
C ASP D 140 -7.42 0.59 -0.81
N LYS D 141 -7.34 1.57 -1.71
CA LYS D 141 -7.72 1.34 -3.09
C LYS D 141 -6.54 0.80 -3.86
N GLY D 142 -5.39 0.66 -3.19
CA GLY D 142 -4.23 0.13 -3.87
C GLY D 142 -3.29 1.21 -4.40
N ILE D 143 -3.62 2.47 -4.16
CA ILE D 143 -2.79 3.57 -4.61
C ILE D 143 -1.71 3.79 -3.54
N LYS D 144 -0.50 3.33 -3.80
CA LYS D 144 0.56 3.50 -2.82
C LYS D 144 1.59 4.59 -3.11
N SER D 145 1.54 5.18 -4.30
CA SER D 145 2.47 6.23 -4.64
C SER D 145 1.64 7.26 -5.40
N ILE D 146 1.82 8.52 -5.05
CA ILE D 146 1.09 9.60 -5.68
C ILE D 146 1.97 10.78 -6.02
N LEU D 147 1.79 11.31 -7.22
CA LEU D 147 2.56 12.47 -7.63
C LEU D 147 1.60 13.62 -7.36
N LEU D 148 1.99 14.49 -6.43
CA LEU D 148 1.17 15.64 -6.07
C LEU D 148 1.62 16.81 -6.96
N GLU D 149 0.76 17.33 -7.81
CA GLU D 149 1.14 18.43 -8.68
C GLU D 149 0.62 19.79 -8.20
N GLY D 150 -0.07 19.78 -7.07
CA GLY D 150 -0.60 21.01 -6.51
C GLY D 150 -2.00 21.47 -6.90
N GLY D 151 -2.18 22.77 -7.05
CA GLY D 151 -1.11 23.70 -6.86
C GLY D 151 -0.92 24.25 -5.46
N GLY D 152 -0.53 25.51 -5.45
CA GLY D 152 -0.27 26.26 -4.25
C GLY D 152 -1.09 26.07 -2.99
N THR D 153 -2.40 26.09 -3.11
CA THR D 153 -3.27 25.92 -1.97
C THR D 153 -3.31 24.49 -1.47
N LEU D 154 -3.38 23.55 -2.39
CA LEU D 154 -3.43 22.16 -1.99
C LEU D 154 -2.07 21.76 -1.39
N ASN D 155 -0.98 22.29 -1.96
CA ASN D 155 0.35 21.96 -1.43
C ASN D 155 0.40 22.38 0.02
N TRP D 156 -0.13 23.57 0.33
CA TRP D 156 -0.11 24.02 1.72
C TRP D 156 -0.82 22.99 2.58
N GLY D 157 -2.01 22.59 2.16
CA GLY D 157 -2.78 21.62 2.91
C GLY D 157 -2.02 20.34 3.16
N PHE D 159 1.40 19.86 3.02
CA PHE D 159 2.58 20.09 3.84
C PHE D 159 2.18 20.35 5.30
N LYS D 160 1.08 21.07 5.48
CA LYS D 160 0.61 21.37 6.82
C LYS D 160 0.35 20.09 7.60
N GLU D 161 -0.23 19.08 6.95
CA GLU D 161 -0.51 17.82 7.61
C GLU D 161 0.69 16.88 7.55
N GLY D 162 1.82 17.36 7.04
CA GLY D 162 3.01 16.55 6.94
C GLY D 162 2.81 15.27 6.14
N LEU D 163 2.09 15.36 5.02
CA LEU D 163 1.83 14.19 4.19
C LEU D 163 2.76 14.04 3.00
N VAL D 164 3.67 14.99 2.81
CA VAL D 164 4.61 14.91 1.68
C VAL D 164 5.91 14.22 2.09
N ASP D 165 6.33 13.23 1.30
CA ASP D 165 7.57 12.50 1.58
C ASP D 165 8.79 13.07 0.90
N GLU D 166 8.68 13.42 -0.37
CA GLU D 166 9.84 14.00 -1.05
C GLU D 166 9.41 15.09 -2.00
N VAL D 167 10.37 15.91 -2.40
CA VAL D 167 10.10 17.02 -3.30
C VAL D 167 11.07 17.18 -4.45
N SER D 168 10.56 17.50 -5.63
CA SER D 168 11.41 17.73 -6.80
C SER D 168 10.86 19.03 -7.36
N VAL D 169 11.75 19.97 -7.58
CA VAL D 169 11.37 21.27 -8.11
C VAL D 169 12.20 21.68 -9.30
N TYR D 170 11.54 22.12 -10.35
CA TYR D 170 12.25 22.55 -11.54
C TYR D 170 12.18 24.07 -11.45
N ILE D 171 13.33 24.73 -11.46
CA ILE D 171 13.34 26.19 -11.38
C ILE D 171 13.71 26.77 -12.72
N ALA D 172 12.80 27.56 -13.29
CA ALA D 172 13.01 28.19 -14.57
C ALA D 172 13.84 29.46 -14.42
N PRO D 173 14.67 29.78 -15.41
CA PRO D 173 15.49 30.98 -15.36
C PRO D 173 14.70 32.25 -15.64
N LYS D 174 13.65 32.49 -14.86
CA LYS D 174 12.85 33.69 -15.07
C LYS D 174 12.21 34.22 -13.79
N ILE D 175 11.78 35.48 -13.83
CA ILE D 175 11.16 36.13 -12.69
C ILE D 175 9.84 36.77 -13.09
N PHE D 176 8.77 36.41 -12.38
CA PHE D 176 7.43 36.94 -12.65
C PHE D 176 7.02 38.11 -11.78
N GLY D 177 7.34 38.03 -10.49
CA GLY D 177 6.99 39.09 -9.57
C GLY D 177 5.50 38.98 -9.24
N GLY D 178 4.99 39.92 -8.44
CA GLY D 178 3.58 39.91 -8.09
C GLY D 178 3.21 39.29 -6.77
N LYS D 179 2.79 40.13 -5.83
CA LYS D 179 2.40 39.65 -4.51
C LYS D 179 1.16 38.77 -4.58
N GLU D 180 0.40 38.87 -5.67
CA GLU D 180 -0.82 38.08 -5.85
C GLU D 180 -0.59 36.84 -6.70
N ALA D 181 0.59 36.71 -7.31
CA ALA D 181 0.88 35.55 -8.13
C ALA D 181 0.95 34.30 -7.24
N PRO D 182 0.50 33.16 -7.76
CA PRO D 182 0.51 31.89 -7.04
C PRO D 182 1.94 31.41 -6.81
N THR D 183 2.23 30.88 -5.63
CA THR D 183 3.58 30.38 -5.35
C THR D 183 3.53 28.88 -5.13
N TYR D 184 4.69 28.24 -5.06
CA TYR D 184 4.77 26.80 -4.85
C TYR D 184 3.88 26.42 -3.65
N VAL D 185 3.94 27.20 -2.58
CA VAL D 185 3.11 26.89 -1.42
C VAL D 185 2.49 28.17 -0.87
N ASP D 186 1.16 28.20 -0.88
CA ASP D 186 0.40 29.36 -0.41
C ASP D 186 -0.35 29.02 0.87
N GLY D 187 -1.67 29.19 0.85
CA GLY D 187 -2.45 28.89 2.04
C GLY D 187 -2.11 29.81 3.20
N GLU D 188 -2.35 29.33 4.41
CA GLU D 188 -2.09 30.08 5.64
C GLU D 188 -0.61 30.37 5.87
N GLY D 189 0.21 29.32 5.84
CA GLY D 189 1.64 29.49 6.05
C GLY D 189 2.03 29.25 7.50
N PHE D 190 3.25 28.78 7.72
CA PHE D 190 3.72 28.53 9.08
C PHE D 190 4.14 29.85 9.71
N LYS D 191 3.85 30.02 11.00
CA LYS D 191 4.21 31.25 11.70
C LYS D 191 5.67 31.42 12.06
N THR D 192 6.36 30.33 12.35
CA THR D 192 7.77 30.40 12.72
C THR D 192 8.59 29.36 11.99
N VAL D 193 9.90 29.58 11.96
CA VAL D 193 10.80 28.65 11.30
C VAL D 193 10.78 27.32 12.04
N ASP D 194 10.56 27.37 13.34
CA ASP D 194 10.53 26.16 14.16
C ASP D 194 9.46 25.17 13.72
N GLU D 195 8.31 25.68 13.30
CA GLU D 195 7.24 24.78 12.87
C GLU D 195 7.14 24.56 11.35
N CYS D 196 8.06 25.15 10.59
CA CYS D 196 8.04 25.00 9.15
C CYS D 196 8.54 23.62 8.72
N VAL D 197 8.32 23.29 7.46
CA VAL D 197 8.74 22.02 6.90
C VAL D 197 10.24 22.01 6.63
N LYS D 198 10.91 20.97 7.09
CA LYS D 198 12.36 20.82 6.91
C LYS D 198 12.67 19.84 5.79
N LEU D 199 13.67 20.16 5.00
CA LEU D 199 14.05 19.31 3.89
C LEU D 199 15.54 19.03 3.87
N GLU D 200 15.94 18.09 3.01
CA GLU D 200 17.32 17.73 2.86
C GLU D 200 17.61 17.69 1.35
N LEU D 201 18.51 18.56 0.89
CA LEU D 201 18.87 18.61 -0.51
C LEU D 201 19.61 17.32 -0.86
N LYS D 202 18.94 16.42 -1.56
CA LYS D 202 19.55 15.15 -1.94
C LYS D 202 20.24 15.17 -3.29
N ASN D 203 19.69 15.90 -4.24
CA ASN D 203 20.28 15.95 -5.56
C ASN D 203 19.88 17.18 -6.36
N PHE D 204 20.66 17.50 -7.39
CA PHE D 204 20.37 18.66 -8.23
C PHE D 204 21.18 18.60 -9.51
N TYR D 205 20.65 19.17 -10.58
CA TYR D 205 21.35 19.18 -11.86
C TYR D 205 20.62 20.05 -12.85
N ARG D 206 21.34 20.62 -13.81
CA ARG D 206 20.65 21.45 -14.76
C ARG D 206 19.85 20.59 -15.73
N LEU D 207 18.77 21.17 -16.22
CA LEU D 207 17.88 20.51 -17.16
C LEU D 207 17.43 21.64 -18.07
N GLY D 208 17.78 21.54 -19.34
CA GLY D 208 17.40 22.59 -20.26
C GLY D 208 18.09 23.84 -19.77
N GLU D 209 17.38 24.97 -19.83
CA GLU D 209 17.93 26.25 -19.39
C GLU D 209 17.78 26.44 -17.87
N GLY D 210 17.10 25.50 -17.23
CA GLY D 210 16.89 25.61 -15.79
C GLY D 210 17.66 24.61 -14.95
N ILE D 211 17.14 24.34 -13.76
CA ILE D 211 17.78 23.40 -12.84
C ILE D 211 16.75 22.66 -12.01
N VAL D 212 17.03 21.40 -11.70
CA VAL D 212 16.13 20.60 -10.91
C VAL D 212 16.73 20.34 -9.53
N LEU D 213 15.92 20.49 -8.48
CA LEU D 213 16.37 20.28 -7.11
C LEU D 213 15.52 19.15 -6.54
N GLU D 214 16.16 18.18 -5.89
CA GLU D 214 15.46 17.06 -5.30
C GLU D 214 15.71 17.02 -3.81
N PHE D 215 14.64 17.02 -3.03
CA PHE D 215 14.73 16.98 -1.58
C PHE D 215 13.93 15.85 -0.98
N LYS D 216 14.30 15.50 0.25
CA LYS D 216 13.63 14.46 0.99
C LYS D 216 13.03 15.27 2.13
N VAL D 217 11.79 15.00 2.52
CA VAL D 217 11.20 15.76 3.60
C VAL D 217 11.59 15.09 4.91
N LYS D 218 12.11 15.87 5.85
CA LYS D 218 12.51 15.34 7.14
C LYS D 218 11.30 15.38 8.05
N LYS D 219 10.64 14.24 8.20
CA LYS D 219 9.46 14.15 9.05
C LYS D 219 9.85 14.21 10.52
N GLU E 1 -45.57 -8.29 -41.02
CA GLU E 1 -44.71 -7.74 -42.09
C GLU E 1 -43.84 -6.59 -41.57
N LYS E 2 -44.38 -5.84 -40.60
CA LYS E 2 -43.68 -4.72 -40.00
C LYS E 2 -42.50 -5.16 -39.14
N LYS E 3 -41.43 -5.58 -39.80
CA LYS E 3 -40.23 -6.03 -39.10
C LYS E 3 -39.02 -5.77 -39.98
N PRO E 4 -38.02 -5.06 -39.44
CA PRO E 4 -36.82 -4.79 -40.23
C PRO E 4 -36.11 -6.08 -40.55
N TYR E 5 -35.41 -6.13 -41.67
CA TYR E 5 -34.69 -7.33 -42.04
C TYR E 5 -33.49 -7.28 -41.10
N ILE E 6 -33.21 -8.38 -40.43
CA ILE E 6 -32.09 -8.40 -39.51
C ILE E 6 -30.94 -9.34 -39.80
N ILE E 7 -29.74 -8.76 -39.91
CA ILE E 7 -28.52 -9.51 -40.17
C ILE E 7 -27.68 -9.54 -38.90
N SER E 8 -27.32 -10.74 -38.47
CA SER E 8 -26.52 -10.91 -37.28
C SER E 8 -25.09 -11.19 -37.72
N ASN E 9 -24.16 -10.33 -37.32
CA ASN E 9 -22.76 -10.52 -37.69
C ASN E 9 -21.92 -10.55 -36.43
N VAL E 10 -20.84 -11.30 -36.48
CA VAL E 10 -19.97 -11.39 -35.33
C VAL E 10 -18.61 -11.91 -35.71
N GLY E 11 -17.63 -11.64 -34.84
CA GLY E 11 -16.27 -12.08 -35.06
C GLY E 11 -16.01 -12.93 -33.83
N THR E 13 -13.85 -16.61 -31.99
CA THR E 13 -12.72 -17.53 -32.03
C THR E 13 -13.29 -18.88 -32.47
N LEU E 14 -12.42 -19.83 -32.74
CA LEU E 14 -12.87 -21.13 -33.17
C LEU E 14 -13.76 -21.76 -32.10
N ASP E 15 -13.49 -21.44 -30.83
CA ASP E 15 -14.32 -22.01 -29.77
C ASP E 15 -15.52 -21.15 -29.39
N GLY E 16 -15.95 -20.33 -30.34
CA GLY E 16 -17.10 -19.44 -30.17
C GLY E 16 -17.07 -18.28 -29.22
N LYS E 17 -15.88 -17.86 -28.79
CA LYS E 17 -15.78 -16.75 -27.87
C LYS E 17 -15.75 -15.40 -28.56
N LEU E 18 -16.37 -14.39 -27.95
CA LEU E 18 -16.41 -13.05 -28.50
C LEU E 18 -15.31 -12.20 -27.87
N ALA E 19 -14.69 -12.73 -26.82
CA ALA E 19 -13.62 -12.04 -26.09
C ALA E 19 -13.10 -13.01 -25.05
N THR E 20 -11.95 -12.70 -24.44
CA THR E 20 -11.40 -13.57 -23.42
C THR E 20 -12.13 -13.26 -22.12
N ILE E 21 -11.77 -13.96 -21.05
CA ILE E 21 -12.38 -13.77 -19.75
C ILE E 21 -12.03 -12.39 -19.19
N ASN E 22 -11.05 -11.72 -19.81
CA ASN E 22 -10.61 -10.40 -19.37
C ASN E 22 -11.00 -9.33 -20.39
N ASN E 23 -12.04 -9.63 -21.16
CA ASN E 23 -12.56 -8.75 -22.19
C ASN E 23 -11.63 -8.31 -23.31
N ASP E 24 -10.64 -9.12 -23.62
CA ASP E 24 -9.71 -8.78 -24.69
C ASP E 24 -10.41 -9.34 -25.95
N SER E 25 -10.82 -8.45 -26.85
CA SER E 25 -11.51 -8.91 -28.06
C SER E 25 -10.84 -8.64 -29.40
N ARG E 26 -9.52 -8.69 -29.42
CA ARG E 26 -8.78 -8.46 -30.66
C ARG E 26 -8.88 -9.76 -31.47
N ILE E 27 -10.05 -9.98 -32.07
CA ILE E 27 -10.31 -11.17 -32.86
C ILE E 27 -10.23 -10.95 -34.38
N SER E 28 -11.06 -10.03 -34.88
CA SER E 28 -11.09 -9.72 -36.32
C SER E 28 -9.85 -9.01 -36.82
N CYS E 29 -9.44 -9.41 -38.03
CA CYS E 29 -8.27 -8.82 -38.67
C CYS E 29 -8.77 -7.59 -39.43
N GLU E 30 -7.90 -7.01 -40.23
CA GLU E 30 -8.25 -5.83 -41.01
C GLU E 30 -9.25 -6.15 -42.13
N GLU E 31 -9.02 -7.25 -42.85
CA GLU E 31 -9.91 -7.63 -43.93
C GLU E 31 -11.35 -7.74 -43.43
N ASP E 32 -11.53 -8.36 -42.27
CA ASP E 32 -12.86 -8.52 -41.73
C ASP E 32 -13.51 -7.21 -41.33
N LEU E 33 -12.72 -6.29 -40.76
CA LEU E 33 -13.28 -5.02 -40.36
C LEU E 33 -13.81 -4.27 -41.59
N ILE E 34 -13.12 -4.39 -42.72
CA ILE E 34 -13.57 -3.72 -43.93
C ILE E 34 -14.92 -4.34 -44.31
N ARG E 35 -14.98 -5.67 -44.31
CA ARG E 35 -16.21 -6.39 -44.65
C ARG E 35 -17.36 -5.90 -43.77
N VAL E 36 -17.10 -5.79 -42.48
CA VAL E 36 -18.11 -5.36 -41.53
C VAL E 36 -18.58 -3.93 -41.83
N HIS E 37 -17.64 -3.04 -42.10
CA HIS E 37 -18.03 -1.68 -42.38
C HIS E 37 -18.79 -1.56 -43.69
N LYS E 38 -18.53 -2.45 -44.63
CA LYS E 38 -19.25 -2.39 -45.89
C LYS E 38 -20.70 -2.74 -45.58
N ILE E 39 -20.91 -3.68 -44.67
CA ILE E 39 -22.26 -4.09 -44.31
C ILE E 39 -22.92 -2.92 -43.57
N ARG E 40 -22.15 -2.27 -42.70
CA ARG E 40 -22.68 -1.13 -41.94
C ARG E 40 -23.13 -0.04 -42.89
N ALA E 41 -22.38 0.14 -43.97
CA ALA E 41 -22.70 1.16 -44.96
C ALA E 41 -23.97 0.82 -45.76
N ASN E 42 -24.40 -0.43 -45.69
CA ASN E 42 -25.59 -0.84 -46.42
C ASN E 42 -26.86 -1.13 -45.65
N VAL E 43 -26.89 -0.85 -44.35
CA VAL E 43 -28.10 -1.10 -43.57
C VAL E 43 -28.63 0.21 -43.04
N ASP E 44 -29.88 0.22 -42.60
CA ASP E 44 -30.48 1.43 -42.06
C ASP E 44 -30.06 1.68 -40.63
N GLY E 45 -29.79 0.61 -39.90
CA GLY E 45 -29.38 0.75 -38.51
C GLY E 45 -28.46 -0.35 -37.99
N ILE E 46 -27.75 -0.03 -36.91
CA ILE E 46 -26.83 -0.96 -36.28
C ILE E 46 -27.36 -1.08 -34.87
N VAL E 48 -26.98 -2.87 -30.96
CA VAL E 48 -26.06 -3.46 -30.00
C VAL E 48 -26.68 -3.42 -28.59
N GLY E 49 -26.25 -4.33 -27.71
CA GLY E 49 -26.77 -4.37 -26.36
C GLY E 49 -25.99 -3.48 -25.40
N ILE E 50 -26.62 -3.05 -24.33
CA ILE E 50 -25.95 -2.19 -23.36
C ILE E 50 -24.68 -2.85 -22.83
N GLY E 51 -24.71 -4.17 -22.66
CA GLY E 51 -23.53 -4.87 -22.17
C GLY E 51 -22.30 -4.55 -23.00
N THR E 52 -22.44 -4.55 -24.32
CA THR E 52 -21.32 -4.26 -25.19
C THR E 52 -20.89 -2.81 -25.10
N VAL E 53 -21.87 -1.91 -24.94
CA VAL E 53 -21.55 -0.49 -24.85
C VAL E 53 -20.71 -0.24 -23.58
N LEU E 54 -21.11 -0.86 -22.47
CA LEU E 54 -20.39 -0.68 -21.22
C LEU E 54 -18.97 -1.25 -21.26
N LYS E 55 -18.78 -2.37 -21.93
CA LYS E 55 -17.46 -2.96 -21.99
C LYS E 55 -16.54 -2.46 -23.09
N ASP E 56 -17.09 -2.06 -24.23
CA ASP E 56 -16.25 -1.59 -25.32
C ASP E 56 -16.36 -0.14 -25.76
N ASP E 57 -17.42 0.53 -25.33
CA ASP E 57 -17.63 1.94 -25.70
C ASP E 57 -17.40 2.12 -27.20
N PRO E 58 -18.14 1.39 -28.03
CA PRO E 58 -18.00 1.47 -29.48
C PRO E 58 -18.68 2.71 -30.09
N ARG E 59 -18.27 3.06 -31.31
CA ARG E 59 -18.85 4.21 -32.01
C ARG E 59 -20.01 3.75 -32.88
N LEU E 60 -19.86 2.55 -33.45
CA LEU E 60 -20.87 1.97 -34.32
C LEU E 60 -21.20 2.88 -35.49
N THR E 61 -20.14 3.34 -36.17
CA THR E 61 -20.28 4.22 -37.32
C THR E 61 -19.43 3.64 -38.44
N VAL E 62 -19.55 4.22 -39.64
CA VAL E 62 -18.77 3.73 -40.76
C VAL E 62 -17.49 4.57 -40.80
N HIS E 63 -16.35 3.93 -40.49
CA HIS E 63 -15.09 4.65 -40.49
C HIS E 63 -13.91 3.83 -41.01
N LYS E 64 -14.16 2.56 -41.34
CA LYS E 64 -13.09 1.70 -41.84
C LYS E 64 -13.03 1.86 -43.36
N ILE E 65 -14.08 2.47 -43.91
CA ILE E 65 -14.17 2.72 -45.34
C ILE E 65 -14.76 4.11 -45.58
N LYS E 66 -14.75 4.53 -46.83
CA LYS E 66 -15.27 5.84 -47.20
C LYS E 66 -16.79 5.77 -47.28
N SER E 67 -17.46 6.56 -46.45
CA SER E 67 -18.92 6.60 -46.44
C SER E 67 -19.39 8.02 -46.17
N ASP E 68 -20.50 8.37 -46.82
CA ASP E 68 -21.06 9.70 -46.67
C ASP E 68 -22.12 9.77 -45.56
N ARG E 69 -22.77 8.65 -45.26
CA ARG E 69 -23.79 8.66 -44.23
C ARG E 69 -23.72 7.46 -43.27
N ASN E 70 -24.09 7.69 -42.01
CA ASN E 70 -24.08 6.66 -41.00
C ASN E 70 -25.47 6.16 -40.65
N PRO E 71 -25.62 4.85 -40.43
CA PRO E 71 -26.93 4.27 -40.08
C PRO E 71 -27.28 4.65 -38.66
N VAL E 72 -28.57 4.57 -38.34
CA VAL E 72 -29.00 4.91 -36.98
C VAL E 72 -28.44 3.86 -36.02
N ARG E 73 -28.00 4.32 -34.85
CA ARG E 73 -27.44 3.44 -33.83
C ARG E 73 -28.52 3.13 -32.81
N ILE E 74 -28.72 1.85 -32.54
CA ILE E 74 -29.74 1.44 -31.59
C ILE E 74 -29.09 0.66 -30.43
N VAL E 75 -29.40 1.09 -29.21
CA VAL E 75 -28.86 0.44 -28.03
C VAL E 75 -30.00 -0.09 -27.17
N VAL E 76 -30.01 -1.40 -26.90
CA VAL E 76 -31.05 -2.01 -26.08
C VAL E 76 -30.50 -1.87 -24.66
N ASP E 77 -31.15 -1.02 -23.86
CA ASP E 77 -30.73 -0.76 -22.48
C ASP E 77 -31.93 -0.65 -21.54
N SER E 78 -32.30 -1.77 -20.93
CA SER E 78 -33.45 -1.82 -20.00
C SER E 78 -33.51 -0.78 -18.91
N LYS E 79 -32.40 -0.59 -18.21
CA LYS E 79 -32.38 0.38 -17.12
C LYS E 79 -31.75 1.71 -17.45
N LEU E 80 -31.47 1.95 -18.72
CA LEU E 80 -30.85 3.22 -19.15
C LEU E 80 -29.50 3.41 -18.46
N ARG E 81 -28.63 2.42 -18.54
CA ARG E 81 -27.33 2.53 -17.90
C ARG E 81 -26.27 3.08 -18.84
N VAL E 82 -26.65 3.39 -20.09
CA VAL E 82 -25.70 3.92 -21.05
C VAL E 82 -25.04 5.17 -20.48
N PRO E 83 -23.71 5.16 -20.34
CA PRO E 83 -22.98 6.30 -19.79
C PRO E 83 -23.22 7.57 -20.59
N LEU E 84 -23.47 8.68 -19.89
CA LEU E 84 -23.72 9.94 -20.59
C LEU E 84 -22.59 10.34 -21.52
N ASN E 85 -21.39 9.84 -21.29
CA ASN E 85 -20.27 10.19 -22.15
C ASN E 85 -19.87 9.07 -23.10
N ALA E 86 -20.76 8.10 -23.30
CA ALA E 86 -20.49 6.97 -24.20
C ALA E 86 -20.34 7.50 -25.62
N ARG E 87 -19.41 6.95 -26.39
CA ARG E 87 -19.23 7.41 -27.76
C ARG E 87 -20.44 7.17 -28.63
N VAL E 88 -21.21 6.12 -28.31
CA VAL E 88 -22.40 5.80 -29.09
C VAL E 88 -23.41 6.94 -29.03
N LEU E 89 -23.18 7.88 -28.12
CA LEU E 89 -24.08 9.02 -27.99
C LEU E 89 -23.51 10.28 -28.63
N ASN E 90 -22.36 10.19 -29.29
CA ASN E 90 -21.81 11.39 -29.91
C ASN E 90 -22.65 11.81 -31.11
N LYS E 91 -22.19 12.80 -31.85
CA LYS E 91 -22.92 13.29 -33.00
C LYS E 91 -22.55 12.77 -34.38
N ASP E 92 -21.76 11.72 -34.45
CA ASP E 92 -21.38 11.17 -35.75
C ASP E 92 -22.60 10.57 -36.44
N ALA E 93 -23.64 10.26 -35.69
CA ALA E 93 -24.84 9.67 -36.28
C ALA E 93 -26.02 9.76 -35.33
N LYS E 94 -27.19 9.39 -35.83
CA LYS E 94 -28.41 9.41 -35.03
C LYS E 94 -28.38 8.23 -34.07
N THR E 95 -28.94 8.40 -32.88
CA THR E 95 -28.94 7.33 -31.92
C THR E 95 -30.28 7.17 -31.21
N ILE E 96 -30.67 5.91 -31.05
CA ILE E 96 -31.91 5.57 -30.38
C ILE E 96 -31.59 4.62 -29.23
N ILE E 97 -32.06 4.95 -28.04
CA ILE E 97 -31.81 4.09 -26.89
C ILE E 97 -33.15 3.45 -26.57
N ALA E 98 -33.22 2.12 -26.67
CA ALA E 98 -34.46 1.41 -26.38
C ALA E 98 -34.38 0.96 -24.92
N THR E 99 -35.29 1.45 -24.10
CA THR E 99 -35.31 1.09 -22.69
C THR E 99 -36.72 0.58 -22.34
N THR E 100 -36.93 0.20 -21.09
CA THR E 100 -38.24 -0.29 -20.67
C THR E 100 -39.16 0.86 -20.26
N GLU E 101 -40.43 0.54 -20.05
CA GLU E 101 -41.43 1.53 -19.64
C GLU E 101 -41.35 1.76 -18.13
N ASP E 102 -40.57 0.95 -17.43
CA ASP E 102 -40.42 1.09 -15.99
C ASP E 102 -39.82 2.47 -15.77
N THR E 103 -40.17 3.12 -14.66
CA THR E 103 -39.64 4.44 -14.39
C THR E 103 -39.36 4.77 -12.94
N ASN E 104 -38.55 5.81 -12.76
CA ASN E 104 -38.16 6.33 -11.46
C ASN E 104 -37.69 7.76 -11.76
N GLU E 105 -37.67 8.61 -10.75
CA GLU E 105 -37.26 9.99 -10.93
C GLU E 105 -35.91 10.21 -11.60
N GLU E 106 -34.91 9.42 -11.23
CA GLU E 106 -33.60 9.58 -11.83
C GLU E 106 -33.56 9.19 -13.30
N LYS E 107 -34.29 8.14 -13.65
CA LYS E 107 -34.32 7.69 -15.03
C LYS E 107 -34.95 8.77 -15.91
N GLU E 108 -36.03 9.39 -15.44
CA GLU E 108 -36.69 10.42 -16.22
C GLU E 108 -35.76 11.61 -16.44
N LYS E 109 -34.95 11.94 -15.44
CA LYS E 109 -34.04 13.06 -15.60
C LYS E 109 -32.97 12.70 -16.62
N LYS E 110 -32.45 11.47 -16.56
CA LYS E 110 -31.42 11.05 -17.50
C LYS E 110 -31.99 11.13 -18.91
N ILE E 111 -33.25 10.75 -19.07
CA ILE E 111 -33.88 10.80 -20.39
C ILE E 111 -33.90 12.23 -20.91
N LYS E 112 -34.15 13.19 -20.02
CA LYS E 112 -34.19 14.59 -20.42
C LYS E 112 -32.83 15.02 -20.93
N ILE E 113 -31.76 14.62 -20.22
CA ILE E 113 -30.41 14.98 -20.64
C ILE E 113 -30.09 14.34 -22.00
N LEU E 114 -30.47 13.09 -22.18
CA LEU E 114 -30.20 12.40 -23.44
C LEU E 114 -30.90 13.09 -24.59
N GLU E 115 -32.14 13.49 -24.37
CA GLU E 115 -32.88 14.16 -25.43
C GLU E 115 -32.28 15.51 -25.73
N ASP E 116 -31.76 16.18 -24.71
CA ASP E 116 -31.18 17.48 -24.96
C ASP E 116 -29.94 17.27 -25.83
N GLY E 118 -29.79 15.33 -28.18
CA GLY E 118 -30.24 14.88 -29.48
C GLY E 118 -30.42 13.38 -29.60
N VAL E 119 -30.45 12.69 -28.47
CA VAL E 119 -30.62 11.24 -28.50
C VAL E 119 -32.09 10.93 -28.30
N GLU E 120 -32.61 10.00 -29.09
CA GLU E 120 -34.01 9.63 -28.95
C GLU E 120 -34.15 8.43 -28.03
N VAL E 121 -35.12 8.51 -27.12
CA VAL E 121 -35.34 7.42 -26.18
C VAL E 121 -36.70 6.77 -26.41
N VAL E 122 -36.68 5.48 -26.71
CA VAL E 122 -37.88 4.70 -26.96
C VAL E 122 -38.17 3.78 -25.78
N LYS E 123 -39.37 3.88 -25.21
CA LYS E 123 -39.75 3.03 -24.07
C LYS E 123 -40.55 1.88 -24.64
N CYS E 124 -40.16 0.65 -24.33
CA CYS E 124 -40.86 -0.50 -24.86
C CYS E 124 -40.68 -1.80 -24.07
N GLY E 125 -41.68 -2.14 -23.26
CA GLY E 125 -41.61 -3.35 -22.47
C GLY E 125 -41.46 -3.12 -20.97
N ARG E 126 -41.55 -4.19 -20.20
CA ARG E 126 -41.43 -4.13 -18.74
C ARG E 126 -40.36 -5.13 -18.30
N GLY E 127 -39.53 -4.74 -17.34
CA GLY E 127 -38.48 -5.62 -16.85
C GLY E 127 -37.31 -5.69 -17.83
N LYS E 128 -37.61 -6.07 -19.07
CA LYS E 128 -36.58 -6.15 -20.10
C LYS E 128 -37.24 -5.56 -21.34
N VAL E 129 -36.45 -5.14 -22.31
CA VAL E 129 -37.00 -4.56 -23.52
C VAL E 129 -37.74 -5.61 -24.34
N ASP E 130 -38.92 -5.24 -24.81
CA ASP E 130 -39.73 -6.14 -25.62
C ASP E 130 -39.25 -5.98 -27.05
N LEU E 131 -38.36 -6.88 -27.45
CA LEU E 131 -37.78 -6.86 -28.78
C LEU E 131 -38.77 -6.88 -29.96
N LYS E 132 -39.83 -7.67 -29.87
CA LYS E 132 -40.81 -7.75 -30.95
C LYS E 132 -41.47 -6.38 -31.16
N LYS E 133 -41.92 -5.76 -30.08
CA LYS E 133 -42.55 -4.46 -30.18
C LYS E 133 -41.55 -3.43 -30.70
N LEU E 134 -40.31 -3.53 -30.26
CA LEU E 134 -39.27 -2.61 -30.68
C LEU E 134 -39.10 -2.67 -32.19
N ASP E 136 -41.31 -3.25 -34.35
CA ASP E 136 -42.40 -2.54 -35.01
C ASP E 136 -42.11 -1.05 -35.01
N ILE E 137 -41.71 -0.55 -33.84
CA ILE E 137 -41.37 0.85 -33.69
C ILE E 137 -40.26 1.29 -34.64
N LEU E 138 -39.22 0.47 -34.76
CA LEU E 138 -38.11 0.79 -35.64
C LEU E 138 -38.55 0.77 -37.10
N TYR E 139 -39.42 -0.17 -37.43
CA TYR E 139 -39.91 -0.28 -38.79
C TYR E 139 -40.68 0.99 -39.17
N ASP E 140 -41.55 1.44 -38.28
CA ASP E 140 -42.34 2.64 -38.53
C ASP E 140 -41.46 3.88 -38.69
N LYS E 141 -40.23 3.80 -38.21
CA LYS E 141 -39.32 4.92 -38.31
C LYS E 141 -38.58 4.89 -39.64
N GLY E 142 -38.85 3.87 -40.44
CA GLY E 142 -38.19 3.78 -41.73
C GLY E 142 -36.96 2.91 -41.74
N ILE E 143 -36.64 2.31 -40.59
CA ILE E 143 -35.49 1.44 -40.49
C ILE E 143 -35.93 0.05 -40.93
N LYS E 144 -35.57 -0.33 -42.16
CA LYS E 144 -35.96 -1.64 -42.69
C LYS E 144 -34.90 -2.71 -42.65
N SER E 145 -33.66 -2.32 -42.42
CA SER E 145 -32.59 -3.30 -42.37
C SER E 145 -31.71 -2.91 -41.19
N ILE E 146 -31.35 -3.90 -40.39
CA ILE E 146 -30.51 -3.66 -39.23
C ILE E 146 -29.39 -4.67 -39.08
N LEU E 147 -28.20 -4.17 -38.78
CA LEU E 147 -27.06 -5.04 -38.59
C LEU E 147 -27.00 -5.23 -37.07
N LEU E 148 -27.23 -6.44 -36.60
CA LEU E 148 -27.20 -6.72 -35.17
C LEU E 148 -25.78 -7.16 -34.83
N GLU E 149 -25.08 -6.40 -34.01
CA GLU E 149 -23.71 -6.76 -33.65
C GLU E 149 -23.60 -7.42 -32.27
N GLY E 150 -24.74 -7.59 -31.62
CA GLY E 150 -24.75 -8.23 -30.31
C GLY E 150 -24.65 -7.36 -29.06
N GLY E 151 -23.93 -7.85 -28.05
CA GLY E 151 -23.30 -9.14 -28.13
C GLY E 151 -24.14 -10.32 -27.68
N GLY E 152 -23.41 -11.25 -27.10
CA GLY E 152 -23.96 -12.50 -26.59
C GLY E 152 -25.33 -12.57 -25.95
N THR E 153 -25.59 -11.68 -25.00
CA THR E 153 -26.88 -11.68 -24.34
C THR E 153 -28.00 -11.15 -25.22
N LEU E 154 -27.72 -10.10 -25.98
CA LEU E 154 -28.73 -9.53 -26.84
C LEU E 154 -29.01 -10.51 -27.98
N ASN E 155 -27.98 -11.19 -28.47
CA ASN E 155 -28.17 -12.14 -29.55
C ASN E 155 -29.14 -13.21 -29.09
N TRP E 156 -28.99 -13.67 -27.85
CA TRP E 156 -29.89 -14.69 -27.35
C TRP E 156 -31.32 -14.16 -27.42
N GLY E 157 -31.51 -12.95 -26.91
CA GLY E 157 -32.82 -12.34 -26.92
C GLY E 157 -33.44 -12.28 -28.29
N PHE E 159 -32.52 -14.15 -31.07
CA PHE E 159 -32.73 -15.50 -31.62
C PHE E 159 -33.92 -16.18 -30.94
N LYS E 160 -34.06 -15.97 -29.63
CA LYS E 160 -35.14 -16.56 -28.89
C LYS E 160 -36.50 -16.14 -29.48
N GLU E 161 -36.62 -14.88 -29.86
CA GLU E 161 -37.86 -14.38 -30.44
C GLU E 161 -37.92 -14.61 -31.94
N GLY E 162 -36.93 -15.31 -32.48
CA GLY E 162 -36.89 -15.57 -33.91
C GLY E 162 -36.91 -14.31 -34.76
N LEU E 163 -36.18 -13.29 -34.34
CA LEU E 163 -36.13 -12.04 -35.07
C LEU E 163 -34.95 -11.89 -36.03
N VAL E 164 -34.05 -12.88 -36.06
CA VAL E 164 -32.89 -12.80 -36.95
C VAL E 164 -33.16 -13.50 -38.29
N ASP E 165 -32.86 -12.80 -39.38
CA ASP E 165 -33.08 -13.35 -40.72
C ASP E 165 -31.88 -14.07 -41.30
N GLU E 166 -30.69 -13.49 -41.18
CA GLU E 166 -29.52 -14.15 -41.72
C GLU E 166 -28.32 -13.93 -40.81
N VAL E 167 -27.31 -14.78 -40.96
CA VAL E 167 -26.13 -14.70 -40.14
C VAL E 167 -24.82 -14.79 -40.90
N SER E 168 -23.85 -13.96 -40.49
CA SER E 168 -22.53 -13.97 -41.12
C SER E 168 -21.59 -14.02 -39.92
N VAL E 169 -20.68 -14.97 -39.93
CA VAL E 169 -19.73 -15.14 -38.85
C VAL E 169 -18.30 -15.23 -39.34
N TYR E 170 -17.42 -14.46 -38.71
CA TYR E 170 -16.01 -14.48 -39.10
C TYR E 170 -15.36 -15.29 -37.99
N ILE E 171 -14.70 -16.38 -38.35
CA ILE E 171 -14.05 -17.22 -37.36
C ILE E 171 -12.55 -17.03 -37.40
N ALA E 172 -11.99 -16.54 -36.30
CA ALA E 172 -10.55 -16.32 -36.21
C ALA E 172 -9.83 -17.62 -35.89
N PRO E 173 -8.61 -17.77 -36.42
CA PRO E 173 -7.85 -18.99 -36.16
C PRO E 173 -7.21 -19.02 -34.78
N LYS E 174 -8.04 -18.91 -33.75
CA LYS E 174 -7.50 -18.93 -32.39
C LYS E 174 -8.48 -19.50 -31.37
N ILE E 175 -7.96 -19.89 -30.21
CA ILE E 175 -8.77 -20.46 -29.15
C ILE E 175 -8.54 -19.73 -27.82
N PHE E 176 -9.61 -19.25 -27.21
CA PHE E 176 -9.54 -18.53 -25.95
C PHE E 176 -9.78 -19.38 -24.72
N GLY E 177 -10.81 -20.22 -24.79
CA GLY E 177 -11.16 -21.09 -23.68
C GLY E 177 -11.92 -20.27 -22.65
N GLY E 178 -12.25 -20.87 -21.51
CA GLY E 178 -12.97 -20.13 -20.48
C GLY E 178 -14.48 -20.31 -20.44
N LYS E 179 -14.97 -21.01 -19.42
CA LYS E 179 -16.41 -21.23 -19.28
C LYS E 179 -17.16 -19.93 -19.00
N GLU E 180 -16.42 -18.90 -18.59
CA GLU E 180 -17.00 -17.60 -18.26
C GLU E 180 -16.86 -16.60 -19.40
N ALA E 181 -16.09 -16.96 -20.42
CA ALA E 181 -15.89 -16.09 -21.58
C ALA E 181 -17.19 -15.94 -22.36
N PRO E 182 -17.46 -14.74 -22.88
CA PRO E 182 -18.68 -14.48 -23.65
C PRO E 182 -18.68 -15.26 -24.98
N THR E 183 -19.82 -15.81 -25.37
CA THR E 183 -19.87 -16.56 -26.63
C THR E 183 -20.82 -15.84 -27.59
N TYR E 184 -20.82 -16.29 -28.84
CA TYR E 184 -21.68 -15.71 -29.88
C TYR E 184 -23.11 -15.59 -29.32
N VAL E 185 -23.58 -16.63 -28.66
CA VAL E 185 -24.93 -16.58 -28.10
C VAL E 185 -24.94 -17.16 -26.69
N ASP E 186 -25.31 -16.33 -25.72
CA ASP E 186 -25.37 -16.73 -24.33
C ASP E 186 -26.81 -16.75 -23.83
N GLY E 187 -27.11 -15.99 -22.78
CA GLY E 187 -28.46 -15.97 -22.28
C GLY E 187 -28.87 -17.33 -21.72
N GLU E 188 -30.17 -17.57 -21.68
CA GLU E 188 -30.73 -18.82 -21.15
C GLU E 188 -30.35 -20.05 -21.97
N GLY E 189 -30.58 -19.99 -23.28
CA GLY E 189 -30.26 -21.11 -24.14
C GLY E 189 -31.44 -22.04 -24.36
N PHE E 190 -31.49 -22.69 -25.51
CA PHE E 190 -32.57 -23.63 -25.83
C PHE E 190 -32.33 -24.95 -25.10
N LYS E 191 -33.39 -25.56 -24.60
CA LYS E 191 -33.25 -26.82 -23.88
C LYS E 191 -33.02 -28.05 -24.75
N THR E 192 -33.60 -28.06 -25.94
CA THR E 192 -33.44 -29.21 -26.83
C THR E 192 -33.11 -28.79 -28.25
N VAL E 193 -32.58 -29.73 -29.03
CA VAL E 193 -32.22 -29.44 -30.40
C VAL E 193 -33.47 -29.12 -31.20
N ASP E 194 -34.59 -29.72 -30.82
CA ASP E 194 -35.85 -29.51 -31.50
C ASP E 194 -36.29 -28.05 -31.49
N GLU E 195 -36.07 -27.36 -30.39
CA GLU E 195 -36.47 -25.96 -30.31
C GLU E 195 -35.36 -24.95 -30.62
N CYS E 196 -34.17 -25.44 -30.99
CA CYS E 196 -33.07 -24.53 -31.29
C CYS E 196 -33.24 -23.88 -32.66
N VAL E 197 -32.42 -22.86 -32.93
CA VAL E 197 -32.48 -22.13 -34.19
C VAL E 197 -31.81 -22.95 -35.29
N LYS E 198 -32.49 -23.07 -36.42
CA LYS E 198 -31.98 -23.82 -37.57
C LYS E 198 -31.45 -22.88 -38.64
N LEU E 199 -30.34 -23.25 -39.25
CA LEU E 199 -29.74 -22.41 -40.29
C LEU E 199 -29.40 -23.21 -41.53
N GLU E 200 -29.04 -22.49 -42.58
CA GLU E 200 -28.66 -23.09 -43.84
C GLU E 200 -27.37 -22.43 -44.30
N LEU E 201 -26.30 -23.22 -44.42
CA LEU E 201 -25.01 -22.71 -44.84
C LEU E 201 -25.14 -22.29 -46.31
N LYS E 202 -25.20 -20.98 -46.55
CA LYS E 202 -25.33 -20.45 -47.90
C LYS E 202 -24.00 -20.21 -48.60
N ASN E 203 -23.02 -19.70 -47.88
CA ASN E 203 -21.72 -19.43 -48.48
C ASN E 203 -20.61 -19.34 -47.45
N PHE E 204 -19.38 -19.45 -47.90
CA PHE E 204 -18.22 -19.38 -47.03
C PHE E 204 -16.94 -19.18 -47.85
N TYR E 205 -15.95 -18.55 -47.24
CA TYR E 205 -14.69 -18.29 -47.93
C TYR E 205 -13.67 -17.77 -46.95
N ARG E 206 -12.39 -18.01 -47.21
CA ARG E 206 -11.40 -17.51 -46.29
C ARG E 206 -11.26 -16.01 -46.48
N LEU E 207 -10.92 -15.34 -45.39
CA LEU E 207 -10.74 -13.89 -45.35
C LEU E 207 -9.57 -13.72 -44.39
N GLY E 208 -8.47 -13.19 -44.89
CA GLY E 208 -7.31 -13.00 -44.04
C GLY E 208 -6.89 -14.37 -43.58
N GLU E 209 -6.51 -14.50 -42.32
CA GLU E 209 -6.08 -15.78 -41.78
C GLU E 209 -7.29 -16.62 -41.30
N GLY E 210 -8.49 -16.04 -41.35
CA GLY E 210 -9.66 -16.77 -40.91
C GLY E 210 -10.61 -17.20 -42.01
N ILE E 211 -11.88 -17.35 -41.66
CA ILE E 211 -12.90 -17.75 -42.61
C ILE E 211 -14.25 -17.14 -42.28
N VAL E 212 -15.03 -16.84 -43.31
CA VAL E 212 -16.34 -16.26 -43.12
C VAL E 212 -17.42 -17.28 -43.50
N LEU E 213 -18.45 -17.40 -42.66
CA LEU E 213 -19.54 -18.33 -42.93
C LEU E 213 -20.82 -17.51 -43.01
N GLU E 214 -21.62 -17.76 -44.04
CA GLU E 214 -22.87 -17.05 -44.23
C GLU E 214 -24.03 -18.02 -44.20
N PHE E 215 -24.99 -17.74 -43.32
CA PHE E 215 -26.16 -18.60 -43.17
C PHE E 215 -27.45 -17.82 -43.31
N LYS E 216 -28.51 -18.55 -43.61
CA LYS E 216 -29.83 -17.97 -43.75
C LYS E 216 -30.55 -18.65 -42.59
N VAL E 217 -31.38 -17.91 -41.87
CA VAL E 217 -32.09 -18.53 -40.75
C VAL E 217 -33.37 -19.15 -41.28
N LYS E 218 -33.59 -20.44 -40.98
CA LYS E 218 -34.78 -21.12 -41.43
C LYS E 218 -35.87 -20.86 -40.40
N LYS E 219 -36.75 -19.91 -40.70
CA LYS E 219 -37.83 -19.58 -39.79
C LYS E 219 -38.91 -20.66 -39.81
N GLU F 1 -20.93 53.42 -33.74
CA GLU F 1 -19.49 53.21 -33.45
C GLU F 1 -19.31 52.59 -32.05
N LYS F 2 -20.44 52.40 -31.37
CA LYS F 2 -20.45 51.81 -30.03
C LYS F 2 -20.56 50.29 -30.10
N LYS F 3 -20.67 49.75 -31.31
CA LYS F 3 -20.79 48.31 -31.49
C LYS F 3 -19.53 47.70 -32.10
N PRO F 4 -19.43 46.36 -32.08
CA PRO F 4 -18.26 45.65 -32.63
C PRO F 4 -18.22 45.73 -34.14
N TYR F 5 -17.01 45.66 -34.70
CA TYR F 5 -16.89 45.69 -36.15
C TYR F 5 -17.29 44.28 -36.55
N ILE F 6 -18.21 44.17 -37.50
CA ILE F 6 -18.65 42.86 -37.92
C ILE F 6 -18.39 42.47 -39.36
N ILE F 7 -17.71 41.35 -39.52
CA ILE F 7 -17.37 40.81 -40.83
C ILE F 7 -18.21 39.57 -41.08
N SER F 8 -18.94 39.56 -42.18
CA SER F 8 -19.77 38.43 -42.54
C SER F 8 -19.03 37.63 -43.59
N ASN F 9 -18.76 36.36 -43.31
CA ASN F 9 -18.06 35.51 -44.26
C ASN F 9 -18.90 34.28 -44.52
N VAL F 10 -18.78 33.73 -45.71
CA VAL F 10 -19.55 32.55 -46.04
C VAL F 10 -18.98 31.84 -47.25
N GLY F 11 -19.32 30.57 -47.38
CA GLY F 11 -18.86 29.78 -48.49
C GLY F 11 -20.15 29.33 -49.13
N THR F 13 -22.45 28.20 -53.01
CA THR F 13 -22.42 27.70 -54.37
C THR F 13 -22.73 28.90 -55.26
N LEU F 14 -22.58 28.71 -56.56
CA LEU F 14 -22.86 29.78 -57.51
C LEU F 14 -24.31 30.24 -57.37
N ASP F 15 -25.20 29.31 -57.02
CA ASP F 15 -26.61 29.67 -56.86
C ASP F 15 -26.99 30.12 -55.45
N GLY F 16 -25.98 30.60 -54.72
CA GLY F 16 -26.17 31.09 -53.36
C GLY F 16 -26.54 30.15 -52.24
N LYS F 17 -26.38 28.85 -52.44
CA LYS F 17 -26.72 27.90 -51.38
C LYS F 17 -25.58 27.65 -50.40
N LEU F 18 -25.94 27.44 -49.14
CA LEU F 18 -24.95 27.19 -48.08
C LEU F 18 -24.82 25.68 -47.84
N ALA F 19 -25.74 24.92 -48.42
CA ALA F 19 -25.76 23.46 -48.29
C ALA F 19 -26.89 22.94 -49.17
N THR F 20 -26.91 21.64 -49.43
CA THR F 20 -27.95 21.05 -50.26
C THR F 20 -29.20 20.92 -49.40
N ILE F 21 -30.28 20.42 -50.00
CA ILE F 21 -31.51 20.24 -49.26
C ILE F 21 -31.36 19.14 -48.20
N ASN F 22 -30.25 18.39 -48.26
CA ASN F 22 -30.01 17.32 -47.30
C ASN F 22 -28.82 17.66 -46.40
N ASN F 23 -28.62 18.96 -46.24
CA ASN F 23 -27.55 19.52 -45.42
C ASN F 23 -26.11 19.12 -45.74
N ASP F 24 -25.84 18.81 -47.00
CA ASP F 24 -24.49 18.44 -47.39
C ASP F 24 -23.83 19.79 -47.69
N SER F 25 -22.84 20.18 -46.89
CA SER F 25 -22.17 21.46 -47.12
C SER F 25 -20.68 21.46 -47.48
N ARG F 26 -20.25 20.45 -48.23
CA ARG F 26 -18.84 20.37 -48.64
C ARG F 26 -18.68 21.33 -49.81
N ILE F 27 -18.63 22.62 -49.49
CA ILE F 27 -18.48 23.68 -50.48
C ILE F 27 -17.06 24.23 -50.60
N SER F 28 -16.54 24.76 -49.49
CA SER F 28 -15.20 25.32 -49.47
C SER F 28 -14.07 24.30 -49.61
N CYS F 29 -13.06 24.69 -50.36
CA CYS F 29 -11.90 23.84 -50.60
C CYS F 29 -10.94 24.10 -49.44
N GLU F 30 -9.74 23.57 -49.55
CA GLU F 30 -8.72 23.73 -48.53
C GLU F 30 -8.20 25.16 -48.46
N GLU F 31 -7.92 25.75 -49.62
CA GLU F 31 -7.41 27.12 -49.66
C GLU F 31 -8.35 28.08 -48.92
N ASP F 32 -9.66 27.91 -49.14
CA ASP F 32 -10.62 28.78 -48.48
C ASP F 32 -10.67 28.58 -46.98
N LEU F 33 -10.56 27.34 -46.53
CA LEU F 33 -10.59 27.08 -45.09
C LEU F 33 -9.42 27.79 -44.42
N ILE F 34 -8.27 27.80 -45.08
CA ILE F 34 -7.10 28.46 -44.51
C ILE F 34 -7.43 29.95 -44.39
N ARG F 35 -7.98 30.52 -45.46
CA ARG F 35 -8.35 31.93 -45.47
C ARG F 35 -9.28 32.25 -44.31
N VAL F 36 -10.30 31.40 -44.12
CA VAL F 36 -11.25 31.59 -43.05
C VAL F 36 -10.60 31.53 -41.68
N HIS F 37 -9.73 30.54 -41.48
CA HIS F 37 -9.06 30.43 -40.20
C HIS F 37 -8.15 31.61 -39.92
N LYS F 38 -7.58 32.19 -40.97
CA LYS F 38 -6.71 33.35 -40.76
C LYS F 38 -7.58 34.47 -40.23
N ILE F 39 -8.80 34.58 -40.76
CA ILE F 39 -9.70 35.62 -40.31
C ILE F 39 -10.10 35.34 -38.87
N ARG F 40 -10.37 34.07 -38.58
CA ARG F 40 -10.75 33.69 -37.23
C ARG F 40 -9.66 34.06 -36.23
N ALA F 41 -8.41 33.91 -36.67
CA ALA F 41 -7.26 34.22 -35.83
C ALA F 41 -7.10 35.71 -35.58
N ASN F 42 -7.78 36.53 -36.39
CA ASN F 42 -7.69 37.97 -36.25
C ASN F 42 -8.87 38.73 -35.67
N VAL F 43 -9.89 38.02 -35.20
CA VAL F 43 -11.06 38.69 -34.65
C VAL F 43 -11.20 38.34 -33.18
N ASP F 44 -11.97 39.13 -32.45
CA ASP F 44 -12.16 38.88 -31.02
C ASP F 44 -13.20 37.79 -30.77
N GLY F 45 -14.15 37.65 -31.70
CA GLY F 45 -15.16 36.63 -31.54
C GLY F 45 -15.74 36.09 -32.84
N ILE F 46 -16.32 34.90 -32.76
CA ILE F 46 -16.92 34.25 -33.91
C ILE F 46 -18.37 34.08 -33.48
N VAL F 48 -22.31 32.65 -34.49
CA VAL F 48 -23.07 31.71 -35.30
C VAL F 48 -24.47 31.52 -34.70
N GLY F 49 -25.44 31.13 -35.53
CA GLY F 49 -26.80 30.93 -35.05
C GLY F 49 -27.04 29.50 -34.56
N ILE F 50 -28.04 29.33 -33.71
CA ILE F 50 -28.35 28.00 -33.17
C ILE F 50 -28.60 27.00 -34.30
N GLY F 51 -29.27 27.46 -35.35
CA GLY F 51 -29.57 26.58 -36.48
C GLY F 51 -28.34 25.88 -37.00
N THR F 52 -27.24 26.62 -37.14
CA THR F 52 -26.01 26.04 -37.63
C THR F 52 -25.39 25.08 -36.62
N VAL F 53 -25.49 25.40 -35.34
CA VAL F 53 -24.92 24.54 -34.33
C VAL F 53 -25.67 23.20 -34.33
N LEU F 54 -26.99 23.25 -34.44
CA LEU F 54 -27.80 22.03 -34.46
C LEU F 54 -27.51 21.14 -35.67
N LYS F 55 -27.31 21.75 -36.83
CA LYS F 55 -27.04 20.98 -38.04
C LYS F 55 -25.61 20.58 -38.30
N ASP F 56 -24.63 21.37 -37.86
CA ASP F 56 -23.23 21.06 -38.10
C ASP F 56 -22.35 20.77 -36.90
N ASP F 57 -22.79 21.13 -35.70
CA ASP F 57 -22.01 20.89 -34.49
C ASP F 57 -20.56 21.35 -34.72
N PRO F 58 -20.37 22.62 -35.09
CA PRO F 58 -19.03 23.15 -35.32
C PRO F 58 -18.24 23.48 -34.06
N ARG F 59 -16.92 23.60 -34.19
CA ARG F 59 -16.07 23.92 -33.04
C ARG F 59 -15.87 25.41 -32.96
N LEU F 60 -15.74 26.04 -34.12
CA LEU F 60 -15.55 27.48 -34.23
C LEU F 60 -14.26 27.99 -33.60
N THR F 61 -13.17 27.27 -33.82
CA THR F 61 -11.87 27.65 -33.26
C THR F 61 -10.84 27.75 -34.37
N VAL F 62 -9.68 28.32 -34.07
CA VAL F 62 -8.61 28.46 -35.05
C VAL F 62 -7.85 27.14 -35.02
N HIS F 63 -7.86 26.38 -36.12
CA HIS F 63 -7.14 25.11 -36.11
C HIS F 63 -6.52 24.59 -37.42
N LYS F 64 -6.80 25.22 -38.56
CA LYS F 64 -6.20 24.73 -39.79
C LYS F 64 -4.86 25.39 -40.05
N ILE F 65 -4.41 26.17 -39.07
CA ILE F 65 -3.13 26.89 -39.15
C ILE F 65 -2.51 26.89 -37.76
N LYS F 66 -1.69 27.89 -37.47
CA LYS F 66 -1.03 28.01 -36.17
C LYS F 66 -1.82 28.98 -35.30
N SER F 67 -2.50 28.43 -34.29
CA SER F 67 -3.29 29.25 -33.38
C SER F 67 -2.66 29.43 -32.02
N ASP F 68 -2.93 30.58 -31.40
CA ASP F 68 -2.41 30.91 -30.08
C ASP F 68 -3.60 30.99 -29.12
N ARG F 69 -4.45 31.98 -29.36
CA ARG F 69 -5.64 32.18 -28.54
C ARG F 69 -6.83 32.07 -29.47
N ASN F 70 -7.89 31.40 -29.02
CA ASN F 70 -9.07 31.25 -29.84
C ASN F 70 -10.02 32.36 -29.47
N PRO F 71 -10.71 32.92 -30.45
CA PRO F 71 -11.65 34.01 -30.17
C PRO F 71 -12.88 33.48 -29.43
N VAL F 72 -13.60 34.38 -28.75
CA VAL F 72 -14.78 33.97 -28.02
C VAL F 72 -15.83 33.47 -29.01
N ARG F 73 -16.53 32.40 -28.66
CA ARG F 73 -17.56 31.85 -29.54
C ARG F 73 -18.91 32.35 -29.02
N ILE F 74 -19.72 32.88 -29.93
CA ILE F 74 -21.02 33.39 -29.55
C ILE F 74 -22.11 32.67 -30.34
N VAL F 75 -23.10 32.16 -29.62
CA VAL F 75 -24.19 31.45 -30.25
C VAL F 75 -25.51 32.14 -29.94
N VAL F 76 -26.24 32.54 -30.99
CA VAL F 76 -27.53 33.21 -30.81
C VAL F 76 -28.52 32.06 -30.73
N ASP F 77 -29.10 31.87 -29.54
CA ASP F 77 -30.04 30.79 -29.29
C ASP F 77 -31.22 31.25 -28.42
N SER F 78 -32.29 31.68 -29.08
CA SER F 78 -33.50 32.17 -28.38
C SER F 78 -34.07 31.30 -27.27
N LYS F 79 -34.26 30.02 -27.57
CA LYS F 79 -34.81 29.11 -26.58
C LYS F 79 -33.81 28.22 -25.87
N LEU F 80 -32.51 28.51 -26.02
CA LEU F 80 -31.47 27.72 -25.37
C LEU F 80 -31.56 26.26 -25.79
N ARG F 81 -31.59 26.00 -27.10
CA ARG F 81 -31.66 24.64 -27.59
C ARG F 81 -30.29 24.04 -27.84
N VAL F 82 -29.24 24.80 -27.58
CA VAL F 82 -27.89 24.29 -27.80
C VAL F 82 -27.71 22.99 -27.01
N PRO F 83 -27.39 21.88 -27.70
CA PRO F 83 -27.18 20.58 -27.07
C PRO F 83 -26.08 20.63 -26.01
N LEU F 84 -26.34 20.06 -24.83
CA LEU F 84 -25.35 20.08 -23.76
C LEU F 84 -24.02 19.46 -24.18
N ASN F 85 -24.04 18.63 -25.20
CA ASN F 85 -22.82 17.99 -25.67
C ASN F 85 -22.31 18.57 -26.98
N ALA F 86 -22.75 19.77 -27.34
CA ALA F 86 -22.30 20.38 -28.58
C ALA F 86 -20.83 20.75 -28.44
N ARG F 87 -20.07 20.58 -29.51
CA ARG F 87 -18.66 20.90 -29.45
C ARG F 87 -18.39 22.38 -29.17
N VAL F 88 -19.30 23.26 -29.58
CA VAL F 88 -19.11 24.68 -29.35
C VAL F 88 -19.06 24.99 -27.86
N LEU F 89 -19.42 24.01 -27.04
CA LEU F 89 -19.41 24.20 -25.59
C LEU F 89 -18.17 23.58 -24.96
N ASN F 90 -17.27 23.01 -25.76
CA ASN F 90 -16.07 22.40 -25.18
C ASN F 90 -15.17 23.45 -24.57
N LYS F 91 -13.99 23.04 -24.11
CA LYS F 91 -13.08 24.01 -23.51
C LYS F 91 -11.96 24.56 -24.38
N ASP F 92 -12.02 24.37 -25.68
CA ASP F 92 -10.97 24.90 -26.55
C ASP F 92 -10.99 26.41 -26.53
N ALA F 93 -12.11 27.00 -26.11
CA ALA F 93 -12.21 28.45 -26.08
C ALA F 93 -13.38 28.91 -25.22
N LYS F 94 -13.46 30.21 -25.01
CA LYS F 94 -14.52 30.78 -24.21
C LYS F 94 -15.81 30.79 -25.04
N THR F 95 -16.94 30.57 -24.40
CA THR F 95 -18.20 30.56 -25.13
C THR F 95 -19.33 31.33 -24.44
N ILE F 96 -20.08 32.06 -25.25
CA ILE F 96 -21.19 32.85 -24.76
C ILE F 96 -22.43 32.44 -25.53
N ILE F 97 -23.50 32.13 -24.82
CA ILE F 97 -24.74 31.76 -25.49
C ILE F 97 -25.70 32.93 -25.26
N ALA F 98 -26.13 33.56 -26.34
CA ALA F 98 -27.05 34.68 -26.22
C ALA F 98 -28.46 34.13 -26.39
N THR F 99 -29.28 34.26 -25.35
CA THR F 99 -30.64 33.77 -25.41
C THR F 99 -31.58 34.90 -25.02
N THR F 100 -32.89 34.62 -25.02
CA THR F 100 -33.87 35.65 -24.66
C THR F 100 -34.08 35.73 -23.16
N GLU F 101 -34.78 36.76 -22.72
CA GLU F 101 -35.07 36.97 -21.31
C GLU F 101 -36.26 36.11 -20.88
N ASP F 102 -36.92 35.49 -21.86
CA ASP F 102 -38.07 34.64 -21.57
C ASP F 102 -37.54 33.51 -20.68
N THR F 103 -38.37 33.01 -19.78
CA THR F 103 -37.92 31.93 -18.91
C THR F 103 -38.99 30.93 -18.49
N ASN F 104 -38.49 29.78 -18.03
CA ASN F 104 -39.30 28.67 -17.56
C ASN F 104 -38.34 27.87 -16.68
N GLU F 105 -38.87 27.03 -15.80
CA GLU F 105 -38.04 26.22 -14.91
C GLU F 105 -36.94 25.40 -15.56
N GLU F 106 -37.27 24.75 -16.67
CA GLU F 106 -36.30 23.92 -17.37
C GLU F 106 -35.16 24.74 -17.95
N LYS F 107 -35.47 25.91 -18.51
CA LYS F 107 -34.46 26.76 -19.09
C LYS F 107 -33.47 27.24 -18.01
N GLU F 108 -34.00 27.60 -16.84
CA GLU F 108 -33.14 28.07 -15.76
C GLU F 108 -32.17 26.96 -15.33
N LYS F 109 -32.66 25.73 -15.31
CA LYS F 109 -31.82 24.62 -14.92
C LYS F 109 -30.71 24.41 -15.94
N LYS F 110 -31.08 24.44 -17.21
CA LYS F 110 -30.08 24.25 -18.24
C LYS F 110 -29.03 25.35 -18.15
N ILE F 111 -29.44 26.55 -17.79
CA ILE F 111 -28.48 27.65 -17.67
C ILE F 111 -27.48 27.33 -16.56
N LYS F 112 -27.97 26.73 -15.47
CA LYS F 112 -27.09 26.39 -14.35
C LYS F 112 -26.05 25.38 -14.80
N ILE F 113 -26.48 24.40 -15.58
CA ILE F 113 -25.58 23.38 -16.07
C ILE F 113 -24.54 23.99 -16.99
N LEU F 114 -24.97 24.88 -17.89
CA LEU F 114 -24.03 25.51 -18.81
C LEU F 114 -23.00 26.35 -18.06
N GLU F 115 -23.44 27.07 -17.03
CA GLU F 115 -22.51 27.89 -16.27
C GLU F 115 -21.52 27.01 -15.52
N ASP F 116 -21.99 25.85 -15.07
CA ASP F 116 -21.11 24.94 -14.34
C ASP F 116 -20.01 24.49 -15.30
N GLY F 118 -18.66 26.27 -17.40
CA GLY F 118 -17.84 27.41 -17.77
C GLY F 118 -18.37 28.21 -18.93
N VAL F 119 -19.63 27.98 -19.30
CA VAL F 119 -20.21 28.72 -20.42
C VAL F 119 -20.99 29.91 -19.87
N GLU F 120 -20.83 31.06 -20.51
CA GLU F 120 -21.54 32.24 -20.05
C GLU F 120 -22.85 32.39 -20.81
N VAL F 121 -23.92 32.70 -20.10
CA VAL F 121 -25.22 32.87 -20.72
C VAL F 121 -25.70 34.30 -20.58
N VAL F 122 -25.93 34.95 -21.73
CA VAL F 122 -26.40 36.33 -21.73
C VAL F 122 -27.86 36.38 -22.19
N LYS F 123 -28.72 37.00 -21.37
CA LYS F 123 -30.14 37.12 -21.69
C LYS F 123 -30.32 38.48 -22.34
N CYS F 124 -30.94 38.50 -23.52
CA CYS F 124 -31.12 39.77 -24.20
C CYS F 124 -32.26 39.77 -25.23
N GLY F 125 -33.41 40.32 -24.86
CA GLY F 125 -34.53 40.36 -25.78
C GLY F 125 -35.69 39.47 -25.40
N ARG F 126 -36.80 39.62 -26.11
CA ARG F 126 -38.01 38.83 -25.88
C ARG F 126 -38.42 38.16 -27.18
N GLY F 127 -38.86 36.91 -27.11
CA GLY F 127 -39.28 36.20 -28.31
C GLY F 127 -38.08 35.78 -29.15
N LYS F 128 -37.24 36.73 -29.52
CA LYS F 128 -36.06 36.44 -30.30
C LYS F 128 -34.97 37.31 -29.70
N VAL F 129 -33.70 36.95 -29.92
CA VAL F 129 -32.61 37.74 -29.37
C VAL F 129 -32.54 39.13 -29.99
N ASP F 130 -32.38 40.14 -29.15
CA ASP F 130 -32.28 41.52 -29.61
C ASP F 130 -30.82 41.72 -29.99
N LEU F 131 -30.54 41.57 -31.29
CA LEU F 131 -29.18 41.73 -31.79
C LEU F 131 -28.49 43.06 -31.49
N LYS F 132 -29.22 44.17 -31.58
CA LYS F 132 -28.64 45.48 -31.31
C LYS F 132 -28.13 45.55 -29.87
N LYS F 133 -28.98 45.16 -28.92
CA LYS F 133 -28.60 45.18 -27.52
C LYS F 133 -27.43 44.24 -27.29
N LEU F 134 -27.47 43.08 -27.95
CA LEU F 134 -26.41 42.08 -27.80
C LEU F 134 -25.07 42.67 -28.21
N ASP F 136 -24.11 45.68 -27.89
CA ASP F 136 -23.64 46.57 -26.84
C ASP F 136 -22.96 45.75 -25.76
N ILE F 137 -23.65 44.68 -25.35
CA ILE F 137 -23.14 43.79 -24.33
C ILE F 137 -21.79 43.21 -24.72
N LEU F 138 -21.67 42.74 -25.97
CA LEU F 138 -20.43 42.16 -26.44
C LEU F 138 -19.31 43.19 -26.48
N TYR F 139 -19.66 44.41 -26.84
CA TYR F 139 -18.67 45.48 -26.92
C TYR F 139 -18.10 45.75 -25.53
N ASP F 140 -18.99 45.85 -24.54
CA ASP F 140 -18.57 46.10 -23.18
C ASP F 140 -17.68 44.99 -22.63
N LYS F 141 -17.73 43.81 -23.25
CA LYS F 141 -16.91 42.71 -22.80
C LYS F 141 -15.54 42.77 -23.44
N GLY F 142 -15.32 43.76 -24.30
CA GLY F 142 -14.04 43.88 -24.94
C GLY F 142 -13.97 43.26 -26.33
N ILE F 143 -15.09 42.71 -26.79
CA ILE F 143 -15.15 42.08 -28.10
C ILE F 143 -15.42 43.19 -29.11
N LYS F 144 -14.40 43.65 -29.82
CA LYS F 144 -14.61 44.72 -30.79
C LYS F 144 -14.66 44.30 -32.25
N SER F 145 -14.32 43.05 -32.54
CA SER F 145 -14.36 42.57 -33.92
C SER F 145 -14.97 41.18 -33.84
N ILE F 146 -15.94 40.92 -34.72
CA ILE F 146 -16.61 39.63 -34.76
C ILE F 146 -16.76 39.07 -36.15
N LEU F 147 -16.44 37.78 -36.31
CA LEU F 147 -16.56 37.14 -37.60
C LEU F 147 -17.91 36.45 -37.51
N LEU F 148 -18.87 36.90 -38.32
CA LEU F 148 -20.20 36.31 -38.32
C LEU F 148 -20.20 35.21 -39.37
N GLU F 149 -20.40 33.97 -38.98
CA GLU F 149 -20.42 32.87 -39.94
C GLU F 149 -21.82 32.40 -40.29
N GLY F 150 -22.82 33.07 -39.74
CA GLY F 150 -24.21 32.72 -40.01
C GLY F 150 -24.93 31.70 -39.14
N GLY F 151 -25.75 30.88 -39.76
CA GLY F 151 -25.96 30.94 -41.17
C GLY F 151 -27.08 31.84 -41.64
N GLY F 152 -27.71 31.35 -42.69
CA GLY F 152 -28.80 32.03 -43.36
C GLY F 152 -29.82 32.84 -42.59
N THR F 153 -30.39 32.28 -41.54
CA THR F 153 -31.38 32.97 -40.74
C THR F 153 -30.77 34.06 -39.88
N LEU F 154 -29.63 33.77 -39.27
CA LEU F 154 -29.00 34.77 -38.43
C LEU F 154 -28.50 35.91 -39.30
N ASN F 155 -27.97 35.57 -40.47
CA ASN F 155 -27.47 36.61 -41.37
C ASN F 155 -28.59 37.58 -41.67
N TRP F 156 -29.79 37.06 -41.92
CA TRP F 156 -30.91 37.94 -42.21
C TRP F 156 -31.10 38.89 -41.03
N GLY F 157 -31.13 38.33 -39.83
CA GLY F 157 -31.31 39.14 -38.64
C GLY F 157 -30.29 40.24 -38.51
N PHE F 159 -28.31 41.55 -41.04
CA PHE F 159 -28.41 42.51 -42.13
C PHE F 159 -29.64 43.40 -41.96
N LYS F 160 -30.74 42.82 -41.50
CA LYS F 160 -31.95 43.59 -41.30
C LYS F 160 -31.72 44.75 -40.33
N GLU F 161 -30.94 44.51 -39.28
CA GLU F 161 -30.66 45.57 -38.32
C GLU F 161 -29.47 46.41 -38.73
N GLY F 162 -28.95 46.15 -39.93
CA GLY F 162 -27.81 46.89 -40.42
C GLY F 162 -26.59 46.81 -39.51
N LEU F 163 -26.31 45.63 -38.97
CA LEU F 163 -25.16 45.46 -38.07
C LEU F 163 -23.90 44.91 -38.74
N VAL F 164 -23.97 44.60 -40.04
CA VAL F 164 -22.82 44.06 -40.75
C VAL F 164 -22.00 45.18 -41.41
N ASP F 165 -20.69 45.18 -41.17
CA ASP F 165 -19.82 46.20 -41.77
C ASP F 165 -19.21 45.81 -43.09
N GLU F 166 -18.70 44.59 -43.19
CA GLU F 166 -18.12 44.17 -44.46
C GLU F 166 -18.45 42.71 -44.75
N VAL F 167 -18.30 42.32 -46.00
CA VAL F 167 -18.60 40.96 -46.42
C VAL F 167 -17.55 40.32 -47.30
N SER F 168 -17.30 39.04 -47.05
CA SER F 168 -16.33 38.29 -47.83
C SER F 168 -17.08 37.02 -48.17
N VAL F 169 -17.13 36.68 -49.44
CA VAL F 169 -17.82 35.49 -49.89
C VAL F 169 -16.97 34.62 -50.79
N TYR F 170 -16.95 33.33 -50.51
CA TYR F 170 -16.18 32.40 -51.33
C TYR F 170 -17.25 31.70 -52.16
N ILE F 171 -17.14 31.77 -53.48
CA ILE F 171 -18.12 31.13 -54.34
C ILE F 171 -17.51 29.89 -54.97
N ALA F 172 -18.11 28.75 -54.68
CA ALA F 172 -17.64 27.48 -55.21
C ALA F 172 -18.18 27.26 -56.61
N PRO F 173 -17.38 26.59 -57.47
CA PRO F 173 -17.80 26.35 -58.85
C PRO F 173 -18.82 25.23 -58.96
N LYS F 174 -19.94 25.37 -58.25
CA LYS F 174 -20.97 24.32 -58.32
C LYS F 174 -22.38 24.86 -58.11
N ILE F 175 -23.37 24.06 -58.50
CA ILE F 175 -24.78 24.42 -58.36
C ILE F 175 -25.56 23.33 -57.66
N PHE F 176 -26.26 23.69 -56.58
CA PHE F 176 -27.06 22.76 -55.78
C PHE F 176 -28.53 22.72 -56.15
N GLY F 177 -29.10 23.90 -56.35
CA GLY F 177 -30.52 24.00 -56.69
C GLY F 177 -31.34 23.78 -55.43
N GLY F 178 -32.66 23.77 -55.56
CA GLY F 178 -33.51 23.57 -54.41
C GLY F 178 -34.09 24.80 -53.75
N LYS F 179 -35.39 25.00 -53.91
CA LYS F 179 -36.01 26.16 -53.32
C LYS F 179 -36.03 26.08 -51.79
N GLU F 180 -35.76 24.90 -51.24
CA GLU F 180 -35.75 24.72 -49.80
C GLU F 180 -34.32 24.73 -49.23
N ALA F 181 -33.33 24.76 -50.11
CA ALA F 181 -31.95 24.76 -49.67
C ALA F 181 -31.64 26.11 -48.99
N PRO F 182 -30.80 26.09 -47.96
CA PRO F 182 -30.42 27.32 -47.23
C PRO F 182 -29.57 28.22 -48.14
N THR F 183 -29.79 29.54 -48.06
CA THR F 183 -29.03 30.46 -48.89
C THR F 183 -28.22 31.36 -47.96
N TYR F 184 -27.31 32.13 -48.54
CA TYR F 184 -26.47 33.04 -47.77
C TYR F 184 -27.35 33.87 -46.83
N VAL F 185 -28.47 34.37 -47.33
CA VAL F 185 -29.37 35.16 -46.49
C VAL F 185 -30.82 34.73 -46.71
N ASP F 186 -31.46 34.23 -45.66
CA ASP F 186 -32.85 33.78 -45.74
C ASP F 186 -33.74 34.69 -44.91
N GLY F 187 -34.45 34.13 -43.94
CA GLY F 187 -35.32 34.97 -43.13
C GLY F 187 -36.46 35.56 -43.96
N GLU F 188 -37.00 36.67 -43.47
CA GLU F 188 -38.11 37.37 -44.12
C GLU F 188 -37.76 37.95 -45.48
N GLY F 189 -36.66 38.71 -45.55
CA GLY F 189 -36.25 39.30 -46.81
C GLY F 189 -36.79 40.72 -47.00
N PHE F 190 -36.05 41.55 -47.72
CA PHE F 190 -36.48 42.92 -47.99
C PHE F 190 -37.53 42.90 -49.10
N LYS F 191 -38.55 43.75 -48.96
CA LYS F 191 -39.62 43.82 -49.96
C LYS F 191 -39.26 44.52 -51.25
N THR F 192 -38.40 45.54 -51.17
CA THR F 192 -38.02 46.28 -52.36
C THR F 192 -36.52 46.52 -52.44
N VAL F 193 -36.04 46.83 -53.64
CA VAL F 193 -34.63 47.09 -53.82
C VAL F 193 -34.22 48.33 -53.05
N ASP F 194 -35.15 49.26 -52.89
CA ASP F 194 -34.88 50.50 -52.17
C ASP F 194 -34.46 50.27 -50.71
N GLU F 195 -35.07 49.29 -50.06
CA GLU F 195 -34.72 49.02 -48.67
C GLU F 195 -33.72 47.89 -48.46
N CYS F 196 -33.22 47.31 -49.55
CA CYS F 196 -32.26 46.22 -49.42
C CYS F 196 -30.88 46.73 -49.04
N VAL F 197 -30.00 45.81 -48.65
CA VAL F 197 -28.64 46.14 -48.25
C VAL F 197 -27.78 46.46 -49.47
N LYS F 198 -27.05 47.57 -49.41
CA LYS F 198 -26.18 48.00 -50.50
C LYS F 198 -24.74 47.72 -50.18
N LEU F 199 -24.00 47.28 -51.19
CA LEU F 199 -22.60 46.96 -50.99
C LEU F 199 -21.71 47.58 -52.05
N GLU F 200 -20.40 47.50 -51.82
CA GLU F 200 -19.41 48.02 -52.75
C GLU F 200 -18.34 46.96 -52.95
N LEU F 201 -18.21 46.48 -54.18
CA LEU F 201 -17.22 45.45 -54.50
C LEU F 201 -15.84 46.07 -54.34
N LYS F 202 -15.16 45.71 -53.27
CA LYS F 202 -13.83 46.25 -53.01
C LYS F 202 -12.70 45.43 -53.60
N ASN F 203 -12.83 44.11 -53.56
CA ASN F 203 -11.77 43.26 -54.10
C ASN F 203 -12.28 41.87 -54.44
N PHE F 204 -11.51 41.15 -55.26
CA PHE F 204 -11.88 39.79 -55.66
C PHE F 204 -10.68 39.10 -56.29
N TYR F 205 -10.65 37.78 -56.19
CA TYR F 205 -9.56 37.01 -56.76
C TYR F 205 -9.87 35.54 -56.68
N ARG F 206 -9.34 34.75 -57.60
CA ARG F 206 -9.64 33.34 -57.51
C ARG F 206 -8.85 32.70 -56.38
N LEU F 207 -9.43 31.66 -55.81
CA LEU F 207 -8.84 30.92 -54.71
C LEU F 207 -9.23 29.50 -54.98
N GLY F 208 -8.24 28.64 -55.21
CA GLY F 208 -8.55 27.26 -55.50
C GLY F 208 -9.34 27.26 -56.79
N GLU F 209 -10.34 26.41 -56.87
CA GLU F 209 -11.18 26.32 -58.07
C GLU F 209 -12.30 27.38 -58.07
N GLY F 210 -12.41 28.13 -56.97
CA GLY F 210 -13.44 29.14 -56.90
C GLY F 210 -12.96 30.57 -56.93
N ILE F 211 -13.74 31.47 -56.33
CA ILE F 211 -13.37 32.88 -56.30
C ILE F 211 -13.87 33.55 -55.03
N VAL F 212 -13.11 34.53 -54.56
CA VAL F 212 -13.48 35.26 -53.34
C VAL F 212 -13.87 36.68 -53.71
N LEU F 213 -14.96 37.16 -53.11
CA LEU F 213 -15.45 38.51 -53.37
C LEU F 213 -15.48 39.23 -52.03
N GLU F 214 -14.93 40.45 -51.99
CA GLU F 214 -14.90 41.23 -50.76
C GLU F 214 -15.67 42.53 -50.97
N PHE F 215 -16.64 42.78 -50.10
CA PHE F 215 -17.45 43.97 -50.18
C PHE F 215 -17.46 44.74 -48.87
N LYS F 216 -17.83 46.00 -48.97
CA LYS F 216 -17.91 46.86 -47.82
C LYS F 216 -19.40 47.17 -47.81
N VAL F 217 -20.02 47.19 -46.65
CA VAL F 217 -21.44 47.48 -46.61
C VAL F 217 -21.63 48.99 -46.55
N LYS F 218 -22.46 49.52 -47.43
CA LYS F 218 -22.72 50.95 -47.45
C LYS F 218 -23.87 51.24 -46.49
N LYS F 219 -23.51 51.69 -45.30
CA LYS F 219 -24.51 52.01 -44.27
C LYS F 219 -25.28 53.28 -44.66
#